data_6PP8
#
_entry.id   6PP8
#
_cell.length_a   1.00
_cell.length_b   1.00
_cell.length_c   1.00
_cell.angle_alpha   90.00
_cell.angle_beta   90.00
_cell.angle_gamma   90.00
#
_symmetry.space_group_name_H-M   'P 1'
#
loop_
_entity.id
_entity.type
_entity.pdbx_description
1 polymer 'ATP-dependent Clp protease ATP-binding subunit ClpX'
2 polymer 'substrate peptide'
3 non-polymer 'PHOSPHOTHIOPHOSPHORIC ACID-ADENYLATE ESTER'
4 non-polymer "ADENOSINE-5'-DIPHOSPHATE"
#
loop_
_entity_poly.entity_id
_entity_poly.type
_entity_poly.pdbx_seq_one_letter_code
_entity_poly.pdbx_strand_id
1 'polypeptide(L)'
;SALPTPHEIRNHLDDYVIGQEQAKKVLAVAVYNHYKRLRNGDTSNGVELGKSNILLIGPTGSGKTLLAETLARLLDVPFT
MADATTLTEAGYVGEDVENIIQKLLQKSDYDVQKAQRGIVYIDQIDKISRKSDNPSITRDVSGEGVQQALLKLIEGTVAA
VPPQGGRKHPQQEFLQVDTSKILFICGGAFAGLDKVISHRVETGSGIGFGATVKAKSDKASEGELLAQVEPEDLIKFGLI
PEFIGRLPVVATLNELSEEALIQILKEPKNALTKQYQALFNLEGVDLEFRDEALDAIAKKAMARKTGARGLRSIVEAALL
DTMYDLPSMEDVEKVVIDESVIDGQSEPLLIYGKPEAQQASGEGGGTSG
;
A,B,C,D,E,F
2 'polypeptide(L)' (UNK)(UNK)(UNK)(UNK)R(UNK)(UNK)(UNK) S
#
loop_
_chem_comp.id
_chem_comp.type
_chem_comp.name
_chem_comp.formula
ADP non-polymer ADENOSINE-5'-DIPHOSPHATE 'C10 H15 N5 O10 P2'
AGS non-polymer 'PHOSPHOTHIOPHOSPHORIC ACID-ADENYLATE ESTER' 'C10 H16 N5 O12 P3 S'
#
# COMPACT_ATOMS: atom_id res chain seq x y z
N PRO A 4 -10.58 -41.86 31.60
CA PRO A 4 -10.60 -41.58 30.16
C PRO A 4 -10.78 -42.85 29.33
N THR A 5 -11.90 -42.92 28.61
CA THR A 5 -12.23 -44.06 27.75
C THR A 5 -12.64 -43.54 26.37
N PRO A 6 -12.00 -43.99 25.28
CA PRO A 6 -12.43 -43.50 23.97
C PRO A 6 -13.86 -43.88 23.63
N HIS A 7 -14.35 -45.00 24.15
CA HIS A 7 -15.72 -45.42 23.87
C HIS A 7 -16.75 -44.56 24.60
N GLU A 8 -16.40 -44.04 25.79
CA GLU A 8 -17.34 -43.24 26.56
C GLU A 8 -17.30 -41.77 26.17
N ILE A 9 -16.11 -41.23 25.86
CA ILE A 9 -16.03 -39.84 25.44
C ILE A 9 -16.78 -39.64 24.15
N ARG A 10 -16.79 -40.65 23.27
CA ARG A 10 -17.50 -40.55 22.01
C ARG A 10 -19.01 -40.64 22.22
N ASN A 11 -19.44 -41.39 23.25
CA ASN A 11 -20.87 -41.52 23.53
C ASN A 11 -21.45 -40.20 24.03
N HIS A 12 -20.69 -39.47 24.85
CA HIS A 12 -21.20 -38.20 25.36
C HIS A 12 -21.21 -37.13 24.28
N LEU A 13 -20.16 -37.08 23.45
CA LEU A 13 -20.12 -36.09 22.38
C LEU A 13 -21.22 -36.34 21.36
N ASP A 14 -21.66 -37.59 21.22
CA ASP A 14 -22.76 -37.91 20.30
C ASP A 14 -24.05 -37.22 20.72
N ASP A 15 -24.21 -36.95 22.01
CA ASP A 15 -25.43 -36.31 22.50
C ASP A 15 -25.52 -34.87 22.04
N TYR A 16 -24.39 -34.15 22.01
CA TYR A 16 -24.36 -32.75 21.65
C TYR A 16 -23.91 -32.48 20.22
N VAL A 17 -23.24 -33.43 19.55
CA VAL A 17 -22.77 -33.24 18.20
C VAL A 17 -23.24 -34.41 17.34
N ILE A 18 -23.63 -34.10 16.10
CA ILE A 18 -24.13 -35.09 15.15
C ILE A 18 -23.56 -34.77 13.77
N GLY A 19 -23.31 -35.82 12.99
CA GLY A 19 -22.85 -35.68 11.62
C GLY A 19 -21.36 -35.82 11.41
N GLN A 20 -20.56 -35.95 12.47
CA GLN A 20 -19.10 -36.10 12.35
C GLN A 20 -18.68 -37.31 13.18
N GLU A 21 -18.70 -38.48 12.56
CA GLU A 21 -18.32 -39.71 13.23
C GLU A 21 -16.81 -39.94 13.19
N GLN A 22 -16.19 -39.67 12.03
CA GLN A 22 -14.75 -39.86 11.89
C GLN A 22 -13.97 -38.91 12.78
N ALA A 23 -14.41 -37.64 12.86
CA ALA A 23 -13.70 -36.65 13.65
C ALA A 23 -13.70 -37.00 15.13
N LYS A 24 -14.79 -37.58 15.63
CA LYS A 24 -14.85 -37.93 17.04
C LYS A 24 -13.82 -39.01 17.38
N LYS A 25 -13.58 -39.93 16.44
CA LYS A 25 -12.59 -40.98 16.67
C LYS A 25 -11.19 -40.38 16.74
N VAL A 26 -10.92 -39.38 15.91
CA VAL A 26 -9.61 -38.74 15.89
C VAL A 26 -9.34 -38.01 17.20
N LEU A 27 -10.34 -37.29 17.71
CA LEU A 27 -10.14 -36.53 18.94
C LEU A 27 -9.92 -37.45 20.13
N ALA A 28 -10.62 -38.58 20.18
CA ALA A 28 -10.45 -39.50 21.30
C ALA A 28 -9.05 -40.09 21.33
N VAL A 29 -8.46 -40.33 20.16
CA VAL A 29 -7.11 -40.89 20.11
C VAL A 29 -6.08 -39.84 20.49
N ALA A 30 -6.17 -38.65 19.89
CA ALA A 30 -5.21 -37.59 20.18
C ALA A 30 -5.31 -37.13 21.63
N VAL A 31 -6.53 -36.99 22.14
CA VAL A 31 -6.70 -36.54 23.52
C VAL A 31 -6.15 -37.59 24.49
N TYR A 32 -6.42 -38.86 24.22
CA TYR A 32 -5.92 -39.91 25.10
C TYR A 32 -4.40 -40.01 25.03
N ASN A 33 -3.83 -39.81 23.84
CA ASN A 33 -2.38 -39.87 23.70
C ASN A 33 -1.71 -38.69 24.39
N HIS A 34 -2.40 -37.56 24.50
CA HIS A 34 -1.84 -36.39 25.17
C HIS A 34 -1.60 -36.67 26.64
N TYR A 35 -2.63 -37.18 27.33
CA TYR A 35 -2.51 -37.46 28.76
C TYR A 35 -1.73 -38.73 29.02
N LYS A 36 -1.75 -39.68 28.08
CA LYS A 36 -1.00 -40.92 28.25
C LYS A 36 0.50 -40.65 28.39
N ARG A 37 0.99 -39.57 27.79
CA ARG A 37 2.40 -39.22 27.87
C ARG A 37 2.72 -38.46 29.16
N LEU A 38 1.84 -37.54 29.56
CA LEU A 38 2.11 -36.73 30.75
C LEU A 38 2.21 -37.56 32.02
N ARG A 39 1.28 -38.49 32.24
CA ARG A 39 1.24 -39.23 33.51
C ARG A 39 2.43 -40.18 33.66
N ASN A 40 2.69 -41.01 32.64
CA ASN A 40 3.75 -42.02 32.72
C ASN A 40 4.69 -42.04 31.52
N GLY A 41 4.61 -41.04 30.63
CA GLY A 41 5.44 -41.02 29.44
C GLY A 41 6.78 -40.34 29.66
N ASP A 42 7.53 -40.23 28.57
CA ASP A 42 8.89 -39.69 28.55
C ASP A 42 9.82 -40.52 29.43
N THR A 43 9.54 -41.83 29.50
CA THR A 43 10.33 -42.84 30.17
C THR A 43 10.46 -44.03 29.23
N SER A 44 10.76 -43.72 27.97
CA SER A 44 10.83 -44.68 26.88
C SER A 44 12.25 -44.87 26.37
N ASN A 45 12.47 -46.04 25.78
CA ASN A 45 13.76 -46.36 25.19
C ASN A 45 14.09 -45.40 24.05
N GLY A 46 13.09 -45.06 23.24
CA GLY A 46 13.31 -44.15 22.12
C GLY A 46 12.99 -42.72 22.50
N VAL A 47 13.90 -41.82 22.13
CA VAL A 47 13.84 -40.39 22.43
C VAL A 47 13.01 -39.63 21.38
N GLU A 48 12.63 -38.40 21.73
CA GLU A 48 11.88 -37.50 20.87
C GLU A 48 10.50 -38.07 20.48
N LEU A 49 9.72 -38.43 21.49
CA LEU A 49 8.36 -38.86 21.23
C LEU A 49 7.61 -37.65 20.69
N GLY A 50 6.96 -37.82 19.53
CA GLY A 50 6.27 -36.68 18.93
C GLY A 50 5.11 -36.21 19.78
N LYS A 51 5.02 -34.88 19.92
CA LYS A 51 3.92 -34.27 20.66
C LYS A 51 2.62 -34.42 19.88
N SER A 52 1.60 -35.00 20.52
CA SER A 52 0.32 -35.18 19.86
C SER A 52 -0.50 -33.90 19.98
N ASN A 53 -0.86 -33.33 18.83
CA ASN A 53 -1.67 -32.11 18.74
C ASN A 53 -2.89 -32.39 17.89
N ILE A 54 -3.72 -31.36 17.71
CA ILE A 54 -4.94 -31.46 16.91
C ILE A 54 -5.06 -30.20 16.06
N LEU A 55 -5.50 -30.38 14.81
CA LEU A 55 -5.71 -29.29 13.85
C LEU A 55 -7.07 -29.49 13.21
N LEU A 56 -8.09 -28.77 13.70
CA LEU A 56 -9.42 -28.91 13.16
C LEU A 56 -9.59 -28.05 11.91
N ILE A 57 -10.37 -28.56 10.96
CA ILE A 57 -10.67 -27.83 9.72
C ILE A 57 -12.07 -28.21 9.27
N GLY A 58 -12.94 -27.21 9.10
CA GLY A 58 -14.29 -27.46 8.65
C GLY A 58 -14.98 -26.20 8.19
N PRO A 59 -16.14 -26.34 7.54
CA PRO A 59 -16.87 -25.16 7.08
C PRO A 59 -17.57 -24.45 8.23
N THR A 60 -18.30 -23.40 7.87
CA THR A 60 -19.05 -22.62 8.85
C THR A 60 -20.21 -23.45 9.41
N GLY A 61 -20.54 -23.20 10.68
CA GLY A 61 -21.61 -23.94 11.30
C GLY A 61 -21.36 -25.43 11.44
N SER A 62 -20.10 -25.85 11.35
CA SER A 62 -19.75 -27.25 11.46
C SER A 62 -19.65 -27.75 12.90
N GLY A 63 -19.98 -26.91 13.88
CA GLY A 63 -19.95 -27.33 15.28
C GLY A 63 -18.58 -27.38 15.91
N LYS A 64 -17.60 -26.64 15.38
CA LYS A 64 -16.26 -26.65 16.00
C LYS A 64 -16.33 -26.13 17.43
N THR A 65 -17.03 -25.01 17.63
CA THR A 65 -17.17 -24.43 18.97
C THR A 65 -17.88 -25.40 19.90
N LEU A 66 -18.87 -26.14 19.38
CA LEU A 66 -19.62 -27.08 20.22
C LEU A 66 -18.75 -28.25 20.64
N LEU A 67 -17.92 -28.76 19.73
CA LEU A 67 -17.04 -29.88 20.08
C LEU A 67 -16.09 -29.48 21.20
N ALA A 68 -15.49 -28.29 21.08
CA ALA A 68 -14.60 -27.80 22.11
C ALA A 68 -15.34 -27.62 23.44
N GLU A 69 -16.53 -27.03 23.37
CA GLU A 69 -17.32 -26.79 24.58
C GLU A 69 -17.72 -28.10 25.25
N THR A 70 -18.18 -29.07 24.46
CA THR A 70 -18.60 -30.36 25.02
C THR A 70 -17.43 -31.07 25.68
N LEU A 71 -16.21 -30.85 25.17
CA LEU A 71 -15.03 -31.49 25.77
C LEU A 71 -14.71 -30.87 27.12
N ALA A 72 -14.80 -29.55 27.22
CA ALA A 72 -14.50 -28.87 28.47
C ALA A 72 -15.42 -29.32 29.60
N ARG A 73 -16.73 -29.41 29.32
CA ARG A 73 -17.69 -29.84 30.34
C ARG A 73 -17.40 -31.27 30.78
N LEU A 74 -17.23 -32.17 29.80
CA LEU A 74 -16.91 -33.57 30.11
C LEU A 74 -15.60 -33.66 30.88
N LEU A 75 -14.52 -33.19 30.26
CA LEU A 75 -13.18 -33.20 30.85
C LEU A 75 -13.17 -32.60 32.25
N ASP A 76 -12.24 -33.07 33.07
CA ASP A 76 -12.09 -32.61 34.45
C ASP A 76 -11.18 -31.39 34.58
N VAL A 77 -10.08 -31.35 33.84
CA VAL A 77 -9.14 -30.23 33.91
C VAL A 77 -9.80 -29.01 33.27
N PRO A 78 -9.20 -27.82 33.28
CA PRO A 78 -9.87 -26.65 32.71
C PRO A 78 -9.66 -26.56 31.21
N PHE A 79 -10.40 -25.62 30.61
CA PHE A 79 -10.39 -25.39 29.18
C PHE A 79 -10.54 -23.90 28.90
N THR A 80 -9.96 -23.46 27.78
CA THR A 80 -9.96 -22.07 27.38
C THR A 80 -10.39 -21.93 25.93
N MET A 81 -10.96 -20.76 25.63
CA MET A 81 -11.45 -20.39 24.31
C MET A 81 -10.82 -19.02 24.05
N ALA A 82 -9.69 -19.04 23.34
CA ALA A 82 -8.87 -17.87 23.07
C ALA A 82 -8.66 -17.68 21.57
N ASP A 83 -9.45 -16.79 20.98
CA ASP A 83 -9.34 -16.51 19.57
C ASP A 83 -8.21 -15.53 19.30
N ALA A 84 -7.76 -15.51 18.04
CA ALA A 84 -6.68 -14.64 17.59
C ALA A 84 -7.20 -13.44 16.79
N THR A 85 -8.48 -13.11 16.91
CA THR A 85 -9.02 -11.98 16.16
C THR A 85 -8.40 -10.66 16.61
N THR A 86 -8.17 -10.51 17.91
CA THR A 86 -7.62 -9.29 18.51
C THR A 86 -6.23 -9.50 19.11
N LEU A 87 -5.52 -10.55 18.72
CA LEU A 87 -4.21 -10.83 19.32
C LEU A 87 -3.13 -10.00 18.65
N THR A 88 -2.80 -8.87 19.28
CA THR A 88 -1.76 -7.97 18.81
C THR A 88 -0.44 -8.32 19.48
N GLU A 89 0.61 -8.53 18.68
CA GLU A 89 1.90 -8.88 19.25
C GLU A 89 2.65 -7.66 19.79
N ALA A 90 3.74 -7.96 20.48
CA ALA A 90 4.64 -6.99 21.08
C ALA A 90 3.93 -6.06 22.06
N GLY A 91 3.01 -6.63 22.85
CA GLY A 91 2.31 -5.89 23.88
C GLY A 91 1.63 -4.61 23.45
N TYR A 92 0.90 -4.63 22.34
CA TYR A 92 0.25 -3.42 21.85
C TYR A 92 -1.08 -3.19 22.57
N VAL A 93 -1.74 -2.09 22.20
CA VAL A 93 -2.98 -1.65 22.83
C VAL A 93 -4.09 -2.68 22.80
N GLY A 94 -4.20 -3.47 21.72
CA GLY A 94 -5.31 -4.40 21.64
C GLY A 94 -5.27 -5.50 22.68
N GLU A 95 -4.21 -6.32 22.64
CA GLU A 95 -4.05 -7.46 23.53
C GLU A 95 -2.66 -8.04 23.31
N ASP A 96 -2.28 -9.07 24.05
CA ASP A 96 -0.99 -9.74 23.86
C ASP A 96 -1.22 -11.23 24.09
N VAL A 97 -0.29 -12.05 23.58
CA VAL A 97 -0.44 -13.50 23.71
C VAL A 97 -0.28 -13.97 25.15
N GLU A 98 0.41 -13.21 26.00
CA GLU A 98 0.64 -13.63 27.38
C GLU A 98 -0.66 -13.76 28.17
N ASN A 99 -1.66 -12.92 27.87
CA ASN A 99 -2.93 -12.97 28.59
C ASN A 99 -3.57 -14.34 28.55
N ILE A 100 -3.40 -15.07 27.43
CA ILE A 100 -3.99 -16.41 27.30
C ILE A 100 -3.47 -17.31 28.41
N ILE A 101 -2.16 -17.29 28.65
CA ILE A 101 -1.58 -18.06 29.74
C ILE A 101 -2.24 -17.67 31.06
N GLN A 102 -2.48 -16.36 31.24
CA GLN A 102 -3.08 -15.85 32.46
C GLN A 102 -4.52 -16.36 32.62
N LYS A 103 -5.29 -16.33 31.53
CA LYS A 103 -6.68 -16.80 31.59
C LYS A 103 -6.75 -18.28 31.91
N LEU A 104 -5.74 -19.05 31.48
CA LEU A 104 -5.73 -20.48 31.77
C LEU A 104 -5.60 -20.71 33.27
N LEU A 105 -4.80 -19.90 33.96
CA LEU A 105 -4.64 -20.05 35.39
C LEU A 105 -5.92 -19.69 36.13
N GLN A 106 -6.67 -18.70 35.64
CA GLN A 106 -7.92 -18.32 36.28
C GLN A 106 -8.89 -19.49 36.28
N LYS A 107 -8.89 -20.28 35.20
CA LYS A 107 -9.76 -21.45 35.13
C LYS A 107 -9.25 -22.56 36.05
N SER A 108 -7.93 -22.66 36.22
CA SER A 108 -7.31 -23.66 37.08
C SER A 108 -7.08 -23.15 38.50
N ASP A 109 -7.39 -21.88 38.77
CA ASP A 109 -7.22 -21.27 40.09
C ASP A 109 -5.76 -21.35 40.56
N TYR A 110 -4.89 -20.73 39.76
CA TYR A 110 -3.44 -20.65 40.01
C TYR A 110 -2.86 -21.98 40.48
N ASP A 111 -3.12 -23.03 39.71
CA ASP A 111 -2.63 -24.37 39.99
C ASP A 111 -1.69 -24.75 38.86
N VAL A 112 -0.38 -24.61 39.10
CA VAL A 112 0.60 -24.93 38.08
C VAL A 112 0.58 -26.42 37.77
N GLN A 113 0.46 -27.26 38.79
CA GLN A 113 0.41 -28.70 38.55
C GLN A 113 -0.82 -29.08 37.75
N LYS A 114 -1.94 -28.38 37.97
CA LYS A 114 -3.18 -28.64 37.25
C LYS A 114 -3.30 -27.85 35.95
N ALA A 115 -2.60 -26.72 35.83
CA ALA A 115 -2.68 -25.91 34.62
C ALA A 115 -1.85 -26.49 33.47
N GLN A 116 -0.71 -27.11 33.78
CA GLN A 116 0.12 -27.67 32.72
C GLN A 116 -0.58 -28.81 31.99
N ARG A 117 -1.54 -29.47 32.63
CA ARG A 117 -2.30 -30.55 32.02
C ARG A 117 -3.58 -30.04 31.35
N GLY A 118 -3.66 -28.73 31.07
CA GLY A 118 -4.83 -28.15 30.46
C GLY A 118 -4.84 -28.26 28.95
N ILE A 119 -5.97 -27.88 28.36
CA ILE A 119 -6.20 -27.91 26.92
C ILE A 119 -6.37 -26.48 26.44
N VAL A 120 -5.95 -26.24 25.19
CA VAL A 120 -6.04 -24.92 24.56
C VAL A 120 -6.72 -25.08 23.21
N TYR A 121 -7.62 -24.13 22.90
CA TYR A 121 -8.35 -24.10 21.65
C TYR A 121 -8.38 -22.68 21.13
N ILE A 122 -8.22 -22.52 19.81
CA ILE A 122 -8.21 -21.21 19.18
C ILE A 122 -9.15 -21.28 17.98
N ASP A 123 -9.91 -20.20 17.77
CA ASP A 123 -10.85 -20.08 16.67
C ASP A 123 -10.43 -18.93 15.76
N GLN A 124 -10.81 -19.03 14.48
CA GLN A 124 -10.51 -18.01 13.48
C GLN A 124 -9.01 -17.86 13.28
N ILE A 125 -8.33 -18.98 13.03
CA ILE A 125 -6.88 -18.95 12.80
C ILE A 125 -6.53 -18.55 11.37
N ASP A 126 -7.51 -18.50 10.47
CA ASP A 126 -7.24 -18.06 9.11
C ASP A 126 -6.88 -16.59 9.05
N LYS A 127 -7.46 -15.78 9.95
CA LYS A 127 -7.24 -14.34 9.97
C LYS A 127 -5.80 -13.92 10.22
N ILE A 128 -4.96 -14.80 10.77
CA ILE A 128 -3.56 -14.46 11.04
C ILE A 128 -2.65 -14.76 9.84
N SER A 129 -3.22 -15.22 8.73
CA SER A 129 -2.44 -15.54 7.52
C SER A 129 -1.59 -14.36 7.09
N ARG A 130 -0.37 -14.65 6.66
CA ARG A 130 0.57 -13.62 6.25
C ARG A 130 0.14 -13.00 4.93
N LYS A 131 0.28 -11.67 4.86
CA LYS A 131 -0.09 -10.91 3.68
C LYS A 131 1.14 -10.35 2.98
N THR A 138 2.42 1.23 6.92
CA THR A 138 3.08 1.63 8.14
C THR A 138 3.59 0.41 8.92
N ARG A 139 2.70 -0.54 9.17
CA ARG A 139 3.07 -1.75 9.91
C ARG A 139 1.89 -2.71 9.95
N ASP A 140 2.21 -3.97 10.24
CA ASP A 140 1.26 -5.06 10.35
C ASP A 140 1.34 -5.58 11.78
N VAL A 141 0.21 -5.59 12.47
CA VAL A 141 0.15 -5.99 13.87
C VAL A 141 -0.49 -7.36 14.06
N SER A 142 -1.59 -7.63 13.35
CA SER A 142 -2.31 -8.88 13.45
C SER A 142 -2.00 -9.84 12.29
N GLY A 143 -0.87 -9.64 11.62
CA GLY A 143 -0.50 -10.47 10.49
C GLY A 143 0.40 -11.63 10.86
N GLU A 144 1.53 -11.75 10.17
CA GLU A 144 2.46 -12.84 10.42
C GLU A 144 3.11 -12.78 11.81
N GLY A 145 3.06 -11.61 12.46
CA GLY A 145 3.66 -11.49 13.78
C GLY A 145 3.07 -12.46 14.79
N VAL A 146 1.77 -12.73 14.68
CA VAL A 146 1.13 -13.61 15.66
C VAL A 146 1.67 -15.03 15.54
N GLN A 147 2.05 -15.47 14.34
CA GLN A 147 2.61 -16.80 14.18
C GLN A 147 3.89 -16.96 14.99
N GLN A 148 4.74 -15.93 15.00
CA GLN A 148 6.00 -16.00 15.71
C GLN A 148 5.81 -16.20 17.21
N ALA A 149 4.89 -15.45 17.81
CA ALA A 149 4.66 -15.61 19.25
C ALA A 149 4.05 -16.98 19.56
N LEU A 150 3.07 -17.40 18.76
CA LEU A 150 2.44 -18.68 18.96
C LEU A 150 3.42 -19.83 18.74
N LEU A 151 4.32 -19.67 17.77
CA LEU A 151 5.28 -20.74 17.45
C LEU A 151 6.09 -21.15 18.67
N LYS A 152 6.55 -20.19 19.46
CA LYS A 152 7.29 -20.53 20.67
C LYS A 152 6.43 -21.32 21.64
N LEU A 153 5.15 -20.96 21.72
CA LEU A 153 4.22 -21.63 22.62
C LEU A 153 4.02 -23.09 22.27
N ILE A 154 4.13 -23.45 20.98
CA ILE A 154 3.87 -24.83 20.57
C ILE A 154 5.13 -25.68 20.63
N GLU A 155 6.19 -25.26 19.91
CA GLU A 155 7.48 -25.97 19.94
C GLU A 155 7.88 -26.38 21.35
N GLY A 156 7.77 -25.44 22.29
CA GLY A 156 8.03 -25.67 23.69
C GLY A 156 8.93 -24.61 24.28
N THR A 157 8.48 -23.98 25.36
CA THR A 157 9.26 -22.94 26.02
C THR A 157 8.57 -22.57 27.31
N VAL A 158 9.36 -22.14 28.29
CA VAL A 158 8.84 -21.68 29.57
C VAL A 158 8.73 -20.16 29.48
N ALA A 159 7.58 -19.64 29.91
CA ALA A 159 7.31 -18.20 29.87
C ALA A 159 7.23 -17.64 31.28
N ALA A 160 7.14 -16.32 31.35
CA ALA A 160 7.05 -15.58 32.61
C ALA A 160 5.71 -14.87 32.69
N VAL A 161 4.88 -15.26 33.65
CA VAL A 161 3.58 -14.65 33.90
C VAL A 161 3.59 -14.11 35.32
N PRO A 162 3.22 -12.85 35.57
CA PRO A 162 3.23 -12.35 36.94
C PRO A 162 2.04 -12.90 37.72
N PRO A 163 2.24 -13.62 38.83
CA PRO A 163 1.08 -14.12 39.56
C PRO A 163 0.34 -12.96 40.22
N GLN A 164 -0.97 -12.90 39.97
CA GLN A 164 -1.90 -11.88 40.47
C GLN A 164 -1.68 -10.54 39.76
N GLY A 165 -0.91 -10.52 38.66
CA GLY A 165 -0.65 -9.32 37.89
C GLY A 165 0.52 -8.49 38.36
N GLY A 166 1.15 -8.83 39.49
CA GLY A 166 2.29 -8.10 40.00
C GLY A 166 1.87 -7.11 41.07
N ARG A 167 2.36 -7.28 42.30
CA ARG A 167 1.98 -6.35 43.36
C ARG A 167 2.61 -4.97 43.12
N GLN A 171 9.25 -6.07 43.27
CA GLN A 171 9.14 -7.51 43.45
C GLN A 171 9.43 -8.24 42.14
N GLN A 172 8.72 -7.87 41.07
CA GLN A 172 8.92 -8.38 39.71
C GLN A 172 9.13 -9.90 39.65
N GLU A 173 8.18 -10.63 40.24
CA GLU A 173 8.21 -12.09 40.26
C GLU A 173 7.27 -12.67 39.21
N PHE A 174 7.73 -13.72 38.54
CA PHE A 174 6.98 -14.40 37.50
C PHE A 174 6.99 -15.90 37.77
N LEU A 175 6.04 -16.58 37.13
CA LEU A 175 5.87 -18.02 37.28
C LEU A 175 6.37 -18.69 35.99
N GLN A 176 7.30 -19.64 36.14
CA GLN A 176 7.90 -20.32 35.01
C GLN A 176 7.14 -21.63 34.74
N VAL A 177 5.91 -21.46 34.28
CA VAL A 177 5.04 -22.58 33.96
C VAL A 177 5.42 -23.15 32.60
N ASP A 178 5.63 -24.46 32.56
CA ASP A 178 5.97 -25.13 31.31
C ASP A 178 4.82 -24.98 30.31
N THR A 179 5.13 -25.21 29.03
CA THR A 179 4.14 -25.13 27.97
C THR A 179 4.15 -26.34 27.04
N SER A 180 5.24 -27.11 26.98
CA SER A 180 5.29 -28.28 26.11
C SER A 180 4.29 -29.35 26.53
N LYS A 181 3.85 -29.34 27.79
CA LYS A 181 2.90 -30.33 28.28
C LYS A 181 1.46 -29.94 27.99
N ILE A 182 1.19 -28.67 27.70
CA ILE A 182 -0.17 -28.22 27.42
C ILE A 182 -0.52 -28.50 25.97
N LEU A 183 -1.75 -28.96 25.75
CA LEU A 183 -2.24 -29.28 24.42
C LEU A 183 -2.83 -28.04 23.77
N PHE A 184 -2.81 -28.02 22.44
CA PHE A 184 -3.35 -26.92 21.64
C PHE A 184 -4.18 -27.47 20.50
N ILE A 185 -5.31 -26.81 20.25
CA ILE A 185 -6.25 -27.21 19.19
C ILE A 185 -6.45 -25.99 18.30
N CYS A 186 -5.70 -25.91 17.21
CA CYS A 186 -5.82 -24.82 16.25
C CYS A 186 -6.91 -25.21 15.26
N GLY A 187 -7.99 -24.44 15.23
CA GLY A 187 -9.11 -24.74 14.35
C GLY A 187 -9.86 -23.52 13.87
N GLY A 188 -10.21 -23.49 12.60
CA GLY A 188 -10.93 -22.37 12.03
C GLY A 188 -11.28 -22.63 10.59
N ALA A 189 -12.40 -22.09 10.12
CA ALA A 189 -12.81 -22.31 8.74
C ALA A 189 -11.85 -21.59 7.80
N PHE A 190 -11.21 -22.37 6.93
CA PHE A 190 -10.27 -21.84 5.95
C PHE A 190 -11.02 -21.52 4.66
N ALA A 191 -11.11 -20.24 4.33
CA ALA A 191 -11.80 -19.81 3.13
C ALA A 191 -10.85 -19.86 1.95
N GLY A 192 -11.30 -20.43 0.84
CA GLY A 192 -10.47 -20.57 -0.34
C GLY A 192 -9.57 -21.77 -0.34
N LEU A 193 -9.58 -22.59 0.72
CA LEU A 193 -8.74 -23.79 0.81
C LEU A 193 -9.19 -24.92 -0.12
N ASP A 194 -10.21 -24.72 -0.94
CA ASP A 194 -10.70 -25.76 -1.85
C ASP A 194 -10.13 -25.61 -3.24
N LYS A 195 -9.91 -24.39 -3.71
CA LYS A 195 -9.34 -24.19 -5.04
C LYS A 195 -7.91 -24.70 -5.11
N VAL A 196 -7.14 -24.51 -4.03
CA VAL A 196 -5.76 -24.97 -4.00
C VAL A 196 -5.70 -26.49 -4.05
N ILE A 197 -6.58 -27.15 -3.27
CA ILE A 197 -6.60 -28.61 -3.27
C ILE A 197 -7.13 -29.12 -4.60
N SER A 198 -8.02 -28.36 -5.25
CA SER A 198 -8.59 -28.77 -6.52
C SER A 198 -7.52 -28.91 -7.60
N HIS A 199 -6.57 -27.98 -7.62
CA HIS A 199 -5.52 -28.01 -8.64
C HIS A 199 -4.70 -29.30 -8.59
N ARG A 200 -4.34 -29.73 -7.37
CA ARG A 200 -3.53 -30.93 -7.23
C ARG A 200 -4.31 -32.19 -7.56
N VAL A 201 -5.52 -32.33 -7.01
CA VAL A 201 -6.31 -33.55 -7.19
C VAL A 201 -6.86 -33.66 -8.62
N GLU A 202 -7.28 -32.54 -9.22
CA GLU A 202 -7.89 -32.60 -10.55
C GLU A 202 -6.92 -33.18 -11.58
N THR A 203 -5.68 -32.71 -11.60
CA THR A 203 -4.66 -33.19 -12.55
C THR A 203 -5.10 -33.10 -14.00
N GLY A 204 -5.87 -32.07 -14.34
CA GLY A 204 -6.35 -31.90 -15.70
C GLY A 204 -7.53 -32.80 -16.01
N SER A 205 -8.00 -32.69 -17.26
CA SER A 205 -9.11 -33.49 -17.75
C SER A 205 -8.86 -33.87 -19.20
N GLY A 206 -9.22 -35.10 -19.55
CA GLY A 206 -9.05 -35.58 -20.91
C GLY A 206 -10.07 -35.01 -21.86
N ILE A 207 -9.71 -35.05 -23.15
CA ILE A 207 -10.56 -34.52 -24.21
C ILE A 207 -11.08 -35.62 -25.15
N GLY A 208 -10.40 -36.75 -25.28
CA GLY A 208 -10.80 -37.77 -26.22
C GLY A 208 -11.98 -38.63 -25.77
N PHE A 209 -12.27 -39.62 -26.62
CA PHE A 209 -13.39 -40.53 -26.38
C PHE A 209 -13.20 -41.36 -25.11
N GLY A 210 -12.06 -42.04 -25.00
CA GLY A 210 -11.83 -42.92 -23.87
C GLY A 210 -11.68 -42.21 -22.55
N ALA A 211 -11.07 -41.02 -22.56
CA ALA A 211 -10.89 -40.27 -21.32
C ALA A 211 -12.23 -39.82 -20.76
N THR A 212 -12.34 -39.84 -19.44
CA THR A 212 -13.57 -39.44 -18.76
C THR A 212 -13.57 -37.94 -18.52
N VAL A 213 -14.74 -37.33 -18.64
CA VAL A 213 -14.94 -35.90 -18.47
C VAL A 213 -15.68 -35.65 -17.17
N LYS A 214 -15.14 -34.76 -16.35
CA LYS A 214 -15.77 -34.39 -15.09
C LYS A 214 -17.02 -33.56 -15.34
N ALA A 215 -17.98 -33.68 -14.44
CA ALA A 215 -19.23 -32.94 -14.52
C ALA A 215 -19.04 -31.62 -13.79
N LYS A 216 -20.14 -30.87 -13.58
CA LYS A 216 -20.05 -29.58 -12.90
C LYS A 216 -19.38 -29.71 -11.54
N SER A 217 -19.82 -30.68 -10.73
CA SER A 217 -19.20 -30.92 -9.43
C SER A 217 -19.44 -32.35 -9.02
N ASP A 218 -18.39 -33.17 -9.06
CA ASP A 218 -18.44 -34.57 -8.64
C ASP A 218 -17.57 -34.82 -7.43
N LYS A 219 -16.31 -34.39 -7.48
CA LYS A 219 -15.36 -34.52 -6.38
C LYS A 219 -14.84 -33.18 -5.90
N ALA A 220 -15.37 -32.07 -6.43
CA ALA A 220 -14.95 -30.73 -6.04
C ALA A 220 -15.72 -30.18 -4.86
N SER A 221 -16.62 -30.96 -4.27
CA SER A 221 -17.38 -30.51 -3.12
C SER A 221 -16.49 -30.45 -1.89
N GLU A 222 -16.94 -29.72 -0.88
CA GLU A 222 -16.16 -29.58 0.35
C GLU A 222 -15.94 -30.94 1.00
N GLY A 223 -16.96 -31.79 0.98
CA GLY A 223 -16.81 -33.11 1.54
C GLY A 223 -15.94 -33.98 0.64
N GLU A 224 -15.07 -34.77 1.27
CA GLU A 224 -14.13 -35.66 0.60
C GLU A 224 -13.01 -34.92 -0.11
N LEU A 225 -12.78 -33.66 0.23
CA LEU A 225 -11.73 -32.83 -0.34
C LEU A 225 -10.65 -32.46 0.67
N LEU A 226 -11.03 -32.32 1.94
CA LEU A 226 -10.10 -31.97 3.00
C LEU A 226 -9.37 -33.17 3.58
N ALA A 227 -9.95 -34.36 3.46
CA ALA A 227 -9.31 -35.57 3.98
C ALA A 227 -7.99 -35.83 3.27
N GLN A 228 -7.90 -35.53 1.98
CA GLN A 228 -6.69 -35.73 1.20
C GLN A 228 -5.76 -34.53 1.24
N VAL A 229 -5.98 -33.58 2.15
CA VAL A 229 -5.12 -32.41 2.26
C VAL A 229 -3.73 -32.84 2.70
N GLU A 230 -2.76 -31.96 2.46
CA GLU A 230 -1.36 -32.18 2.79
C GLU A 230 -0.80 -30.91 3.40
N PRO A 231 0.33 -31.01 4.12
CA PRO A 231 0.89 -29.79 4.75
C PRO A 231 1.35 -28.76 3.75
N GLU A 232 1.86 -29.18 2.59
CA GLU A 232 2.36 -28.22 1.61
C GLU A 232 1.25 -27.33 1.06
N ASP A 233 0.01 -27.82 1.05
CA ASP A 233 -1.08 -27.00 0.53
C ASP A 233 -1.34 -25.79 1.43
N LEU A 234 -1.22 -25.97 2.74
CA LEU A 234 -1.45 -24.87 3.67
C LEU A 234 -0.37 -23.80 3.59
N ILE A 235 0.82 -24.15 3.11
CA ILE A 235 1.89 -23.17 3.01
C ILE A 235 1.53 -22.08 2.00
N LYS A 236 0.89 -22.46 0.89
CA LYS A 236 0.49 -21.49 -0.11
C LYS A 236 -0.59 -20.55 0.40
N PHE A 237 -1.34 -20.97 1.43
CA PHE A 237 -2.38 -20.11 1.99
C PHE A 237 -1.78 -18.92 2.71
N GLY A 238 -0.64 -19.12 3.39
CA GLY A 238 -0.01 -18.06 4.14
C GLY A 238 0.60 -18.53 5.45
N LEU A 239 0.24 -19.71 5.92
CA LEU A 239 0.77 -20.20 7.18
C LEU A 239 2.25 -20.57 7.03
N ILE A 240 2.92 -20.64 8.17
CA ILE A 240 4.35 -20.95 8.24
C ILE A 240 4.52 -22.47 8.24
N PRO A 241 5.49 -23.05 7.52
CA PRO A 241 5.63 -24.51 7.56
C PRO A 241 6.00 -25.05 8.93
N GLU A 242 6.82 -24.30 9.69
CA GLU A 242 7.20 -24.75 11.02
C GLU A 242 6.00 -24.86 11.93
N PHE A 243 5.00 -23.98 11.75
CA PHE A 243 3.80 -24.04 12.57
C PHE A 243 2.99 -25.28 12.26
N ILE A 244 2.91 -25.64 10.99
CA ILE A 244 2.16 -26.84 10.60
C ILE A 244 2.95 -28.09 10.94
N GLY A 245 4.29 -28.02 10.95
CA GLY A 245 5.09 -29.17 11.27
C GLY A 245 4.84 -29.71 12.67
N ARG A 246 4.50 -28.82 13.60
CA ARG A 246 4.24 -29.22 14.98
C ARG A 246 2.86 -29.85 15.18
N LEU A 247 2.02 -29.91 14.13
CA LEU A 247 0.67 -30.49 14.22
C LEU A 247 0.51 -31.51 13.11
N PRO A 248 1.06 -32.72 13.27
CA PRO A 248 0.88 -33.73 12.22
C PRO A 248 -0.54 -34.25 12.11
N VAL A 249 -1.35 -34.10 13.15
CA VAL A 249 -2.74 -34.58 13.15
C VAL A 249 -3.63 -33.56 12.47
N VAL A 250 -4.67 -34.05 11.80
CA VAL A 250 -5.64 -33.23 11.10
C VAL A 250 -7.01 -33.88 11.27
N ALA A 251 -8.04 -33.04 11.37
CA ALA A 251 -9.42 -33.50 11.55
C ALA A 251 -10.30 -32.83 10.51
N THR A 252 -10.89 -33.65 9.64
CA THR A 252 -11.77 -33.18 8.57
C THR A 252 -13.22 -33.42 8.95
N LEU A 253 -14.02 -32.37 8.91
CA LEU A 253 -15.43 -32.41 9.29
C LEU A 253 -16.32 -32.21 8.06
N ASN A 254 -17.33 -33.07 7.93
CA ASN A 254 -18.27 -32.96 6.83
C ASN A 254 -19.14 -31.73 7.03
N GLU A 255 -19.64 -31.19 5.92
CA GLU A 255 -20.47 -29.98 5.98
C GLU A 255 -21.73 -30.22 6.81
N LEU A 256 -22.58 -31.15 6.38
CA LEU A 256 -23.84 -31.44 7.07
C LEU A 256 -24.46 -32.66 6.40
N SER A 257 -25.52 -33.16 7.03
CA SER A 257 -26.31 -34.28 6.55
C SER A 257 -27.78 -33.90 6.66
N GLU A 258 -28.59 -34.42 5.75
CA GLU A 258 -30.01 -34.12 5.77
C GLU A 258 -30.68 -34.67 7.02
N GLU A 259 -30.32 -35.89 7.42
CA GLU A 259 -30.92 -36.52 8.59
C GLU A 259 -30.55 -35.78 9.88
N ALA A 260 -29.34 -35.25 9.97
CA ALA A 260 -28.92 -34.56 11.19
C ALA A 260 -29.75 -33.32 11.44
N LEU A 261 -30.14 -32.62 10.36
CA LEU A 261 -30.96 -31.42 10.51
C LEU A 261 -32.29 -31.73 11.18
N ILE A 262 -32.87 -32.88 10.87
CA ILE A 262 -34.13 -33.27 11.47
C ILE A 262 -33.93 -33.58 12.94
N GLN A 263 -32.78 -34.15 13.31
CA GLN A 263 -32.51 -34.49 14.69
C GLN A 263 -32.19 -33.26 15.52
N ILE A 264 -31.52 -32.27 14.93
CA ILE A 264 -31.12 -31.08 15.66
C ILE A 264 -32.33 -30.29 16.13
N LEU A 265 -33.44 -30.36 15.41
CA LEU A 265 -34.66 -29.64 15.76
C LEU A 265 -35.56 -30.40 16.73
N LYS A 266 -35.29 -31.68 16.99
CA LYS A 266 -36.13 -32.50 17.85
C LYS A 266 -35.45 -32.98 19.13
N GLU A 267 -34.25 -33.56 19.03
CA GLU A 267 -33.58 -34.10 20.22
C GLU A 267 -32.95 -33.03 21.11
N PRO A 268 -32.21 -32.06 20.58
CA PRO A 268 -31.63 -31.03 21.46
C PRO A 268 -32.70 -30.21 22.17
N LYS A 269 -32.45 -29.92 23.44
CA LYS A 269 -33.39 -29.12 24.22
C LYS A 269 -33.44 -27.68 23.70
N ASN A 270 -32.36 -27.21 23.08
CA ASN A 270 -32.28 -25.85 22.55
C ASN A 270 -32.70 -25.78 21.08
N ALA A 271 -33.52 -26.72 20.62
CA ALA A 271 -33.96 -26.71 19.24
C ALA A 271 -34.81 -25.47 18.97
N LEU A 272 -34.77 -25.01 17.71
CA LEU A 272 -35.53 -23.83 17.34
C LEU A 272 -37.03 -24.04 17.48
N THR A 273 -37.51 -25.26 17.21
CA THR A 273 -38.94 -25.55 17.34
C THR A 273 -39.41 -25.34 18.76
N LYS A 274 -38.64 -25.84 19.74
CA LYS A 274 -39.01 -25.67 21.14
C LYS A 274 -38.93 -24.21 21.56
N GLN A 275 -38.04 -23.43 20.94
CA GLN A 275 -37.91 -22.02 21.28
C GLN A 275 -39.18 -21.27 20.95
N TYR A 276 -39.65 -21.38 19.70
CA TYR A 276 -40.86 -20.68 19.30
C TYR A 276 -42.10 -21.23 19.99
N GLN A 277 -42.06 -22.51 20.41
CA GLN A 277 -43.22 -23.08 21.10
C GLN A 277 -43.49 -22.32 22.39
N ALA A 278 -42.45 -22.06 23.18
CA ALA A 278 -42.63 -21.30 24.42
C ALA A 278 -42.99 -19.85 24.15
N LEU A 279 -42.59 -19.34 22.98
CA LEU A 279 -42.91 -17.95 22.63
C LEU A 279 -44.42 -17.76 22.48
N PHE A 280 -45.13 -18.80 22.05
CA PHE A 280 -46.58 -18.75 21.87
C PHE A 280 -47.34 -19.32 23.07
N ASN A 281 -46.70 -20.17 23.87
CA ASN A 281 -47.39 -20.74 25.02
C ASN A 281 -47.75 -19.66 26.04
N LEU A 282 -46.91 -18.62 26.16
CA LEU A 282 -47.22 -17.54 27.07
C LEU A 282 -48.45 -16.76 26.60
N GLU A 283 -48.69 -16.73 25.29
CA GLU A 283 -49.82 -16.05 24.71
C GLU A 283 -51.12 -16.84 24.83
N GLY A 284 -51.06 -18.08 25.31
CA GLY A 284 -52.25 -18.91 25.42
C GLY A 284 -52.61 -19.65 24.16
N VAL A 285 -51.62 -19.98 23.33
CA VAL A 285 -51.85 -20.69 22.07
C VAL A 285 -50.80 -21.79 21.93
N ASP A 286 -51.21 -22.89 21.31
CA ASP A 286 -50.35 -24.04 21.08
C ASP A 286 -49.69 -23.94 19.71
N LEU A 287 -48.64 -24.74 19.54
CA LEU A 287 -47.88 -24.80 18.29
C LEU A 287 -47.56 -26.25 17.99
N GLU A 288 -47.40 -26.55 16.70
CA GLU A 288 -47.11 -27.91 16.26
C GLU A 288 -46.28 -27.86 14.99
N PHE A 289 -45.45 -28.89 14.80
CA PHE A 289 -44.60 -29.03 13.63
C PHE A 289 -44.60 -30.51 13.25
N ARG A 290 -45.19 -30.82 12.10
CA ARG A 290 -45.24 -32.20 11.64
C ARG A 290 -43.92 -32.59 10.99
N ASP A 291 -43.69 -33.90 10.88
CA ASP A 291 -42.45 -34.39 10.30
C ASP A 291 -42.32 -34.02 8.83
N GLU A 292 -43.44 -33.89 8.12
CA GLU A 292 -43.37 -33.53 6.71
C GLU A 292 -42.80 -32.12 6.51
N ALA A 293 -42.90 -31.26 7.53
CA ALA A 293 -42.38 -29.91 7.46
C ALA A 293 -40.90 -29.84 7.81
N LEU A 294 -40.41 -30.77 8.64
CA LEU A 294 -39.02 -30.77 9.05
C LEU A 294 -38.10 -31.14 7.91
N ASP A 295 -38.38 -32.26 7.22
CA ASP A 295 -37.52 -32.68 6.13
C ASP A 295 -37.50 -31.67 5.00
N ALA A 296 -38.62 -30.97 4.78
CA ALA A 296 -38.65 -29.96 3.73
C ALA A 296 -37.71 -28.80 4.06
N ILE A 297 -37.59 -28.47 5.35
CA ILE A 297 -36.72 -27.39 5.78
C ILE A 297 -35.26 -27.74 5.54
N ALA A 298 -34.89 -29.01 5.70
CA ALA A 298 -33.50 -29.41 5.53
C ALA A 298 -33.02 -29.22 4.09
N LYS A 299 -33.91 -29.43 3.11
CA LYS A 299 -33.51 -29.24 1.72
C LYS A 299 -33.17 -27.79 1.43
N LYS A 300 -33.93 -26.87 2.02
CA LYS A 300 -33.68 -25.44 1.79
C LYS A 300 -32.47 -24.96 2.58
N ALA A 301 -32.17 -25.58 3.72
CA ALA A 301 -31.04 -25.16 4.52
C ALA A 301 -29.72 -25.48 3.84
N MET A 302 -29.58 -26.68 3.28
CA MET A 302 -28.33 -27.05 2.62
C MET A 302 -28.08 -26.20 1.39
N ALA A 303 -29.14 -25.71 0.74
CA ALA A 303 -28.97 -24.87 -0.44
C ALA A 303 -28.34 -23.53 -0.08
N ARG A 304 -28.61 -23.03 1.14
CA ARG A 304 -28.05 -21.76 1.55
C ARG A 304 -26.55 -21.85 1.81
N LYS A 305 -26.06 -23.03 2.17
CA LYS A 305 -24.64 -23.26 2.44
C LYS A 305 -24.16 -22.35 3.56
N THR A 306 -24.86 -22.41 4.69
CA THR A 306 -24.55 -21.63 5.88
C THR A 306 -24.52 -22.46 7.16
N GLY A 307 -25.12 -23.65 7.15
CA GLY A 307 -25.14 -24.51 8.32
C GLY A 307 -26.34 -24.28 9.21
N ALA A 308 -26.25 -24.85 10.40
CA ALA A 308 -27.32 -24.72 11.38
C ALA A 308 -27.53 -23.26 11.78
N ARG A 309 -26.47 -22.45 11.72
CA ARG A 309 -26.58 -21.05 12.09
C ARG A 309 -27.55 -20.30 11.19
N GLY A 310 -27.62 -20.68 9.92
CA GLY A 310 -28.52 -20.05 8.97
C GLY A 310 -29.86 -20.73 8.86
N LEU A 311 -30.23 -21.52 9.87
CA LEU A 311 -31.49 -22.25 9.85
C LEU A 311 -32.66 -21.39 10.29
N ARG A 312 -32.43 -20.43 11.19
CA ARG A 312 -33.51 -19.57 11.66
C ARG A 312 -34.12 -18.73 10.54
N SER A 313 -33.37 -18.47 9.46
CA SER A 313 -33.91 -17.68 8.36
C SER A 313 -35.10 -18.38 7.71
N ILE A 314 -34.99 -19.69 7.49
CA ILE A 314 -36.07 -20.43 6.85
C ILE A 314 -37.30 -20.49 7.73
N VAL A 315 -37.12 -20.52 9.06
CA VAL A 315 -38.24 -20.62 9.97
C VAL A 315 -38.99 -19.30 10.04
N GLU A 316 -38.31 -18.22 10.43
CA GLU A 316 -38.99 -16.94 10.56
C GLU A 316 -39.50 -16.41 9.23
N ALA A 317 -38.85 -16.79 8.12
CA ALA A 317 -39.34 -16.35 6.83
C ALA A 317 -40.72 -16.95 6.52
N ALA A 318 -41.00 -18.13 7.05
CA ALA A 318 -42.28 -18.80 6.84
C ALA A 318 -43.34 -18.37 7.86
N LEU A 319 -42.95 -18.18 9.12
CA LEU A 319 -43.87 -17.80 10.17
C LEU A 319 -44.02 -16.29 10.30
N LEU A 320 -43.60 -15.52 9.30
CA LEU A 320 -43.76 -14.08 9.37
C LEU A 320 -45.24 -13.70 9.36
N ASP A 321 -45.97 -14.18 8.35
CA ASP A 321 -47.40 -13.92 8.28
C ASP A 321 -48.13 -14.59 9.43
N THR A 322 -47.70 -15.79 9.81
CA THR A 322 -48.34 -16.54 10.89
C THR A 322 -48.24 -15.79 12.22
N MET A 323 -47.15 -15.08 12.45
CA MET A 323 -46.96 -14.36 13.70
C MET A 323 -47.54 -12.95 13.64
N TYR A 324 -47.48 -12.29 12.49
CA TYR A 324 -48.01 -10.94 12.38
C TYR A 324 -49.53 -10.92 12.49
N ASP A 325 -50.20 -11.84 11.79
CA ASP A 325 -51.67 -11.90 11.83
C ASP A 325 -52.20 -12.42 13.16
N LEU A 326 -51.46 -13.33 13.81
CA LEU A 326 -51.84 -14.03 15.03
C LEU A 326 -52.48 -13.16 16.13
N PRO A 327 -51.81 -12.12 16.64
CA PRO A 327 -52.45 -11.31 17.71
C PRO A 327 -53.86 -10.82 17.41
N SER A 328 -54.09 -10.26 16.22
CA SER A 328 -55.43 -9.82 15.86
C SER A 328 -56.41 -10.99 15.87
N MET A 329 -55.96 -12.15 15.38
CA MET A 329 -56.80 -13.33 15.34
C MET A 329 -57.18 -13.79 16.74
N GLU A 330 -58.43 -14.24 16.88
CA GLU A 330 -58.94 -14.75 18.15
C GLU A 330 -59.66 -16.07 17.90
N ASP A 331 -59.72 -16.89 18.95
CA ASP A 331 -60.26 -18.26 18.95
C ASP A 331 -59.31 -19.26 18.31
N VAL A 332 -58.05 -18.88 18.06
CA VAL A 332 -57.08 -19.78 17.42
C VAL A 332 -56.37 -20.53 18.56
N GLU A 333 -56.95 -21.66 18.96
CA GLU A 333 -56.37 -22.44 20.05
C GLU A 333 -55.05 -23.09 19.64
N LYS A 334 -55.00 -23.66 18.43
CA LYS A 334 -53.80 -24.33 17.94
C LYS A 334 -53.58 -24.00 16.47
N VAL A 335 -52.30 -23.98 16.08
CA VAL A 335 -51.89 -23.72 14.71
C VAL A 335 -51.09 -24.92 14.22
N VAL A 336 -51.40 -25.41 13.02
CA VAL A 336 -50.73 -26.55 12.42
C VAL A 336 -49.98 -26.08 11.18
N ILE A 337 -48.75 -26.54 11.02
CA ILE A 337 -47.89 -26.19 9.89
C ILE A 337 -47.80 -27.39 8.96
N ASP A 338 -48.32 -27.24 7.75
CA ASP A 338 -48.27 -28.28 6.75
C ASP A 338 -47.01 -28.13 5.89
N GLU A 339 -46.71 -29.18 5.12
CA GLU A 339 -45.54 -29.13 4.23
C GLU A 339 -45.65 -27.98 3.24
N SER A 340 -46.87 -27.68 2.78
CA SER A 340 -47.08 -26.59 1.84
C SER A 340 -46.66 -25.25 2.42
N VAL A 341 -46.76 -25.10 3.74
CA VAL A 341 -46.41 -23.84 4.39
C VAL A 341 -44.96 -23.48 4.11
N ILE A 342 -44.06 -24.48 4.14
CA ILE A 342 -42.65 -24.20 3.87
C ILE A 342 -42.48 -23.68 2.46
N ASP A 343 -43.26 -24.22 1.51
CA ASP A 343 -43.19 -23.75 0.13
C ASP A 343 -43.61 -22.30 0.04
N GLY A 344 -44.64 -21.91 0.81
CA GLY A 344 -45.17 -20.57 0.82
C GLY A 344 -46.39 -20.36 -0.05
N GLN A 345 -46.77 -21.36 -0.85
CA GLN A 345 -47.94 -21.23 -1.71
C GLN A 345 -49.23 -21.22 -0.90
N SER A 346 -49.33 -22.09 0.11
CA SER A 346 -50.51 -22.22 0.95
C SER A 346 -50.21 -21.76 2.36
N GLU A 347 -51.13 -20.98 2.92
CA GLU A 347 -50.99 -20.47 4.27
C GLU A 347 -51.23 -21.60 5.28
N PRO A 348 -50.68 -21.49 6.50
CA PRO A 348 -50.90 -22.55 7.49
C PRO A 348 -52.34 -22.57 7.97
N LEU A 349 -52.82 -23.79 8.24
CA LEU A 349 -54.19 -23.98 8.69
C LEU A 349 -54.31 -23.64 10.17
N LEU A 350 -55.44 -23.05 10.53
CA LEU A 350 -55.74 -22.65 11.89
C LEU A 350 -56.75 -23.60 12.51
N ILE A 351 -56.56 -23.91 13.79
CA ILE A 351 -57.42 -24.81 14.54
C ILE A 351 -58.17 -23.97 15.57
N TYR A 352 -59.50 -24.07 15.54
CA TYR A 352 -60.35 -23.32 16.46
C TYR A 352 -61.00 -24.26 17.47
N SER B 1 -50.45 -1.77 31.28
CA SER B 1 -50.98 -1.62 29.94
C SER B 1 -50.69 -2.86 29.10
N ALA B 2 -50.96 -2.77 27.81
CA ALA B 2 -50.73 -3.85 26.86
C ALA B 2 -49.69 -3.42 25.84
N LEU B 3 -48.72 -4.28 25.58
CA LEU B 3 -47.67 -3.97 24.63
C LEU B 3 -48.28 -3.84 23.22
N PRO B 4 -47.84 -2.85 22.40
CA PRO B 4 -48.40 -2.73 21.04
C PRO B 4 -48.35 -4.01 20.23
N THR B 5 -49.15 -4.09 19.18
CA THR B 5 -49.27 -5.26 18.32
C THR B 5 -48.78 -4.95 16.92
N PRO B 6 -48.58 -5.98 16.08
CA PRO B 6 -48.09 -5.71 14.72
C PRO B 6 -49.03 -4.85 13.89
N HIS B 7 -50.34 -4.96 14.11
CA HIS B 7 -51.28 -4.12 13.38
C HIS B 7 -51.27 -2.69 13.93
N GLU B 8 -51.14 -2.56 15.24
CA GLU B 8 -51.10 -1.23 15.85
C GLU B 8 -49.77 -0.53 15.57
N ILE B 9 -48.67 -1.27 15.64
CA ILE B 9 -47.36 -0.67 15.38
C ILE B 9 -47.21 -0.34 13.90
N ARG B 10 -47.81 -1.14 13.01
CA ARG B 10 -47.69 -0.86 11.59
C ARG B 10 -48.54 0.32 11.19
N ASN B 11 -49.69 0.50 11.85
CA ASN B 11 -50.55 1.64 11.51
C ASN B 11 -49.84 2.94 11.81
N HIS B 12 -48.96 2.97 12.82
CA HIS B 12 -48.21 4.17 13.12
C HIS B 12 -47.13 4.41 12.08
N LEU B 13 -46.48 3.34 11.63
CA LEU B 13 -45.44 3.47 10.61
C LEU B 13 -46.01 3.87 9.26
N ASP B 14 -47.26 3.49 8.98
CA ASP B 14 -47.87 3.82 7.71
C ASP B 14 -48.00 5.33 7.54
N ASP B 15 -48.14 6.06 8.64
CA ASP B 15 -48.25 7.52 8.57
C ASP B 15 -46.95 8.14 8.08
N TYR B 16 -45.80 7.53 8.38
CA TYR B 16 -44.49 8.05 8.01
C TYR B 16 -43.81 7.28 6.89
N VAL B 17 -44.28 6.08 6.55
CA VAL B 17 -43.67 5.25 5.52
C VAL B 17 -44.77 4.68 4.62
N ILE B 18 -44.46 4.55 3.33
CA ILE B 18 -45.40 4.04 2.35
C ILE B 18 -44.69 3.11 1.39
N GLY B 19 -45.39 2.07 0.96
CA GLY B 19 -44.85 1.11 0.01
C GLY B 19 -43.77 0.20 0.53
N GLN B 20 -43.83 -0.17 1.81
CA GLN B 20 -42.86 -1.05 2.44
C GLN B 20 -43.57 -2.12 3.26
N GLU B 21 -44.62 -2.72 2.67
CA GLU B 21 -45.39 -3.73 3.36
C GLU B 21 -44.53 -4.91 3.78
N GLN B 22 -43.56 -5.30 2.94
CA GLN B 22 -42.70 -6.42 3.28
C GLN B 22 -41.78 -6.08 4.45
N ALA B 23 -41.19 -4.88 4.43
CA ALA B 23 -40.27 -4.49 5.49
C ALA B 23 -41.00 -4.17 6.79
N LYS B 24 -42.23 -3.67 6.70
CA LYS B 24 -42.97 -3.32 7.91
C LYS B 24 -43.33 -4.55 8.73
N LYS B 25 -43.69 -5.65 8.06
CA LYS B 25 -44.03 -6.88 8.77
C LYS B 25 -42.83 -7.47 9.48
N VAL B 26 -41.63 -7.31 8.90
CA VAL B 26 -40.43 -7.88 9.49
C VAL B 26 -40.08 -7.16 10.79
N LEU B 27 -40.08 -5.83 10.77
CA LEU B 27 -39.75 -5.09 11.97
C LEU B 27 -40.81 -5.27 13.05
N ALA B 28 -42.06 -5.47 12.66
CA ALA B 28 -43.12 -5.66 13.65
C ALA B 28 -42.94 -6.96 14.42
N VAL B 29 -42.62 -8.05 13.73
CA VAL B 29 -42.43 -9.33 14.42
C VAL B 29 -41.20 -9.27 15.32
N ALA B 30 -40.15 -8.58 14.88
CA ALA B 30 -38.93 -8.51 15.67
C ALA B 30 -39.16 -7.72 16.96
N VAL B 31 -39.74 -6.52 16.85
CA VAL B 31 -39.99 -5.72 18.03
C VAL B 31 -41.01 -6.43 18.94
N TYR B 32 -42.00 -7.09 18.33
CA TYR B 32 -42.97 -7.82 19.12
C TYR B 32 -42.31 -8.97 19.87
N ASN B 33 -41.51 -9.77 19.17
CA ASN B 33 -40.83 -10.89 19.81
C ASN B 33 -39.82 -10.41 20.85
N HIS B 34 -39.27 -9.21 20.67
CA HIS B 34 -38.32 -8.69 21.63
C HIS B 34 -38.98 -8.45 22.98
N TYR B 35 -40.18 -7.89 22.97
CA TYR B 35 -40.89 -7.63 24.22
C TYR B 35 -41.28 -8.93 24.91
N LYS B 36 -41.76 -9.90 24.14
CA LYS B 36 -42.11 -11.19 24.73
C LYS B 36 -40.87 -11.89 25.25
N ARG B 37 -39.75 -11.78 24.53
CA ARG B 37 -38.51 -12.38 24.98
C ARG B 37 -37.98 -11.67 26.22
N LEU B 38 -38.34 -10.40 26.39
CA LEU B 38 -37.92 -9.63 27.56
C LEU B 38 -38.84 -9.86 28.75
N ARG B 39 -40.10 -10.21 28.49
CA ARG B 39 -41.05 -10.44 29.58
C ARG B 39 -40.59 -11.58 30.48
N ASN B 40 -39.89 -12.56 29.92
CA ASN B 40 -39.39 -13.71 30.69
C ASN B 40 -38.02 -13.36 31.26
N GLY B 41 -37.96 -13.17 32.57
CA GLY B 41 -36.72 -12.85 33.25
C GLY B 41 -35.93 -14.09 33.59
N ASP B 42 -35.57 -14.86 32.55
CA ASP B 42 -34.82 -16.11 32.65
C ASP B 42 -35.68 -17.27 33.16
N THR B 43 -36.99 -17.11 33.22
CA THR B 43 -37.91 -18.15 33.67
C THR B 43 -38.66 -18.79 32.51
N SER B 44 -38.32 -18.46 31.28
CA SER B 44 -38.98 -19.03 30.12
C SER B 44 -38.76 -20.54 30.06
N ASN B 45 -39.82 -21.27 29.68
CA ASN B 45 -39.70 -22.72 29.57
C ASN B 45 -38.65 -23.10 28.56
N GLY B 46 -38.59 -22.39 27.43
CA GLY B 46 -37.59 -22.69 26.42
C GLY B 46 -36.19 -22.44 26.97
N VAL B 47 -35.29 -23.37 26.67
CA VAL B 47 -33.91 -23.30 27.10
C VAL B 47 -33.08 -22.67 25.99
N GLU B 48 -32.38 -21.58 26.31
CA GLU B 48 -31.53 -20.89 25.35
C GLU B 48 -32.33 -20.36 24.16
N LEU B 49 -33.34 -19.54 24.48
CA LEU B 49 -34.19 -18.95 23.45
C LEU B 49 -33.33 -18.22 22.42
N GLY B 50 -33.72 -18.34 21.16
CA GLY B 50 -32.97 -17.73 20.09
C GLY B 50 -33.26 -16.27 19.88
N LYS B 51 -32.33 -15.63 19.16
CA LYS B 51 -32.40 -14.24 18.77
C LYS B 51 -32.45 -14.20 17.25
N SER B 52 -33.04 -13.14 16.69
CA SER B 52 -33.17 -13.02 15.24
C SER B 52 -32.92 -11.57 14.84
N ASN B 53 -31.75 -11.32 14.27
CA ASN B 53 -31.40 -9.99 13.78
C ASN B 53 -32.10 -9.75 12.45
N ILE B 54 -31.96 -8.54 11.92
CA ILE B 54 -32.57 -8.16 10.65
C ILE B 54 -31.51 -7.51 9.79
N LEU B 55 -31.58 -7.77 8.48
CA LEU B 55 -30.64 -7.23 7.50
C LEU B 55 -31.46 -6.53 6.44
N LEU B 56 -31.60 -5.21 6.57
CA LEU B 56 -32.35 -4.43 5.60
C LEU B 56 -31.48 -4.15 4.38
N ILE B 57 -32.08 -4.29 3.20
CA ILE B 57 -31.40 -4.03 1.94
C ILE B 57 -32.42 -3.41 1.00
N GLY B 58 -32.05 -2.30 0.37
CA GLY B 58 -32.95 -1.63 -0.53
C GLY B 58 -32.22 -0.62 -1.40
N PRO B 59 -32.93 -0.02 -2.38
CA PRO B 59 -32.28 0.97 -3.23
C PRO B 59 -32.02 2.26 -2.48
N THR B 60 -31.45 3.25 -3.17
CA THR B 60 -31.13 4.52 -2.54
C THR B 60 -32.41 5.29 -2.24
N GLY B 61 -32.46 5.89 -1.05
CA GLY B 61 -33.61 6.67 -0.64
C GLY B 61 -34.90 5.88 -0.55
N SER B 62 -34.80 4.57 -0.28
CA SER B 62 -35.99 3.74 -0.19
C SER B 62 -36.73 3.91 1.13
N GLY B 63 -36.05 4.36 2.19
CA GLY B 63 -36.67 4.58 3.48
C GLY B 63 -36.06 3.78 4.61
N LYS B 64 -34.80 3.35 4.46
CA LYS B 64 -34.16 2.59 5.52
C LYS B 64 -33.89 3.47 6.73
N THR B 65 -33.22 4.60 6.51
CA THR B 65 -32.92 5.50 7.62
C THR B 65 -34.20 6.06 8.24
N LEU B 66 -35.26 6.18 7.44
CA LEU B 66 -36.52 6.71 7.96
C LEU B 66 -37.17 5.75 8.94
N LEU B 67 -37.08 4.45 8.68
CA LEU B 67 -37.69 3.47 9.56
C LEU B 67 -37.01 3.45 10.92
N ALA B 68 -35.68 3.53 10.95
CA ALA B 68 -34.97 3.53 12.21
C ALA B 68 -35.29 4.76 13.04
N GLU B 69 -35.50 5.91 12.40
CA GLU B 69 -35.81 7.13 13.12
C GLU B 69 -37.23 7.09 13.68
N THR B 70 -38.20 6.71 12.85
CA THR B 70 -39.58 6.65 13.29
C THR B 70 -39.78 5.55 14.34
N LEU B 71 -38.99 4.48 14.26
CA LEU B 71 -39.13 3.38 15.21
C LEU B 71 -38.78 3.82 16.62
N ALA B 72 -37.73 4.63 16.77
CA ALA B 72 -37.29 5.05 18.10
C ALA B 72 -38.34 5.92 18.78
N ARG B 73 -39.17 6.63 18.02
CA ARG B 73 -40.18 7.47 18.63
C ARG B 73 -41.22 6.63 19.37
N LEU B 74 -41.72 5.59 18.71
CA LEU B 74 -42.71 4.70 19.31
C LEU B 74 -42.10 3.63 20.21
N LEU B 75 -40.80 3.36 20.06
CA LEU B 75 -40.13 2.35 20.85
C LEU B 75 -39.84 2.87 22.25
N ASP B 76 -40.18 2.07 23.26
CA ASP B 76 -39.94 2.45 24.65
C ASP B 76 -38.54 2.10 25.10
N VAL B 77 -38.07 0.89 24.76
CA VAL B 77 -36.72 0.45 25.11
C VAL B 77 -35.71 1.37 24.44
N PRO B 78 -34.43 1.34 24.80
CA PRO B 78 -33.48 2.26 24.16
C PRO B 78 -33.13 1.83 22.74
N PHE B 79 -32.74 2.82 21.95
CA PHE B 79 -32.39 2.64 20.55
C PHE B 79 -31.19 3.51 20.21
N THR B 80 -30.37 3.02 19.28
CA THR B 80 -29.18 3.74 18.84
C THR B 80 -29.06 3.68 17.32
N MET B 81 -28.42 4.69 16.75
CA MET B 81 -28.20 4.80 15.32
C MET B 81 -26.70 4.97 15.11
N ALA B 82 -25.99 3.84 14.98
CA ALA B 82 -24.55 3.86 14.80
C ALA B 82 -24.17 3.83 13.33
N ASP B 83 -22.86 3.83 13.07
CA ASP B 83 -22.31 3.77 11.71
C ASP B 83 -20.98 3.04 11.76
N ALA B 84 -20.70 2.26 10.73
CA ALA B 84 -19.44 1.54 10.61
C ALA B 84 -18.39 2.33 9.84
N THR B 85 -18.66 3.61 9.57
CA THR B 85 -17.71 4.44 8.81
C THR B 85 -16.41 4.66 9.57
N THR B 86 -16.49 4.92 10.86
CA THR B 86 -15.33 5.26 11.68
C THR B 86 -14.72 4.10 12.44
N LEU B 87 -15.40 2.96 12.54
CA LEU B 87 -14.85 1.85 13.32
C LEU B 87 -13.53 1.35 12.75
N THR B 88 -12.55 1.18 13.64
CA THR B 88 -11.21 0.69 13.30
C THR B 88 -10.94 -0.56 14.12
N GLU B 89 -10.67 -1.67 13.43
CA GLU B 89 -10.43 -2.94 14.09
C GLU B 89 -9.07 -2.95 14.81
N ALA B 90 -8.99 -3.82 15.83
CA ALA B 90 -7.81 -4.03 16.66
C ALA B 90 -7.54 -2.86 17.60
N GLY B 91 -8.57 -2.13 17.97
CA GLY B 91 -8.44 -1.02 18.91
C GLY B 91 -7.42 0.02 18.50
N TYR B 92 -7.47 0.46 17.25
CA TYR B 92 -6.53 1.46 16.78
C TYR B 92 -6.95 2.84 17.29
N VAL B 93 -6.06 3.81 17.11
CA VAL B 93 -6.28 5.17 17.57
C VAL B 93 -7.56 5.77 16.97
N GLY B 94 -7.98 5.29 15.79
CA GLY B 94 -9.15 5.85 15.15
C GLY B 94 -10.47 5.69 15.90
N GLU B 95 -10.87 4.46 16.19
CA GLU B 95 -12.14 4.21 16.89
C GLU B 95 -12.18 2.75 17.31
N ASP B 96 -13.11 2.43 18.21
CA ASP B 96 -13.31 1.06 18.66
C ASP B 96 -14.81 0.75 18.63
N VAL B 97 -15.11 -0.55 18.54
CA VAL B 97 -16.49 -1.01 18.47
C VAL B 97 -17.27 -0.63 19.73
N GLU B 98 -16.59 -0.57 20.88
CA GLU B 98 -17.27 -0.26 22.13
C GLU B 98 -17.91 1.13 22.16
N ASN B 99 -17.52 2.03 21.24
CA ASN B 99 -18.12 3.36 21.22
C ASN B 99 -19.62 3.31 20.98
N ILE B 100 -20.08 2.31 20.23
CA ILE B 100 -21.52 2.18 19.94
C ILE B 100 -22.30 1.96 21.23
N ILE B 101 -21.71 1.20 22.16
CA ILE B 101 -22.40 0.90 23.41
C ILE B 101 -22.46 2.12 24.31
N GLN B 102 -21.38 2.90 24.36
CA GLN B 102 -21.38 4.08 25.22
C GLN B 102 -22.44 5.08 24.81
N LYS B 103 -22.73 5.18 23.52
CA LYS B 103 -23.79 6.10 23.09
C LYS B 103 -25.15 5.62 23.58
N LEU B 104 -25.32 4.29 23.69
CA LEU B 104 -26.59 3.75 24.16
C LEU B 104 -26.85 4.09 25.62
N LEU B 105 -25.79 4.22 26.42
CA LEU B 105 -25.97 4.55 27.82
C LEU B 105 -26.53 5.96 28.01
N GLN B 106 -26.28 6.86 27.06
CA GLN B 106 -26.80 8.21 27.16
C GLN B 106 -28.32 8.19 27.19
N LYS B 107 -28.93 7.32 26.39
CA LYS B 107 -30.38 7.19 26.35
C LYS B 107 -30.89 6.36 27.53
N SER B 108 -30.08 5.42 28.02
CA SER B 108 -30.43 4.57 29.15
C SER B 108 -29.94 5.14 30.48
N ASP B 109 -29.10 6.17 30.46
CA ASP B 109 -28.59 6.81 31.67
C ASP B 109 -27.82 5.83 32.55
N TYR B 110 -26.81 5.19 31.94
CA TYR B 110 -25.92 4.25 32.61
C TYR B 110 -26.70 3.19 33.41
N ASP B 111 -27.50 2.42 32.68
CA ASP B 111 -28.34 1.36 33.25
C ASP B 111 -28.06 0.10 32.45
N VAL B 112 -27.27 -0.81 33.03
CA VAL B 112 -26.90 -2.04 32.34
C VAL B 112 -28.11 -2.93 32.11
N GLN B 113 -28.92 -3.11 33.15
CA GLN B 113 -30.11 -3.96 33.01
C GLN B 113 -31.08 -3.37 31.99
N LYS B 114 -31.15 -2.04 31.90
CA LYS B 114 -32.02 -1.39 30.92
C LYS B 114 -31.37 -1.30 29.55
N ALA B 115 -30.04 -1.44 29.47
CA ALA B 115 -29.33 -1.35 28.20
C ALA B 115 -29.30 -2.67 27.46
N GLN B 116 -29.25 -3.81 28.17
CA GLN B 116 -29.21 -5.10 27.51
C GLN B 116 -30.49 -5.36 26.72
N ARG B 117 -31.60 -4.73 27.12
CA ARG B 117 -32.87 -4.87 26.41
C ARG B 117 -33.05 -3.80 25.33
N GLY B 118 -31.95 -3.21 24.87
CA GLY B 118 -32.00 -2.19 23.84
C GLY B 118 -31.91 -2.75 22.43
N ILE B 119 -32.14 -1.87 21.46
CA ILE B 119 -32.09 -2.20 20.04
C ILE B 119 -30.96 -1.41 19.42
N VAL B 120 -30.32 -2.00 18.42
CA VAL B 120 -29.19 -1.38 17.73
C VAL B 120 -29.46 -1.37 16.23
N TYR B 121 -29.07 -0.27 15.58
CA TYR B 121 -29.21 -0.09 14.14
C TYR B 121 -27.89 0.41 13.58
N ILE B 122 -27.47 -0.15 12.45
CA ILE B 122 -26.23 0.23 11.80
C ILE B 122 -26.49 0.44 10.31
N ASP B 123 -25.92 1.51 9.76
CA ASP B 123 -26.03 1.87 8.36
C ASP B 123 -24.67 1.73 7.66
N GLN B 124 -24.73 1.59 6.34
CA GLN B 124 -23.52 1.52 5.51
C GLN B 124 -22.68 0.29 5.84
N ILE B 125 -23.35 -0.84 6.06
CA ILE B 125 -22.63 -2.07 6.37
C ILE B 125 -21.82 -2.58 5.17
N ASP B 126 -22.17 -2.16 3.96
CA ASP B 126 -21.45 -2.57 2.75
C ASP B 126 -20.05 -2.00 2.65
N LYS B 127 -19.72 -0.99 3.44
CA LYS B 127 -18.42 -0.34 3.38
C LYS B 127 -17.26 -1.27 3.73
N ILE B 128 -17.52 -2.36 4.46
CA ILE B 128 -16.47 -3.27 4.90
C ILE B 128 -16.43 -4.55 4.05
N SER B 129 -16.96 -4.52 2.84
CA SER B 129 -16.95 -5.69 1.98
C SER B 129 -15.65 -5.80 1.20
N ARG B 130 -15.24 -7.04 0.92
CA ARG B 130 -14.02 -7.34 0.17
C ARG B 130 -14.40 -7.73 -1.26
N LYS B 131 -14.35 -6.75 -2.14
CA LYS B 131 -14.70 -6.91 -3.56
C LYS B 131 -13.92 -8.02 -4.25
N SER B 132 -14.60 -8.71 -5.17
CA SER B 132 -14.10 -9.76 -6.05
C SER B 132 -13.72 -11.07 -5.33
N ASP B 133 -14.29 -11.32 -4.15
CA ASP B 133 -14.10 -12.57 -3.41
C ASP B 133 -12.63 -12.96 -3.24
N ASN B 134 -11.82 -12.00 -2.81
CA ASN B 134 -10.41 -12.22 -2.51
C ASN B 134 -10.30 -11.93 -1.02
N PRO B 135 -9.79 -12.84 -0.14
CA PRO B 135 -9.80 -12.48 1.29
C PRO B 135 -8.98 -11.24 1.59
N SER B 136 -7.71 -11.23 1.21
CA SER B 136 -6.88 -10.03 1.30
C SER B 136 -5.51 -10.35 0.72
N ILE B 137 -4.79 -9.31 0.35
CA ILE B 137 -3.38 -9.41 -0.01
C ILE B 137 -2.60 -8.36 0.78
N THR B 138 -3.32 -7.40 1.38
CA THR B 138 -2.79 -6.34 2.22
C THR B 138 -3.82 -6.14 3.32
N ARG B 139 -3.39 -6.20 4.58
CA ARG B 139 -4.33 -6.07 5.69
C ARG B 139 -5.05 -4.72 5.61
N ASP B 140 -6.37 -4.76 5.82
CA ASP B 140 -7.23 -3.59 5.76
C ASP B 140 -7.93 -3.41 7.09
N VAL B 141 -7.86 -2.20 7.65
CA VAL B 141 -8.47 -1.91 8.95
C VAL B 141 -9.99 -1.88 8.84
N SER B 142 -10.52 -1.34 7.75
CA SER B 142 -11.95 -1.17 7.58
C SER B 142 -12.59 -2.23 6.68
N GLY B 143 -11.85 -3.26 6.29
CA GLY B 143 -12.40 -4.29 5.41
C GLY B 143 -12.85 -5.55 6.12
N GLU B 144 -12.13 -6.64 5.90
CA GLU B 144 -12.50 -7.91 6.51
C GLU B 144 -12.28 -7.92 8.01
N GLY B 145 -11.34 -7.13 8.51
CA GLY B 145 -11.07 -7.13 9.94
C GLY B 145 -12.23 -6.68 10.79
N VAL B 146 -12.94 -5.62 10.38
CA VAL B 146 -14.04 -5.12 11.19
C VAL B 146 -15.15 -6.15 11.26
N GLN B 147 -15.32 -6.97 10.21
CA GLN B 147 -16.33 -8.02 10.25
C GLN B 147 -16.03 -9.00 11.38
N GLN B 148 -14.75 -9.31 11.58
CA GLN B 148 -14.35 -10.22 12.65
C GLN B 148 -14.75 -9.67 14.01
N ALA B 149 -14.57 -8.36 14.22
CA ALA B 149 -14.95 -7.75 15.48
C ALA B 149 -16.46 -7.82 15.67
N LEU B 150 -17.21 -7.61 14.59
CA LEU B 150 -18.66 -7.68 14.66
C LEU B 150 -19.15 -9.06 15.08
N LEU B 151 -18.45 -10.12 14.62
CA LEU B 151 -18.87 -11.48 14.93
C LEU B 151 -18.97 -11.70 16.44
N LYS B 152 -17.97 -11.25 17.20
CA LYS B 152 -18.03 -11.41 18.64
C LYS B 152 -19.16 -10.56 19.23
N LEU B 153 -19.35 -9.35 18.70
CA LEU B 153 -20.38 -8.44 19.19
C LEU B 153 -21.78 -9.02 19.05
N ILE B 154 -21.99 -9.90 18.06
CA ILE B 154 -23.29 -10.50 17.80
C ILE B 154 -23.27 -11.93 18.32
N GLU B 155 -24.44 -12.38 18.78
CA GLU B 155 -24.77 -13.69 19.35
C GLU B 155 -24.27 -13.83 20.79
N GLY B 156 -23.59 -12.83 21.37
CA GLY B 156 -23.18 -12.88 22.76
C GLY B 156 -21.70 -12.74 23.04
N THR B 157 -21.32 -11.79 23.90
CA THR B 157 -19.92 -11.63 24.29
C THR B 157 -19.84 -10.62 25.42
N VAL B 158 -18.67 -10.57 26.03
CA VAL B 158 -18.35 -9.64 27.11
C VAL B 158 -17.71 -8.40 26.52
N ALA B 159 -18.12 -7.22 26.98
CA ALA B 159 -17.54 -5.98 26.49
C ALA B 159 -17.44 -4.99 27.65
N ALA B 160 -16.51 -4.04 27.51
CA ALA B 160 -16.25 -3.02 28.51
C ALA B 160 -16.40 -1.63 27.89
N VAL B 161 -17.04 -0.73 28.63
CA VAL B 161 -17.24 0.66 28.19
C VAL B 161 -16.79 1.59 29.31
N PRO B 162 -16.16 2.74 29.04
CA PRO B 162 -15.81 3.65 30.14
C PRO B 162 -17.09 4.20 30.78
N PRO B 163 -17.35 3.94 32.07
CA PRO B 163 -18.62 4.45 32.61
C PRO B 163 -18.71 5.96 32.68
N GLN B 164 -17.73 6.63 33.29
CA GLN B 164 -17.73 8.09 33.41
C GLN B 164 -16.59 8.83 32.70
N GLY B 165 -15.36 8.43 32.98
CA GLY B 165 -14.17 9.09 32.47
C GLY B 165 -13.05 8.19 31.98
N GLY B 166 -12.59 8.41 30.75
CA GLY B 166 -11.51 7.60 30.22
C GLY B 166 -10.15 7.91 30.83
N HIS B 169 -9.52 9.04 35.64
CA HIS B 169 -9.01 7.99 36.50
C HIS B 169 -8.37 6.94 35.61
N PRO B 170 -7.29 6.30 36.04
CA PRO B 170 -6.61 5.35 35.14
C PRO B 170 -7.46 4.15 34.73
N GLN B 171 -8.17 3.51 35.68
CA GLN B 171 -8.99 2.35 35.37
C GLN B 171 -10.47 2.69 35.26
N GLN B 172 -11.02 3.38 36.27
CA GLN B 172 -12.40 3.84 36.33
C GLN B 172 -13.43 2.72 36.51
N GLU B 173 -13.00 1.50 36.85
CA GLU B 173 -13.94 0.40 37.09
C GLU B 173 -14.91 0.16 35.92
N PHE B 174 -14.38 -0.20 34.74
CA PHE B 174 -15.23 -0.40 33.57
C PHE B 174 -16.32 -1.44 33.83
N LEU B 175 -17.50 -1.14 33.30
CA LEU B 175 -18.68 -1.99 33.44
C LEU B 175 -18.74 -3.05 32.35
N GLN B 176 -19.18 -4.25 32.74
CA GLN B 176 -19.35 -5.37 31.82
C GLN B 176 -20.84 -5.49 31.49
N VAL B 177 -21.15 -5.54 30.20
CA VAL B 177 -22.53 -5.61 29.71
C VAL B 177 -22.65 -6.71 28.67
N ASP B 178 -23.60 -7.61 28.87
CA ASP B 178 -23.86 -8.69 27.93
C ASP B 178 -24.49 -8.15 26.66
N THR B 179 -24.34 -8.90 25.57
CA THR B 179 -24.85 -8.51 24.26
C THR B 179 -25.61 -9.63 23.53
N SER B 180 -25.76 -10.81 24.13
CA SER B 180 -26.44 -11.90 23.45
C SER B 180 -27.93 -11.61 23.24
N LYS B 181 -28.54 -10.82 24.13
CA LYS B 181 -29.96 -10.50 24.01
C LYS B 181 -30.24 -9.23 23.21
N ILE B 182 -29.25 -8.37 23.02
CA ILE B 182 -29.46 -7.13 22.29
C ILE B 182 -29.71 -7.43 20.82
N LEU B 183 -30.69 -6.74 20.24
CA LEU B 183 -31.04 -6.90 18.84
C LEU B 183 -30.18 -5.95 18.00
N PHE B 184 -29.92 -6.36 16.76
CA PHE B 184 -29.08 -5.58 15.85
C PHE B 184 -29.71 -5.56 14.46
N ILE B 185 -29.82 -4.35 13.89
CA ILE B 185 -30.39 -4.13 12.56
C ILE B 185 -29.30 -3.50 11.70
N CYS B 186 -28.58 -4.32 10.95
CA CYS B 186 -27.50 -3.85 10.08
C CYS B 186 -28.01 -3.87 8.64
N GLY B 187 -28.20 -2.69 8.07
CA GLY B 187 -28.70 -2.57 6.71
C GLY B 187 -28.18 -1.35 5.96
N GLY B 188 -27.85 -1.55 4.69
CA GLY B 188 -27.33 -0.48 3.87
C GLY B 188 -27.51 -0.81 2.41
N ALA B 189 -27.70 0.23 1.60
CA ALA B 189 -27.91 0.06 0.17
C ALA B 189 -26.63 -0.45 -0.46
N PHE B 190 -26.62 -1.72 -0.87
CA PHE B 190 -25.43 -2.32 -1.46
C PHE B 190 -25.23 -1.87 -2.90
N ALA B 191 -23.97 -1.59 -3.24
CA ALA B 191 -23.57 -1.17 -4.57
C ALA B 191 -22.90 -2.34 -5.27
N GLY B 192 -23.29 -2.60 -6.52
CA GLY B 192 -22.72 -3.69 -7.28
C GLY B 192 -23.25 -5.06 -6.94
N LEU B 193 -24.26 -5.15 -6.06
CA LEU B 193 -24.82 -6.45 -5.70
C LEU B 193 -25.54 -7.07 -6.89
N ASP B 194 -26.42 -6.28 -7.53
CA ASP B 194 -27.17 -6.73 -8.70
C ASP B 194 -26.31 -7.44 -9.73
N LYS B 195 -25.06 -7.00 -9.91
CA LYS B 195 -24.17 -7.64 -10.87
C LYS B 195 -23.82 -9.06 -10.43
N VAL B 196 -23.61 -9.26 -9.13
CA VAL B 196 -23.27 -10.59 -8.64
C VAL B 196 -24.45 -11.53 -8.79
N ILE B 197 -25.65 -11.06 -8.46
CA ILE B 197 -26.83 -11.89 -8.58
C ILE B 197 -27.16 -12.14 -10.05
N SER B 198 -26.85 -11.18 -10.92
CA SER B 198 -27.12 -11.35 -12.34
C SER B 198 -26.33 -12.51 -12.92
N HIS B 199 -25.07 -12.66 -12.53
CA HIS B 199 -24.23 -13.73 -13.06
C HIS B 199 -24.81 -15.09 -12.75
N ARG B 200 -25.41 -15.25 -11.57
CA ARG B 200 -25.97 -16.53 -11.17
C ARG B 200 -27.23 -16.88 -11.96
N VAL B 201 -28.26 -16.02 -11.88
CA VAL B 201 -29.54 -16.33 -12.53
C VAL B 201 -29.56 -16.12 -14.04
N GLU B 202 -28.69 -15.26 -14.59
CA GLU B 202 -28.73 -15.06 -16.04
C GLU B 202 -28.34 -16.31 -16.80
N THR B 203 -27.37 -17.08 -16.30
CA THR B 203 -26.89 -18.33 -16.92
C THR B 203 -26.07 -18.07 -18.18
N GLY B 204 -25.47 -16.89 -18.28
CA GLY B 204 -24.70 -16.49 -19.43
C GLY B 204 -25.57 -15.91 -20.53
N SER B 205 -24.89 -15.39 -21.55
CA SER B 205 -25.54 -14.77 -22.71
C SER B 205 -24.94 -15.38 -23.97
N GLY B 206 -25.53 -16.47 -24.44
CA GLY B 206 -25.03 -17.11 -25.65
C GLY B 206 -25.31 -16.24 -26.86
N ILE B 207 -24.35 -16.23 -27.79
CA ILE B 207 -24.45 -15.43 -29.01
C ILE B 207 -25.29 -16.09 -30.10
N GLY B 208 -25.60 -17.38 -29.97
CA GLY B 208 -26.32 -18.08 -31.01
C GLY B 208 -27.80 -17.75 -31.08
N PHE B 209 -28.47 -18.48 -31.98
CA PHE B 209 -29.90 -18.28 -32.22
C PHE B 209 -30.73 -18.63 -31.00
N GLY B 210 -30.54 -19.84 -30.46
CA GLY B 210 -31.36 -20.27 -29.34
C GLY B 210 -31.12 -19.52 -28.05
N ALA B 211 -29.88 -19.11 -27.80
CA ALA B 211 -29.59 -18.41 -26.56
C ALA B 211 -30.27 -17.05 -26.52
N THR B 212 -30.71 -16.67 -25.32
CA THR B 212 -31.37 -15.39 -25.13
C THR B 212 -30.38 -14.24 -25.18
N VAL B 213 -30.68 -13.25 -26.03
CA VAL B 213 -29.86 -12.04 -26.15
C VAL B 213 -30.82 -10.87 -25.98
N LYS B 214 -30.93 -10.38 -24.74
CA LYS B 214 -31.80 -9.28 -24.37
C LYS B 214 -31.02 -8.33 -23.45
N ALA B 215 -31.06 -7.03 -23.74
CA ALA B 215 -30.36 -6.09 -22.88
C ALA B 215 -31.10 -4.77 -22.76
N LYS B 216 -31.16 -4.28 -21.52
CA LYS B 216 -31.73 -3.01 -21.10
C LYS B 216 -33.26 -2.94 -21.10
N SER B 217 -33.93 -3.99 -21.57
CA SER B 217 -35.40 -4.07 -21.54
C SER B 217 -35.90 -5.18 -20.64
N ASP B 218 -35.43 -6.40 -20.88
CA ASP B 218 -35.79 -7.59 -20.13
C ASP B 218 -35.09 -7.71 -18.79
N LYS B 219 -33.99 -6.98 -18.60
CA LYS B 219 -33.22 -7.09 -17.36
C LYS B 219 -34.08 -6.81 -16.14
N ALA B 220 -33.84 -7.59 -15.10
CA ALA B 220 -34.62 -7.48 -13.86
C ALA B 220 -34.39 -6.14 -13.19
N SER B 221 -35.42 -5.69 -12.47
CA SER B 221 -35.36 -4.46 -11.72
C SER B 221 -34.55 -4.67 -10.45
N GLU B 222 -34.13 -3.56 -9.84
CA GLU B 222 -33.33 -3.64 -8.62
C GLU B 222 -34.10 -4.39 -7.53
N GLY B 223 -35.37 -4.04 -7.33
CA GLY B 223 -36.16 -4.71 -6.31
C GLY B 223 -36.30 -6.19 -6.53
N GLU B 224 -36.51 -6.60 -7.79
CA GLU B 224 -36.67 -8.02 -8.09
C GLU B 224 -35.40 -8.81 -7.76
N LEU B 225 -34.23 -8.26 -8.10
CA LEU B 225 -32.97 -8.93 -7.82
C LEU B 225 -32.78 -9.13 -6.32
N LEU B 226 -33.11 -8.11 -5.53
CA LEU B 226 -32.94 -8.19 -4.08
C LEU B 226 -33.79 -9.32 -3.49
N ALA B 227 -35.03 -9.47 -3.96
CA ALA B 227 -35.90 -10.53 -3.44
C ALA B 227 -35.28 -11.91 -3.68
N GLN B 228 -34.73 -12.13 -4.87
CA GLN B 228 -34.11 -13.40 -5.23
C GLN B 228 -32.81 -13.68 -4.48
N VAL B 229 -32.24 -12.70 -3.79
CA VAL B 229 -30.95 -12.91 -3.13
C VAL B 229 -31.00 -14.03 -2.08
N GLU B 230 -29.84 -14.67 -1.90
CA GLU B 230 -29.62 -15.75 -0.94
C GLU B 230 -28.28 -15.49 -0.26
N PRO B 231 -27.98 -16.17 0.85
CA PRO B 231 -26.68 -15.91 1.50
C PRO B 231 -25.48 -16.28 0.65
N GLU B 232 -25.60 -17.31 -0.20
CA GLU B 232 -24.46 -17.70 -1.03
C GLU B 232 -24.06 -16.60 -2.01
N ASP B 233 -25.02 -15.76 -2.41
CA ASP B 233 -24.70 -14.68 -3.34
C ASP B 233 -23.84 -13.61 -2.68
N LEU B 234 -24.05 -13.36 -1.39
CA LEU B 234 -23.28 -12.36 -0.67
C LEU B 234 -21.82 -12.77 -0.49
N ILE B 235 -21.51 -14.06 -0.58
CA ILE B 235 -20.12 -14.49 -0.41
C ILE B 235 -19.27 -13.97 -1.55
N LYS B 236 -19.77 -14.06 -2.79
CA LYS B 236 -19.01 -13.52 -3.92
C LYS B 236 -18.91 -12.01 -3.85
N PHE B 237 -19.86 -11.37 -3.18
CA PHE B 237 -19.84 -9.92 -3.03
C PHE B 237 -18.67 -9.48 -2.16
N GLY B 238 -18.38 -10.25 -1.11
CA GLY B 238 -17.31 -9.94 -0.18
C GLY B 238 -17.66 -10.25 1.26
N LEU B 239 -18.95 -10.38 1.56
CA LEU B 239 -19.36 -10.68 2.92
C LEU B 239 -18.90 -12.07 3.31
N ILE B 240 -18.58 -12.23 4.58
CA ILE B 240 -18.10 -13.51 5.11
C ILE B 240 -19.33 -14.33 5.46
N PRO B 241 -19.36 -15.65 5.26
CA PRO B 241 -20.57 -16.40 5.62
C PRO B 241 -20.85 -16.39 7.11
N GLU B 242 -19.81 -16.32 7.94
CA GLU B 242 -20.00 -16.26 9.38
C GLU B 242 -20.82 -15.05 9.78
N PHE B 243 -20.53 -13.90 9.17
CA PHE B 243 -21.26 -12.67 9.48
C PHE B 243 -22.71 -12.78 9.03
N ILE B 244 -22.97 -13.42 7.89
CA ILE B 244 -24.32 -13.53 7.39
C ILE B 244 -25.14 -14.47 8.26
N GLY B 245 -24.50 -15.48 8.85
CA GLY B 245 -25.23 -16.40 9.72
C GLY B 245 -25.85 -15.70 10.91
N ARG B 246 -25.20 -14.63 11.40
CA ARG B 246 -25.71 -13.88 12.53
C ARG B 246 -26.95 -13.06 12.19
N LEU B 247 -27.29 -12.90 10.90
CA LEU B 247 -28.44 -12.14 10.45
C LEU B 247 -29.32 -13.05 9.61
N PRO B 248 -30.15 -13.90 10.23
CA PRO B 248 -30.99 -14.79 9.42
C PRO B 248 -32.07 -14.06 8.65
N VAL B 249 -32.76 -13.11 9.28
CA VAL B 249 -33.83 -12.39 8.60
C VAL B 249 -33.23 -11.41 7.59
N VAL B 250 -33.94 -11.25 6.48
CA VAL B 250 -33.53 -10.36 5.40
C VAL B 250 -34.76 -9.66 4.86
N ALA B 251 -34.68 -8.35 4.68
CA ALA B 251 -35.79 -7.55 4.16
C ALA B 251 -35.33 -6.90 2.87
N THR B 252 -36.06 -7.18 1.79
CA THR B 252 -35.78 -6.66 0.46
C THR B 252 -36.80 -5.58 0.14
N LEU B 253 -36.37 -4.32 0.17
CA LEU B 253 -37.28 -3.22 -0.08
C LEU B 253 -37.39 -2.97 -1.59
N ASN B 254 -38.58 -2.60 -2.03
CA ASN B 254 -38.86 -2.37 -3.43
C ASN B 254 -38.49 -0.95 -3.83
N GLU B 255 -38.37 -0.74 -5.14
CA GLU B 255 -38.08 0.56 -5.70
C GLU B 255 -39.33 1.42 -5.66
N LEU B 256 -39.14 2.73 -5.56
CA LEU B 256 -40.26 3.65 -5.49
C LEU B 256 -40.95 3.73 -6.85
N SER B 257 -42.11 3.10 -6.95
CA SER B 257 -42.88 3.11 -8.19
C SER B 257 -43.42 4.51 -8.45
N GLU B 258 -44.07 4.68 -9.60
CA GLU B 258 -44.61 5.99 -9.95
C GLU B 258 -45.75 6.38 -9.02
N GLU B 259 -46.72 5.49 -8.84
CA GLU B 259 -47.84 5.80 -7.95
C GLU B 259 -47.39 5.90 -6.50
N ALA B 260 -46.31 5.20 -6.13
CA ALA B 260 -45.82 5.25 -4.75
C ALA B 260 -45.34 6.65 -4.39
N LEU B 261 -44.66 7.33 -5.33
CA LEU B 261 -44.16 8.67 -5.05
C LEU B 261 -45.29 9.67 -4.86
N ILE B 262 -46.41 9.49 -5.58
CA ILE B 262 -47.52 10.41 -5.45
C ILE B 262 -48.11 10.36 -4.06
N GLN B 263 -48.20 9.16 -3.49
CA GLN B 263 -48.74 9.02 -2.13
C GLN B 263 -47.80 9.60 -1.09
N ILE B 264 -46.49 9.52 -1.34
CA ILE B 264 -45.51 10.02 -0.37
C ILE B 264 -45.59 11.54 -0.26
N LEU B 265 -46.02 12.23 -1.31
CA LEU B 265 -46.07 13.68 -1.27
C LEU B 265 -47.33 14.23 -0.61
N LYS B 266 -48.39 13.42 -0.43
CA LYS B 266 -49.63 13.87 0.16
C LYS B 266 -49.97 13.25 1.51
N GLU B 267 -49.96 11.92 1.60
CA GLU B 267 -50.37 11.27 2.85
C GLU B 267 -49.41 11.50 4.01
N PRO B 268 -48.09 11.36 3.86
CA PRO B 268 -47.20 11.56 5.01
C PRO B 268 -47.27 12.97 5.59
N LYS B 269 -47.10 13.03 6.90
CA LYS B 269 -47.12 14.31 7.61
C LYS B 269 -45.93 15.19 7.21
N ASN B 270 -44.75 14.57 7.08
CA ASN B 270 -43.52 15.26 6.75
C ASN B 270 -43.25 15.34 5.25
N ALA B 271 -44.30 15.25 4.43
CA ALA B 271 -44.12 15.31 3.00
C ALA B 271 -43.62 16.70 2.58
N LEU B 272 -42.91 16.74 1.45
CA LEU B 272 -42.36 18.00 0.97
C LEU B 272 -43.44 19.00 0.62
N THR B 273 -44.60 18.53 0.13
CA THR B 273 -45.68 19.44 -0.21
C THR B 273 -46.14 20.22 1.02
N LYS B 274 -46.25 19.55 2.16
CA LYS B 274 -46.64 20.24 3.39
C LYS B 274 -45.51 21.11 3.90
N GLN B 275 -44.26 20.75 3.60
CA GLN B 275 -43.12 21.55 4.06
C GLN B 275 -43.11 22.91 3.37
N TYR B 276 -43.13 22.92 2.04
CA TYR B 276 -43.14 24.18 1.30
C TYR B 276 -44.40 24.96 1.58
N GLN B 277 -45.52 24.27 1.83
CA GLN B 277 -46.76 24.96 2.16
C GLN B 277 -46.60 25.77 3.42
N ALA B 278 -45.83 25.26 4.39
CA ALA B 278 -45.60 25.97 5.64
C ALA B 278 -44.58 27.08 5.47
N LEU B 279 -43.68 26.95 4.49
CA LEU B 279 -42.69 27.99 4.26
C LEU B 279 -43.35 29.28 3.81
N PHE B 280 -44.41 29.17 3.01
CA PHE B 280 -45.14 30.33 2.52
C PHE B 280 -46.27 30.76 3.45
N ASN B 281 -46.64 29.92 4.42
CA ASN B 281 -47.71 30.31 5.33
C ASN B 281 -47.31 31.53 6.14
N LEU B 282 -46.05 31.60 6.57
CA LEU B 282 -45.59 32.76 7.32
C LEU B 282 -45.58 34.01 6.45
N GLU B 283 -45.38 33.85 5.15
CA GLU B 283 -45.36 34.97 4.21
C GLU B 283 -46.75 35.42 3.79
N GLY B 284 -47.81 34.85 4.35
CA GLY B 284 -49.15 35.24 3.96
C GLY B 284 -49.51 34.83 2.55
N VAL B 285 -48.96 33.72 2.07
CA VAL B 285 -49.18 33.22 0.72
C VAL B 285 -49.46 31.72 0.80
N ASP B 286 -50.45 31.27 0.04
CA ASP B 286 -50.85 29.88 0.01
C ASP B 286 -50.12 29.18 -1.14
N LEU B 287 -50.31 27.86 -1.24
CA LEU B 287 -49.67 27.07 -2.28
C LEU B 287 -50.60 25.92 -2.66
N GLU B 288 -50.44 25.45 -3.90
CA GLU B 288 -51.24 24.37 -4.43
C GLU B 288 -50.39 23.47 -5.31
N PHE B 289 -50.73 22.19 -5.35
CA PHE B 289 -50.03 21.20 -6.17
C PHE B 289 -51.10 20.25 -6.69
N ARG B 290 -51.49 20.44 -7.94
CA ARG B 290 -52.51 19.62 -8.55
C ARG B 290 -51.96 18.22 -8.85
N ASP B 291 -52.88 17.27 -9.02
CA ASP B 291 -52.48 15.89 -9.29
C ASP B 291 -51.74 15.77 -10.62
N GLU B 292 -52.09 16.60 -11.61
CA GLU B 292 -51.43 16.51 -12.90
C GLU B 292 -49.95 16.87 -12.81
N ALA B 293 -49.58 17.70 -11.82
CA ALA B 293 -48.18 18.08 -11.65
C ALA B 293 -47.38 16.98 -10.98
N LEU B 294 -48.00 16.21 -10.08
CA LEU B 294 -47.29 15.15 -9.39
C LEU B 294 -47.00 13.96 -10.31
N ASP B 295 -47.88 13.72 -11.28
CA ASP B 295 -47.66 12.60 -12.20
C ASP B 295 -46.41 12.85 -13.04
N ALA B 296 -46.20 14.08 -13.47
CA ALA B 296 -45.02 14.41 -14.26
C ALA B 296 -43.76 14.37 -13.40
N ILE B 297 -43.87 14.78 -12.13
CA ILE B 297 -42.71 14.80 -11.26
C ILE B 297 -42.23 13.38 -10.97
N ALA B 298 -43.16 12.43 -10.88
CA ALA B 298 -42.77 11.05 -10.60
C ALA B 298 -41.94 10.48 -11.74
N LYS B 299 -42.33 10.75 -12.99
CA LYS B 299 -41.58 10.24 -14.12
C LYS B 299 -40.17 10.83 -14.17
N LYS B 300 -40.02 12.07 -13.72
CA LYS B 300 -38.71 12.72 -13.72
C LYS B 300 -37.81 12.19 -12.61
N ALA B 301 -38.39 11.81 -11.47
CA ALA B 301 -37.60 11.32 -10.36
C ALA B 301 -36.98 9.96 -10.68
N MET B 302 -37.78 9.05 -11.25
CA MET B 302 -37.24 7.73 -11.58
C MET B 302 -36.15 7.83 -12.63
N ALA B 303 -36.22 8.83 -13.50
CA ALA B 303 -35.18 9.01 -14.51
C ALA B 303 -33.83 9.33 -13.88
N ARG B 304 -33.84 10.04 -12.74
CA ARG B 304 -32.60 10.41 -12.08
C ARG B 304 -31.91 9.22 -11.41
N LYS B 305 -32.65 8.16 -11.11
CA LYS B 305 -32.09 6.97 -10.45
C LYS B 305 -31.47 7.34 -9.11
N THR B 306 -32.25 8.08 -8.30
CA THR B 306 -31.81 8.54 -7.00
C THR B 306 -32.80 8.28 -5.87
N GLY B 307 -34.07 8.05 -6.18
CA GLY B 307 -35.05 7.78 -5.15
C GLY B 307 -35.80 9.02 -4.72
N ALA B 308 -36.49 8.89 -3.58
CA ALA B 308 -37.26 10.00 -3.04
C ALA B 308 -36.37 11.16 -2.64
N ARG B 309 -35.12 10.89 -2.26
CA ARG B 309 -34.22 11.96 -1.85
C ARG B 309 -33.86 12.88 -3.01
N GLY B 310 -33.97 12.40 -4.25
CA GLY B 310 -33.68 13.23 -5.40
C GLY B 310 -34.92 13.93 -5.93
N LEU B 311 -35.96 14.02 -5.09
CA LEU B 311 -37.19 14.69 -5.51
C LEU B 311 -37.11 16.20 -5.33
N ARG B 312 -36.36 16.66 -4.33
CA ARG B 312 -36.25 18.10 -4.10
C ARG B 312 -35.58 18.80 -5.28
N SER B 313 -34.73 18.08 -6.02
CA SER B 313 -34.07 18.68 -7.17
C SER B 313 -35.07 19.15 -8.21
N ILE B 314 -36.18 18.43 -8.36
CA ILE B 314 -37.20 18.79 -9.35
C ILE B 314 -38.07 19.92 -8.82
N VAL B 315 -38.38 19.91 -7.52
CA VAL B 315 -39.24 20.93 -6.96
C VAL B 315 -38.52 22.28 -6.89
N GLU B 316 -37.35 22.31 -6.25
CA GLU B 316 -36.62 23.57 -6.11
C GLU B 316 -36.17 24.12 -7.47
N ALA B 317 -35.92 23.24 -8.44
CA ALA B 317 -35.52 23.73 -9.76
C ALA B 317 -36.66 24.44 -10.46
N ALA B 318 -37.91 24.06 -10.17
CA ALA B 318 -39.06 24.68 -10.81
C ALA B 318 -39.48 25.96 -10.09
N LEU B 319 -39.47 25.95 -8.76
CA LEU B 319 -39.88 27.10 -7.97
C LEU B 319 -38.72 28.05 -7.67
N LEU B 320 -37.61 27.94 -8.41
CA LEU B 320 -36.47 28.83 -8.19
C LEU B 320 -36.84 30.27 -8.55
N ASP B 321 -37.47 30.46 -9.69
CA ASP B 321 -37.86 31.79 -10.13
C ASP B 321 -38.87 32.42 -9.17
N THR B 322 -39.86 31.63 -8.75
CA THR B 322 -40.89 32.15 -7.85
C THR B 322 -40.29 32.57 -6.51
N MET B 323 -39.46 31.71 -5.92
CA MET B 323 -38.88 32.03 -4.62
C MET B 323 -37.98 33.27 -4.70
N TYR B 324 -37.24 33.42 -5.79
CA TYR B 324 -36.36 34.57 -5.93
C TYR B 324 -37.15 35.87 -5.99
N ASP B 325 -38.27 35.88 -6.70
CA ASP B 325 -39.10 37.07 -6.87
C ASP B 325 -40.35 37.06 -6.00
N LEU B 326 -40.49 36.10 -5.07
CA LEU B 326 -41.69 36.07 -4.22
C LEU B 326 -41.66 37.18 -3.17
N PRO B 327 -40.64 37.30 -2.31
CA PRO B 327 -40.67 38.38 -1.30
C PRO B 327 -40.79 39.77 -1.90
N SER B 328 -40.14 40.01 -3.03
CA SER B 328 -40.23 41.32 -3.67
C SER B 328 -41.67 41.61 -4.10
N MET B 329 -42.37 40.60 -4.60
CA MET B 329 -43.75 40.76 -5.02
C MET B 329 -44.65 41.04 -3.82
N GLU B 330 -45.71 41.82 -4.07
CA GLU B 330 -46.66 42.20 -3.05
C GLU B 330 -48.08 41.86 -3.50
N ASP B 331 -48.97 41.76 -2.52
CA ASP B 331 -50.38 41.44 -2.74
C ASP B 331 -50.53 40.10 -3.48
N VAL B 332 -49.75 39.11 -3.06
CA VAL B 332 -49.78 37.77 -3.61
C VAL B 332 -50.35 36.86 -2.52
N GLU B 333 -51.52 36.29 -2.77
CA GLU B 333 -52.21 35.45 -1.79
C GLU B 333 -52.23 33.96 -2.11
N LYS B 334 -51.92 33.56 -3.34
CA LYS B 334 -51.94 32.14 -3.67
C LYS B 334 -51.09 31.88 -4.91
N VAL B 335 -50.47 30.70 -4.93
CA VAL B 335 -49.62 30.26 -6.03
C VAL B 335 -50.10 28.90 -6.49
N VAL B 336 -50.18 28.72 -7.81
CA VAL B 336 -50.61 27.48 -8.43
C VAL B 336 -49.52 26.99 -9.37
N ILE B 337 -49.19 25.71 -9.26
CA ILE B 337 -48.15 25.06 -10.07
C ILE B 337 -48.83 24.08 -11.01
N ASP B 338 -48.64 24.28 -12.32
CA ASP B 338 -49.21 23.41 -13.33
C ASP B 338 -48.17 22.41 -13.82
N GLU B 339 -48.63 21.47 -14.64
CA GLU B 339 -47.73 20.45 -15.18
C GLU B 339 -46.68 21.07 -16.09
N SER B 340 -47.06 22.08 -16.87
CA SER B 340 -46.11 22.73 -17.77
C SER B 340 -44.98 23.40 -17.02
N VAL B 341 -45.27 23.91 -15.82
CA VAL B 341 -44.26 24.59 -15.01
C VAL B 341 -43.08 23.67 -14.72
N ILE B 342 -43.36 22.38 -14.50
CA ILE B 342 -42.29 21.43 -14.20
C ILE B 342 -41.36 21.29 -15.40
N ASP B 343 -41.91 21.18 -16.60
CA ASP B 343 -41.08 21.04 -17.78
C ASP B 343 -40.26 22.30 -18.06
N GLY B 344 -40.76 23.46 -17.63
CA GLY B 344 -40.09 24.73 -17.82
C GLY B 344 -40.62 25.55 -18.97
N GLN B 345 -41.58 25.02 -19.74
CA GLN B 345 -42.14 25.75 -20.86
C GLN B 345 -42.95 26.95 -20.39
N SER B 346 -43.69 26.78 -19.29
CA SER B 346 -44.55 27.82 -18.73
C SER B 346 -43.96 28.37 -17.43
N GLU B 347 -44.66 29.36 -16.88
CA GLU B 347 -44.31 30.05 -15.65
C GLU B 347 -45.40 29.82 -14.62
N PRO B 348 -45.06 29.58 -13.34
CA PRO B 348 -46.11 29.35 -12.34
C PRO B 348 -47.06 30.55 -12.21
N LEU B 349 -48.35 30.23 -12.14
CA LEU B 349 -49.38 31.26 -12.01
C LEU B 349 -49.45 31.79 -10.58
N LEU B 350 -49.86 33.05 -10.47
CA LEU B 350 -50.03 33.72 -9.19
C LEU B 350 -51.41 34.35 -9.15
N ILE B 351 -51.94 34.50 -7.94
CA ILE B 351 -53.27 35.06 -7.70
C ILE B 351 -53.13 36.19 -6.71
N TYR B 352 -53.61 37.37 -7.08
CA TYR B 352 -53.57 38.56 -6.23
C TYR B 352 -54.91 38.73 -5.51
N GLY B 353 -54.90 39.60 -4.51
CA GLY B 353 -56.10 39.87 -3.73
C GLY B 353 -56.08 41.24 -3.08
N ALA C 2 -34.58 44.19 9.68
CA ALA C 2 -35.29 43.01 9.19
C ALA C 2 -34.32 42.07 8.47
N LEU C 3 -34.86 41.01 7.89
CA LEU C 3 -34.05 40.03 7.17
C LEU C 3 -33.76 40.53 5.76
N PRO C 4 -32.77 39.95 5.09
CA PRO C 4 -32.45 40.37 3.72
C PRO C 4 -33.42 39.74 2.73
N THR C 5 -33.19 40.00 1.45
CA THR C 5 -34.02 39.48 0.37
C THR C 5 -33.13 39.00 -0.76
N PRO C 6 -33.66 38.18 -1.67
CA PRO C 6 -32.83 37.73 -2.80
C PRO C 6 -32.33 38.87 -3.68
N HIS C 7 -33.14 39.91 -3.86
CA HIS C 7 -32.72 41.04 -4.67
C HIS C 7 -31.60 41.83 -3.99
N GLU C 8 -31.67 41.95 -2.66
CA GLU C 8 -30.65 42.70 -1.94
C GLU C 8 -29.35 41.91 -1.85
N ILE C 9 -29.45 40.61 -1.52
CA ILE C 9 -28.24 39.80 -1.43
C ILE C 9 -27.60 39.61 -2.80
N ARG C 10 -28.41 39.57 -3.85
CA ARG C 10 -27.86 39.41 -5.20
C ARG C 10 -27.17 40.69 -5.65
N ASN C 11 -27.72 41.84 -5.26
CA ASN C 11 -27.10 43.11 -5.63
C ASN C 11 -25.71 43.24 -5.02
N HIS C 12 -25.51 42.63 -3.84
CA HIS C 12 -24.20 42.68 -3.19
C HIS C 12 -23.20 41.79 -3.91
N LEU C 13 -23.62 40.57 -4.28
CA LEU C 13 -22.72 39.66 -4.97
C LEU C 13 -22.36 40.15 -6.36
N ASP C 14 -23.25 40.91 -7.00
CA ASP C 14 -22.96 41.43 -8.32
C ASP C 14 -21.76 42.38 -8.30
N ASP C 15 -21.55 43.05 -7.16
CA ASP C 15 -20.43 43.97 -7.05
C ASP C 15 -19.10 43.23 -7.12
N TYR C 16 -19.06 41.97 -6.66
CA TYR C 16 -17.85 41.17 -6.64
C TYR C 16 -17.83 40.06 -7.69
N VAL C 17 -18.97 39.73 -8.30
CA VAL C 17 -19.07 38.68 -9.30
C VAL C 17 -19.84 39.21 -10.50
N ILE C 18 -19.40 38.82 -11.70
CA ILE C 18 -20.02 39.25 -12.94
C ILE C 18 -20.20 38.05 -13.86
N GLY C 19 -21.27 38.08 -14.64
CA GLY C 19 -21.55 37.05 -15.61
C GLY C 19 -22.01 35.71 -15.09
N GLN C 20 -22.69 35.69 -13.93
CA GLN C 20 -23.22 34.44 -13.37
C GLN C 20 -24.63 34.75 -12.86
N GLU C 21 -25.62 34.52 -13.73
CA GLU C 21 -27.00 34.79 -13.39
C GLU C 21 -27.65 33.65 -12.61
N GLN C 22 -27.59 32.44 -13.17
CA GLN C 22 -28.23 31.30 -12.53
C GLN C 22 -27.56 30.91 -11.23
N ALA C 23 -26.24 31.10 -11.12
CA ALA C 23 -25.55 30.71 -9.90
C ALA C 23 -25.97 31.59 -8.72
N LYS C 24 -26.11 32.89 -8.95
CA LYS C 24 -26.49 33.79 -7.87
C LYS C 24 -27.91 33.51 -7.38
N LYS C 25 -28.79 33.06 -8.26
CA LYS C 25 -30.17 32.79 -7.87
C LYS C 25 -30.26 31.62 -6.90
N VAL C 26 -29.46 30.58 -7.12
CA VAL C 26 -29.52 29.40 -6.26
C VAL C 26 -29.04 29.73 -4.85
N LEU C 27 -27.92 30.44 -4.73
CA LEU C 27 -27.39 30.78 -3.42
C LEU C 27 -28.31 31.73 -2.67
N ALA C 28 -28.96 32.66 -3.37
CA ALA C 28 -29.84 33.61 -2.70
C ALA C 28 -31.05 32.92 -2.11
N VAL C 29 -31.65 31.99 -2.86
CA VAL C 29 -32.82 31.28 -2.36
C VAL C 29 -32.43 30.38 -1.18
N ALA C 30 -31.27 29.74 -1.25
CA ALA C 30 -30.83 28.85 -0.18
C ALA C 30 -30.60 29.64 1.11
N VAL C 31 -29.86 30.74 1.03
CA VAL C 31 -29.59 31.56 2.21
C VAL C 31 -30.89 32.17 2.72
N TYR C 32 -31.72 32.66 1.81
CA TYR C 32 -33.00 33.25 2.21
C TYR C 32 -33.91 32.21 2.83
N ASN C 33 -33.79 30.95 2.41
CA ASN C 33 -34.60 29.87 2.95
C ASN C 33 -34.01 29.30 4.22
N HIS C 34 -32.70 29.45 4.43
CA HIS C 34 -32.09 28.90 5.65
C HIS C 34 -32.59 29.63 6.89
N TYR C 35 -32.77 30.95 6.80
CA TYR C 35 -33.31 31.70 7.94
C TYR C 35 -34.74 31.29 8.24
N LYS C 36 -35.51 30.94 7.19
CA LYS C 36 -36.89 30.53 7.38
C LYS C 36 -37.00 29.20 8.10
N ARG C 37 -36.16 28.24 7.71
CA ARG C 37 -36.20 26.90 8.32
C ARG C 37 -35.86 26.96 9.80
N LEU C 38 -34.76 27.64 10.15
CA LEU C 38 -34.37 27.71 11.55
C LEU C 38 -35.35 28.55 12.37
N ARG C 39 -35.86 29.64 11.79
CA ARG C 39 -36.82 30.47 12.52
C ARG C 39 -38.12 29.72 12.78
N ASN C 40 -38.52 28.86 11.84
CA ASN C 40 -39.73 28.06 11.96
C ASN C 40 -39.50 26.74 12.71
N GLY C 41 -38.28 26.46 13.13
CA GLY C 41 -38.00 25.22 13.82
C GLY C 41 -38.61 25.20 15.21
N ASP C 42 -39.47 24.22 15.47
CA ASP C 42 -40.20 24.01 16.74
C ASP C 42 -41.37 24.96 16.90
N THR C 43 -41.69 25.78 15.89
CA THR C 43 -42.82 26.71 15.94
C THR C 43 -43.81 26.51 14.80
N SER C 44 -43.46 25.71 13.79
CA SER C 44 -44.31 25.43 12.64
C SER C 44 -44.89 24.03 12.76
N ASN C 45 -46.18 23.89 12.44
CA ASN C 45 -46.83 22.59 12.53
C ASN C 45 -46.26 21.61 11.51
N GLY C 46 -45.66 22.10 10.43
CA GLY C 46 -45.03 21.25 9.44
C GLY C 46 -43.65 20.91 9.94
N VAL C 47 -43.59 20.04 10.94
CA VAL C 47 -42.34 19.66 11.59
C VAL C 47 -41.49 18.80 10.67
N GLU C 48 -40.21 18.65 11.03
CA GLU C 48 -39.25 17.88 10.25
C GLU C 48 -39.07 18.49 8.85
N LEU C 49 -38.81 19.80 8.84
CA LEU C 49 -38.59 20.52 7.60
C LEU C 49 -37.43 19.90 6.83
N GLY C 50 -37.59 19.81 5.51
CA GLY C 50 -36.56 19.23 4.69
C GLY C 50 -35.39 20.17 4.52
N LYS C 51 -34.35 19.63 3.89
CA LYS C 51 -33.10 20.35 3.64
C LYS C 51 -32.72 20.16 2.17
N SER C 52 -32.02 21.16 1.63
CA SER C 52 -31.59 21.12 0.24
C SER C 52 -30.23 21.79 0.13
N ASN C 53 -29.20 20.97 0.01
CA ASN C 53 -27.82 21.44 -0.14
C ASN C 53 -27.62 21.91 -1.57
N ILE C 54 -26.42 22.38 -1.88
CA ILE C 54 -26.09 22.91 -3.21
C ILE C 54 -24.79 22.27 -3.68
N LEU C 55 -24.75 21.96 -4.98
CA LEU C 55 -23.58 21.37 -5.64
C LEU C 55 -23.24 22.26 -6.83
N LEU C 56 -22.20 23.08 -6.68
CA LEU C 56 -21.79 23.97 -7.76
C LEU C 56 -20.85 23.24 -8.72
N ILE C 57 -20.94 23.59 -9.99
CA ILE C 57 -20.13 22.99 -11.04
C ILE C 57 -19.87 24.05 -12.11
N GLY C 58 -18.63 24.10 -12.58
CA GLY C 58 -18.26 25.04 -13.61
C GLY C 58 -16.79 24.87 -14.00
N PRO C 59 -16.37 25.51 -15.09
CA PRO C 59 -14.96 25.39 -15.49
C PRO C 59 -14.03 26.11 -14.52
N THR C 60 -12.74 26.03 -14.78
CA THR C 60 -11.76 26.68 -13.93
C THR C 60 -11.84 28.20 -14.07
N GLY C 61 -11.56 28.90 -12.98
CA GLY C 61 -11.59 30.35 -12.99
C GLY C 61 -12.96 30.94 -13.26
N SER C 62 -14.02 30.21 -12.91
CA SER C 62 -15.38 30.68 -13.13
C SER C 62 -15.93 31.51 -11.97
N GLY C 63 -15.34 31.42 -10.80
CA GLY C 63 -15.78 32.15 -9.63
C GLY C 63 -16.36 31.33 -8.51
N LYS C 64 -16.11 30.02 -8.47
CA LYS C 64 -16.65 29.19 -7.41
C LYS C 64 -16.05 29.56 -6.06
N THR C 65 -14.72 29.55 -5.96
CA THR C 65 -14.06 29.91 -4.72
C THR C 65 -14.26 31.37 -4.38
N LEU C 66 -14.51 32.22 -5.39
CA LEU C 66 -14.73 33.64 -5.15
C LEU C 66 -16.07 33.87 -4.46
N LEU C 67 -17.08 33.09 -4.82
CA LEU C 67 -18.40 33.28 -4.22
C LEU C 67 -18.40 32.93 -2.74
N ALA C 68 -17.64 31.91 -2.35
CA ALA C 68 -17.60 31.52 -0.94
C ALA C 68 -16.95 32.60 -0.10
N GLU C 69 -15.92 33.27 -0.64
CA GLU C 69 -15.25 34.33 0.11
C GLU C 69 -16.11 35.57 0.21
N THR C 70 -16.69 35.99 -0.91
CA THR C 70 -17.54 37.18 -0.92
C THR C 70 -18.79 36.97 -0.07
N LEU C 71 -19.28 35.73 0.01
CA LEU C 71 -20.49 35.46 0.78
C LEU C 71 -20.24 35.66 2.27
N ALA C 72 -19.04 35.31 2.75
CA ALA C 72 -18.74 35.47 4.17
C ALA C 72 -18.72 36.94 4.58
N ARG C 73 -18.42 37.85 3.65
CA ARG C 73 -18.37 39.26 3.98
C ARG C 73 -19.73 39.78 4.44
N LEU C 74 -20.79 39.41 3.72
CA LEU C 74 -22.14 39.85 4.03
C LEU C 74 -22.91 38.90 4.93
N LEU C 75 -22.49 37.64 5.02
CA LEU C 75 -23.21 36.67 5.83
C LEU C 75 -22.95 36.89 7.32
N ASP C 76 -24.02 36.78 8.12
CA ASP C 76 -23.96 36.96 9.57
C ASP C 76 -23.60 35.66 10.30
N VAL C 77 -24.29 34.57 9.98
CA VAL C 77 -24.08 33.27 10.62
C VAL C 77 -22.65 32.81 10.31
N PRO C 78 -22.08 31.89 11.09
CA PRO C 78 -20.69 31.47 10.81
C PRO C 78 -20.58 30.75 9.47
N PHE C 79 -19.36 30.77 8.94
CA PHE C 79 -19.03 30.18 7.65
C PHE C 79 -17.59 29.69 7.69
N THR C 80 -17.32 28.63 6.93
CA THR C 80 -15.98 28.03 6.87
C THR C 80 -15.67 27.67 5.43
N MET C 81 -14.40 27.38 5.17
CA MET C 81 -13.90 27.00 3.84
C MET C 81 -12.94 25.83 4.01
N ALA C 82 -13.46 24.62 3.90
CA ALA C 82 -12.68 23.39 4.03
C ALA C 82 -12.38 22.83 2.65
N ASP C 83 -11.69 21.69 2.63
CA ASP C 83 -11.32 21.03 1.37
C ASP C 83 -11.41 19.51 1.49
N ALA C 84 -11.94 18.90 0.44
CA ALA C 84 -12.11 17.46 0.37
C ALA C 84 -10.78 16.72 0.25
N THR C 85 -9.81 17.34 -0.44
CA THR C 85 -8.54 16.68 -0.73
C THR C 85 -7.82 16.22 0.55
N THR C 86 -7.87 17.01 1.61
CA THR C 86 -7.16 16.65 2.83
C THR C 86 -7.92 15.67 3.72
N LEU C 87 -9.20 15.40 3.46
CA LEU C 87 -9.94 14.48 4.31
C LEU C 87 -9.51 13.03 4.07
N THR C 88 -9.66 12.21 5.11
CA THR C 88 -9.34 10.79 5.04
C THR C 88 -10.38 10.00 5.79
N GLU C 89 -10.87 8.92 5.19
CA GLU C 89 -11.89 8.08 5.78
C GLU C 89 -11.32 7.05 6.75
N ALA C 90 -12.15 6.68 7.73
CA ALA C 90 -11.84 5.67 8.75
C ALA C 90 -10.60 5.98 9.57
N GLY C 91 -10.47 7.22 10.02
CA GLY C 91 -9.39 7.63 10.91
C GLY C 91 -7.97 7.27 10.49
N TYR C 92 -7.61 7.61 9.26
CA TYR C 92 -6.29 7.32 8.71
C TYR C 92 -5.36 8.50 8.99
N VAL C 93 -4.17 8.48 8.38
CA VAL C 93 -3.11 9.46 8.61
C VAL C 93 -3.59 10.90 8.50
N GLY C 94 -4.49 11.19 7.55
CA GLY C 94 -4.95 12.55 7.37
C GLY C 94 -6.06 12.93 8.34
N GLU C 95 -6.56 14.15 8.17
CA GLU C 95 -7.61 14.65 9.04
C GLU C 95 -8.92 13.92 8.79
N ASP C 96 -9.79 13.93 9.80
CA ASP C 96 -11.08 13.27 9.73
C ASP C 96 -12.19 14.27 9.42
N VAL C 97 -13.35 13.73 9.07
CA VAL C 97 -14.53 14.53 8.76
C VAL C 97 -14.85 15.50 9.89
N GLU C 98 -14.73 15.02 11.15
CA GLU C 98 -15.02 15.84 12.32
C GLU C 98 -14.23 17.13 12.36
N ASN C 99 -13.06 17.18 11.71
CA ASN C 99 -12.25 18.40 11.73
C ASN C 99 -12.98 19.56 11.06
N ILE C 100 -13.88 19.25 10.12
CA ILE C 100 -14.66 20.31 9.46
C ILE C 100 -15.49 21.07 10.48
N ILE C 101 -16.16 20.34 11.38
CA ILE C 101 -16.97 20.97 12.40
C ILE C 101 -16.10 21.71 13.40
N GLN C 102 -14.91 21.20 13.67
CA GLN C 102 -14.03 21.86 14.63
C GLN C 102 -13.61 23.24 14.14
N LYS C 103 -13.36 23.37 12.83
CA LYS C 103 -12.99 24.67 12.29
C LYS C 103 -14.13 25.66 12.42
N LEU C 104 -15.37 25.17 12.40
CA LEU C 104 -16.52 26.06 12.52
C LEU C 104 -16.58 26.69 13.91
N LEU C 105 -16.22 25.93 14.95
CA LEU C 105 -16.27 26.47 16.30
C LEU C 105 -15.20 27.54 16.53
N GLN C 106 -14.08 27.46 15.80
CA GLN C 106 -13.04 28.46 15.97
C GLN C 106 -13.55 29.84 15.58
N LYS C 107 -14.34 29.91 14.52
CA LYS C 107 -14.94 31.17 14.08
C LYS C 107 -16.17 31.52 14.90
N SER C 108 -16.85 30.51 15.44
CA SER C 108 -18.05 30.70 16.25
C SER C 108 -17.75 30.89 17.73
N ASP C 109 -16.48 30.79 18.14
CA ASP C 109 -16.09 30.95 19.54
C ASP C 109 -16.71 29.87 20.43
N TYR C 110 -16.80 28.65 19.89
CA TYR C 110 -17.32 27.50 20.62
C TYR C 110 -18.79 27.71 21.04
N ASP C 111 -19.56 28.36 20.16
CA ASP C 111 -20.98 28.61 20.41
C ASP C 111 -21.73 27.50 19.67
N VAL C 112 -22.14 26.47 20.43
CA VAL C 112 -22.84 25.34 19.82
C VAL C 112 -24.19 25.77 19.26
N GLN C 113 -24.92 26.60 20.00
CA GLN C 113 -26.22 27.04 19.49
C GLN C 113 -26.05 27.89 18.24
N LYS C 114 -24.94 28.62 18.14
CA LYS C 114 -24.65 29.42 16.96
C LYS C 114 -23.92 28.63 15.88
N ALA C 115 -23.36 27.46 16.24
CA ALA C 115 -22.66 26.63 15.27
C ALA C 115 -23.60 25.76 14.46
N GLN C 116 -24.69 25.29 15.08
CA GLN C 116 -25.63 24.44 14.37
C GLN C 116 -26.32 25.18 13.24
N ARG C 117 -26.50 26.49 13.38
CA ARG C 117 -27.13 27.30 12.36
C ARG C 117 -26.12 27.86 11.34
N GLY C 118 -24.90 27.32 11.30
CA GLY C 118 -23.89 27.82 10.39
C GLY C 118 -23.98 27.18 9.01
N ILE C 119 -23.10 27.65 8.13
CA ILE C 119 -22.99 27.20 6.77
C ILE C 119 -21.60 26.64 6.58
N VAL C 120 -21.47 25.65 5.68
CA VAL C 120 -20.20 25.00 5.40
C VAL C 120 -20.01 24.94 3.90
N TYR C 121 -18.75 25.11 3.48
CA TYR C 121 -18.38 25.10 2.06
C TYR C 121 -17.18 24.18 1.88
N ILE C 122 -17.18 23.47 0.76
CA ILE C 122 -16.13 22.54 0.39
C ILE C 122 -15.69 22.88 -1.03
N ASP C 123 -14.37 22.80 -1.27
CA ASP C 123 -13.80 23.08 -2.57
C ASP C 123 -13.06 21.85 -3.07
N GLN C 124 -12.97 21.73 -4.40
CA GLN C 124 -12.30 20.61 -5.06
C GLN C 124 -12.94 19.29 -4.66
N ILE C 125 -14.25 19.19 -4.87
CA ILE C 125 -14.98 17.97 -4.54
C ILE C 125 -14.69 16.86 -5.53
N ASP C 126 -14.20 17.20 -6.73
CA ASP C 126 -13.90 16.18 -7.75
C ASP C 126 -12.74 15.28 -7.36
N LYS C 127 -11.88 15.71 -6.43
CA LYS C 127 -10.72 14.90 -6.07
C LYS C 127 -11.10 13.57 -5.43
N ILE C 128 -12.28 13.46 -4.83
CA ILE C 128 -12.70 12.22 -4.19
C ILE C 128 -13.50 11.32 -5.13
N SER C 129 -13.74 11.74 -6.36
CA SER C 129 -14.49 10.93 -7.30
C SER C 129 -13.74 9.65 -7.65
N ARG C 130 -14.48 8.56 -7.81
CA ARG C 130 -13.87 7.30 -8.20
C ARG C 130 -13.29 7.42 -9.60
N LYS C 131 -12.07 6.91 -9.77
CA LYS C 131 -11.42 6.99 -11.07
C LYS C 131 -12.21 6.22 -12.12
N SER C 132 -12.71 5.04 -11.76
CA SER C 132 -13.50 4.19 -12.65
C SER C 132 -14.97 4.22 -12.23
N ASP C 133 -15.84 3.93 -13.19
CA ASP C 133 -17.28 3.89 -12.91
C ASP C 133 -17.61 2.81 -11.89
N ASN C 134 -17.05 1.62 -12.06
CA ASN C 134 -17.31 0.52 -11.16
C ASN C 134 -16.57 0.74 -9.84
N PRO C 135 -17.11 0.25 -8.71
CA PRO C 135 -16.44 0.45 -7.43
C PRO C 135 -15.07 -0.21 -7.41
N SER C 136 -14.11 0.49 -6.82
CA SER C 136 -12.74 -0.01 -6.77
C SER C 136 -12.66 -1.33 -6.02
N ILE C 137 -11.91 -2.27 -6.59
CA ILE C 137 -11.75 -3.59 -5.99
C ILE C 137 -11.04 -3.49 -4.65
N THR C 138 -10.00 -2.66 -4.57
CA THR C 138 -9.22 -2.47 -3.37
C THR C 138 -9.67 -1.21 -2.64
N ARG C 139 -9.26 -1.09 -1.39
CA ARG C 139 -9.64 0.04 -0.56
C ARG C 139 -9.00 1.33 -1.06
N ASP C 140 -9.74 2.42 -0.88
CA ASP C 140 -9.31 3.75 -1.28
C ASP C 140 -9.33 4.66 -0.06
N VAL C 141 -8.30 5.50 0.06
CA VAL C 141 -8.13 6.41 1.19
C VAL C 141 -8.56 7.83 0.86
N SER C 142 -8.48 8.21 -0.43
CA SER C 142 -8.79 9.55 -0.88
C SER C 142 -9.92 9.61 -1.91
N GLY C 143 -10.73 8.55 -2.00
CA GLY C 143 -11.81 8.49 -2.96
C GLY C 143 -13.19 8.22 -2.39
N GLU C 144 -13.84 7.17 -2.89
CA GLU C 144 -15.19 6.74 -2.52
C GLU C 144 -15.44 6.75 -1.01
N GLY C 145 -14.45 6.33 -0.22
CA GLY C 145 -14.63 6.29 1.23
C GLY C 145 -15.00 7.64 1.83
N VAL C 146 -14.51 8.73 1.24
CA VAL C 146 -14.85 10.05 1.78
C VAL C 146 -16.33 10.32 1.60
N GLN C 147 -16.88 9.93 0.45
CA GLN C 147 -18.31 10.12 0.21
C GLN C 147 -19.13 9.34 1.22
N GLN C 148 -18.70 8.11 1.54
CA GLN C 148 -19.42 7.28 2.48
C GLN C 148 -19.55 7.94 3.85
N ALA C 149 -18.46 8.55 4.33
CA ALA C 149 -18.49 9.18 5.65
C ALA C 149 -19.33 10.44 5.68
N LEU C 150 -19.54 11.11 4.55
CA LEU C 150 -20.31 12.34 4.51
C LEU C 150 -21.82 12.10 4.48
N LEU C 151 -22.26 10.92 4.04
CA LEU C 151 -23.68 10.60 3.96
C LEU C 151 -24.43 10.93 5.24
N LYS C 152 -24.02 10.30 6.35
CA LYS C 152 -24.68 10.55 7.63
C LYS C 152 -24.45 11.98 8.12
N LEU C 153 -23.41 12.65 7.64
CA LEU C 153 -23.13 14.02 8.06
C LEU C 153 -24.12 14.99 7.45
N ILE C 154 -24.34 14.88 6.13
CA ILE C 154 -25.22 15.82 5.44
C ILE C 154 -26.67 15.63 5.90
N GLU C 155 -27.18 14.39 5.79
CA GLU C 155 -28.55 14.09 6.23
C GLU C 155 -28.80 14.60 7.65
N GLY C 156 -27.89 14.25 8.56
CA GLY C 156 -27.96 14.69 9.94
C GLY C 156 -27.43 13.63 10.91
N THR C 157 -26.41 13.96 11.71
CA THR C 157 -25.87 13.02 12.68
C THR C 157 -25.11 13.74 13.79
N VAL C 158 -24.94 13.06 14.93
CA VAL C 158 -24.19 13.61 16.05
C VAL C 158 -22.70 13.66 15.70
N ALA C 159 -21.98 14.61 16.27
CA ALA C 159 -20.56 14.73 15.98
C ALA C 159 -19.70 14.94 17.23
N ALA C 160 -18.43 14.58 17.14
CA ALA C 160 -17.48 14.72 18.24
C ALA C 160 -16.52 15.85 17.89
N VAL C 161 -16.35 16.79 18.82
CA VAL C 161 -15.50 17.95 18.58
C VAL C 161 -14.61 18.20 19.80
N PRO C 162 -13.29 18.08 19.73
CA PRO C 162 -12.45 18.37 20.90
C PRO C 162 -12.57 19.84 21.27
N PRO C 163 -13.11 20.18 22.45
CA PRO C 163 -13.31 21.62 22.75
C PRO C 163 -12.02 22.44 22.83
N GLN C 164 -11.03 22.01 23.61
CA GLN C 164 -9.80 22.78 23.72
C GLN C 164 -8.62 21.88 24.08
N GLY C 165 -7.50 22.15 23.42
CA GLY C 165 -6.25 21.45 23.66
C GLY C 165 -6.31 19.94 23.52
N GLY C 166 -7.06 19.44 22.54
CA GLY C 166 -7.14 18.01 22.33
C GLY C 166 -7.37 17.64 20.88
N ARG C 167 -7.00 16.40 20.57
CA ARG C 167 -7.20 15.80 19.25
C ARG C 167 -8.21 14.66 19.34
N LYS C 168 -7.98 13.71 20.25
CA LYS C 168 -8.82 12.55 20.48
C LYS C 168 -8.99 12.39 21.99
N GLN C 172 -10.68 14.01 27.10
CA GLN C 172 -11.90 13.31 27.46
C GLN C 172 -13.05 14.31 27.62
N GLU C 173 -13.46 14.90 26.50
CA GLU C 173 -14.55 15.88 26.50
C GLU C 173 -15.06 15.98 25.08
N PHE C 174 -16.35 15.72 24.89
CA PHE C 174 -16.98 15.78 23.57
C PHE C 174 -18.26 16.59 23.63
N LEU C 175 -18.41 17.51 22.67
CA LEU C 175 -19.59 18.35 22.56
C LEU C 175 -20.45 17.83 21.42
N GLN C 176 -21.73 17.58 21.70
CA GLN C 176 -22.62 17.07 20.68
C GLN C 176 -23.18 18.22 19.87
N VAL C 177 -23.19 18.07 18.54
CA VAL C 177 -23.69 19.09 17.62
C VAL C 177 -24.42 18.36 16.50
N ASP C 178 -25.78 18.48 16.40
CA ASP C 178 -26.55 17.87 15.33
C ASP C 178 -26.13 18.49 14.00
N THR C 179 -26.48 17.82 12.90
CA THR C 179 -26.12 18.31 11.57
C THR C 179 -27.27 18.18 10.59
N SER C 180 -28.49 17.93 11.06
CA SER C 180 -29.63 17.83 10.14
C SER C 180 -29.98 19.20 9.56
N LYS C 181 -29.72 20.28 10.29
CA LYS C 181 -30.02 21.62 9.83
C LYS C 181 -28.81 22.36 9.27
N ILE C 182 -27.62 21.80 9.36
CA ILE C 182 -26.43 22.47 8.83
C ILE C 182 -26.42 22.36 7.32
N LEU C 183 -26.09 23.48 6.66
CA LEU C 183 -26.00 23.54 5.22
C LEU C 183 -24.60 23.18 4.75
N PHE C 184 -24.52 22.59 3.56
CA PHE C 184 -23.26 22.22 2.94
C PHE C 184 -23.30 22.70 1.50
N ILE C 185 -22.23 23.38 1.09
CA ILE C 185 -22.13 23.91 -0.27
C ILE C 185 -20.87 23.29 -0.88
N CYS C 186 -21.06 22.19 -1.62
CA CYS C 186 -19.96 21.51 -2.29
C CYS C 186 -19.77 22.09 -3.67
N GLY C 187 -18.52 22.15 -4.11
CA GLY C 187 -18.21 22.67 -5.43
C GLY C 187 -16.89 22.16 -5.93
N GLY C 188 -16.81 21.97 -7.24
CA GLY C 188 -15.59 21.52 -7.88
C GLY C 188 -15.70 21.44 -9.38
N ALA C 189 -14.62 21.78 -10.08
CA ALA C 189 -14.59 21.75 -11.53
C ALA C 189 -14.28 20.32 -11.96
N PHE C 190 -15.32 19.55 -12.24
CA PHE C 190 -15.13 18.16 -12.65
C PHE C 190 -14.46 18.12 -14.02
N ALA C 191 -13.25 17.55 -14.05
CA ALA C 191 -12.49 17.44 -15.28
C ALA C 191 -12.86 16.16 -16.02
N GLY C 192 -13.05 16.28 -17.34
CA GLY C 192 -13.39 15.15 -18.17
C GLY C 192 -14.86 14.81 -18.24
N LEU C 193 -15.72 15.55 -17.53
CA LEU C 193 -17.15 15.26 -17.56
C LEU C 193 -17.77 15.52 -18.93
N ASP C 194 -17.13 16.35 -19.75
CA ASP C 194 -17.68 16.63 -21.08
C ASP C 194 -17.68 15.39 -21.96
N LYS C 195 -16.66 14.54 -21.82
CA LYS C 195 -16.57 13.33 -22.62
C LYS C 195 -17.69 12.36 -22.27
N VAL C 196 -18.05 12.27 -20.99
CA VAL C 196 -19.08 11.34 -20.56
C VAL C 196 -20.44 11.77 -21.08
N ILE C 197 -20.75 13.06 -21.02
CA ILE C 197 -22.05 13.54 -21.47
C ILE C 197 -22.18 13.41 -22.97
N SER C 198 -21.08 13.54 -23.72
CA SER C 198 -21.15 13.44 -25.17
C SER C 198 -21.59 12.04 -25.61
N HIS C 199 -21.01 11.00 -24.99
CA HIS C 199 -21.39 9.63 -25.32
C HIS C 199 -22.88 9.41 -25.06
N ARG C 200 -23.39 9.99 -23.98
CA ARG C 200 -24.78 9.85 -23.58
C ARG C 200 -25.72 10.71 -24.42
N VAL C 201 -25.30 11.88 -24.86
CA VAL C 201 -26.17 12.81 -25.58
C VAL C 201 -26.01 12.71 -27.10
N GLU C 202 -24.78 12.72 -27.60
CA GLU C 202 -24.61 12.63 -29.06
C GLU C 202 -25.09 11.28 -29.58
N THR C 203 -24.60 10.19 -28.99
CA THR C 203 -25.00 8.83 -29.32
C THR C 203 -24.62 8.41 -30.75
N GLY C 204 -23.81 9.18 -31.46
CA GLY C 204 -23.46 8.80 -32.81
C GLY C 204 -22.61 7.54 -32.85
N SER C 205 -21.38 7.65 -32.32
CA SER C 205 -20.42 6.55 -32.22
C SER C 205 -20.39 5.68 -33.47
N GLY C 206 -20.19 6.33 -34.62
CA GLY C 206 -20.17 5.59 -35.87
C GLY C 206 -19.28 6.23 -36.93
N ILE C 207 -18.97 5.42 -37.93
CA ILE C 207 -18.12 5.82 -39.04
C ILE C 207 -18.83 5.74 -40.40
N GLY C 208 -19.85 4.92 -40.53
CA GLY C 208 -20.54 4.71 -41.78
C GLY C 208 -21.34 5.92 -42.27
N PHE C 209 -22.06 5.66 -43.37
CA PHE C 209 -22.86 6.68 -44.02
C PHE C 209 -24.00 7.16 -43.12
N GLY C 210 -24.79 6.22 -42.59
CA GLY C 210 -25.92 6.60 -41.78
C GLY C 210 -25.51 7.29 -40.49
N ALA C 211 -24.41 6.85 -39.89
CA ALA C 211 -23.94 7.47 -38.67
C ALA C 211 -23.50 8.90 -38.94
N THR C 212 -23.78 9.79 -38.00
CA THR C 212 -23.43 11.20 -38.14
C THR C 212 -22.04 11.47 -37.59
N VAL C 213 -21.29 12.31 -38.30
CA VAL C 213 -19.94 12.70 -37.89
C VAL C 213 -19.98 14.21 -37.71
N LYS C 214 -20.08 14.64 -36.45
CA LYS C 214 -20.12 16.06 -36.13
C LYS C 214 -18.88 16.78 -36.64
N ALA C 215 -19.12 17.91 -37.33
CA ALA C 215 -18.03 18.72 -37.86
C ALA C 215 -17.08 19.14 -36.74
N LYS C 216 -15.78 18.96 -36.98
CA LYS C 216 -14.75 19.32 -36.01
C LYS C 216 -14.90 20.75 -35.50
N SER C 217 -14.73 20.90 -34.19
CA SER C 217 -14.74 22.18 -33.47
C SER C 217 -16.06 22.94 -33.50
N ASP C 218 -17.20 22.28 -33.72
CA ASP C 218 -18.51 22.95 -33.63
C ASP C 218 -19.48 22.08 -32.86
N LYS C 219 -19.01 21.50 -31.75
CA LYS C 219 -19.83 20.59 -30.97
C LYS C 219 -19.32 20.53 -29.55
N ALA C 220 -20.19 20.01 -28.67
CA ALA C 220 -19.91 19.82 -27.25
C ALA C 220 -19.37 21.08 -26.59
N SER C 221 -20.09 22.19 -26.78
CA SER C 221 -19.70 23.43 -26.14
C SER C 221 -19.89 23.26 -24.65
N GLU C 222 -18.80 23.44 -23.89
CA GLU C 222 -18.81 23.26 -22.44
C GLU C 222 -19.98 23.98 -21.76
N GLY C 223 -20.28 25.20 -22.20
CA GLY C 223 -21.39 25.92 -21.60
C GLY C 223 -22.73 25.24 -21.82
N GLU C 224 -23.01 24.84 -23.06
CA GLU C 224 -24.26 24.17 -23.38
C GLU C 224 -24.28 22.70 -22.96
N LEU C 225 -23.11 22.11 -22.71
CA LEU C 225 -23.07 20.69 -22.36
C LEU C 225 -23.36 20.46 -20.89
N LEU C 226 -22.82 21.29 -20.00
CA LEU C 226 -23.06 21.11 -18.57
C LEU C 226 -24.53 21.33 -18.23
N ALA C 227 -25.24 22.15 -19.01
CA ALA C 227 -26.65 22.41 -18.74
C ALA C 227 -27.48 21.13 -18.82
N GLN C 228 -27.08 20.19 -19.68
CA GLN C 228 -27.78 18.92 -19.84
C GLN C 228 -27.31 17.86 -18.87
N VAL C 229 -26.62 18.25 -17.80
CA VAL C 229 -26.13 17.26 -16.85
C VAL C 229 -27.28 16.69 -16.02
N GLU C 230 -27.11 15.46 -15.56
CA GLU C 230 -28.08 14.76 -14.74
C GLU C 230 -27.34 13.92 -13.72
N PRO C 231 -28.00 13.43 -12.67
CA PRO C 231 -27.27 12.60 -11.69
C PRO C 231 -26.70 11.33 -12.28
N GLU C 232 -27.38 10.74 -13.27
CA GLU C 232 -26.88 9.52 -13.89
C GLU C 232 -25.52 9.75 -14.56
N ASP C 233 -25.27 10.96 -15.04
CA ASP C 233 -23.99 11.27 -15.68
C ASP C 233 -22.86 11.20 -14.67
N LEU C 234 -23.09 11.68 -13.44
CA LEU C 234 -22.07 11.67 -12.42
C LEU C 234 -21.73 10.27 -11.96
N ILE C 235 -22.63 9.30 -12.13
CA ILE C 235 -22.33 7.93 -11.72
C ILE C 235 -21.21 7.37 -12.59
N LYS C 236 -21.26 7.64 -13.89
CA LYS C 236 -20.20 7.20 -14.78
C LYS C 236 -18.91 7.94 -14.50
N PHE C 237 -19.00 9.14 -13.91
CA PHE C 237 -17.81 9.90 -13.57
C PHE C 237 -17.07 9.24 -12.41
N GLY C 238 -17.82 8.67 -11.45
CA GLY C 238 -17.24 8.02 -10.30
C GLY C 238 -18.00 8.24 -9.01
N LEU C 239 -18.84 9.27 -8.95
CA LEU C 239 -19.60 9.52 -7.74
C LEU C 239 -20.64 8.43 -7.52
N ILE C 240 -20.99 8.21 -6.25
CA ILE C 240 -21.95 7.18 -5.88
C ILE C 240 -23.34 7.82 -5.86
N PRO C 241 -24.41 7.11 -6.24
CA PRO C 241 -25.74 7.75 -6.19
C PRO C 241 -26.17 8.15 -4.80
N GLU C 242 -25.74 7.41 -3.77
CA GLU C 242 -26.11 7.75 -2.41
C GLU C 242 -25.59 9.11 -2.00
N PHE C 243 -24.43 9.52 -2.54
CA PHE C 243 -23.89 10.83 -2.20
C PHE C 243 -24.64 11.95 -2.91
N ILE C 244 -24.95 11.74 -4.19
CA ILE C 244 -25.64 12.78 -4.95
C ILE C 244 -27.07 12.96 -4.43
N GLY C 245 -27.67 11.90 -3.89
CA GLY C 245 -29.01 12.04 -3.34
C GLY C 245 -29.05 13.00 -2.18
N ARG C 246 -27.94 13.16 -1.46
CA ARG C 246 -27.89 14.11 -0.35
C ARG C 246 -27.86 15.54 -0.83
N LEU C 247 -27.48 15.78 -2.09
CA LEU C 247 -27.41 17.12 -2.69
C LEU C 247 -28.37 17.17 -3.87
N PRO C 248 -29.66 17.46 -3.63
CA PRO C 248 -30.60 17.52 -4.77
C PRO C 248 -30.33 18.66 -5.72
N VAL C 249 -30.08 19.87 -5.21
CA VAL C 249 -29.89 21.02 -6.07
C VAL C 249 -28.55 20.92 -6.80
N VAL C 250 -28.56 21.39 -8.04
CA VAL C 250 -27.39 21.41 -8.92
C VAL C 250 -27.38 22.73 -9.65
N ALA C 251 -26.19 23.32 -9.79
CA ALA C 251 -26.04 24.60 -10.48
C ALA C 251 -25.02 24.44 -11.60
N THR C 252 -25.42 24.83 -12.80
CA THR C 252 -24.60 24.74 -14.01
C THR C 252 -24.13 26.15 -14.36
N LEU C 253 -22.82 26.36 -14.30
CA LEU C 253 -22.25 27.66 -14.62
C LEU C 253 -21.86 27.69 -16.10
N ASN C 254 -21.39 28.85 -16.55
CA ASN C 254 -20.99 29.06 -17.93
C ASN C 254 -19.56 29.53 -18.00
N GLU C 255 -18.93 29.28 -19.13
CA GLU C 255 -17.55 29.72 -19.33
C GLU C 255 -17.53 31.22 -19.57
N LEU C 256 -16.42 31.85 -19.18
CA LEU C 256 -16.31 33.30 -19.30
C LEU C 256 -16.41 33.76 -20.75
N SER C 257 -17.35 34.66 -21.00
CA SER C 257 -17.53 35.25 -22.31
C SER C 257 -16.46 36.32 -22.55
N GLU C 258 -16.17 36.57 -23.83
CA GLU C 258 -15.20 37.60 -24.16
C GLU C 258 -15.64 38.96 -23.62
N GLU C 259 -16.92 39.28 -23.75
CA GLU C 259 -17.44 40.54 -23.23
C GLU C 259 -17.40 40.56 -21.71
N ALA C 260 -17.52 39.39 -21.07
CA ALA C 260 -17.51 39.34 -19.61
C ALA C 260 -16.15 39.74 -19.06
N LEU C 261 -15.07 39.31 -19.71
CA LEU C 261 -13.74 39.64 -19.23
C LEU C 261 -13.48 41.14 -19.25
N ILE C 262 -14.06 41.85 -20.21
CA ILE C 262 -13.88 43.29 -20.26
C ILE C 262 -14.57 43.95 -19.07
N GLN C 263 -15.73 43.42 -18.68
CA GLN C 263 -16.46 43.96 -17.54
C GLN C 263 -15.82 43.58 -16.22
N ILE C 264 -15.18 42.41 -16.15
CA ILE C 264 -14.57 41.96 -14.91
C ILE C 264 -13.39 42.85 -14.51
N LEU C 265 -12.74 43.47 -15.48
CA LEU C 265 -11.61 44.35 -15.20
C LEU C 265 -12.01 45.77 -14.84
N LYS C 266 -13.25 46.16 -15.13
CA LYS C 266 -13.73 47.53 -14.89
C LYS C 266 -14.80 47.64 -13.82
N GLU C 267 -15.89 46.86 -13.93
CA GLU C 267 -16.99 47.00 -12.99
C GLU C 267 -16.66 46.55 -11.57
N PRO C 268 -16.04 45.39 -11.33
CA PRO C 268 -15.77 45.00 -9.95
C PRO C 268 -14.78 45.93 -9.25
N LYS C 269 -14.83 45.90 -7.92
CA LYS C 269 -13.94 46.72 -7.10
C LYS C 269 -12.57 46.08 -6.95
N ASN C 270 -12.50 44.74 -6.88
CA ASN C 270 -11.26 44.01 -6.71
C ASN C 270 -10.66 43.55 -8.03
N ALA C 271 -10.94 44.27 -9.12
CA ALA C 271 -10.41 43.88 -10.41
C ALA C 271 -8.90 44.06 -10.45
N LEU C 272 -8.26 43.36 -11.37
CA LEU C 272 -6.80 43.42 -11.49
C LEU C 272 -6.35 44.82 -11.88
N THR C 273 -7.13 45.50 -12.73
CA THR C 273 -6.76 46.86 -13.13
C THR C 273 -6.72 47.78 -11.91
N LYS C 274 -7.68 47.64 -11.00
CA LYS C 274 -7.69 48.46 -9.80
C LYS C 274 -6.58 48.04 -8.84
N GLN C 275 -6.20 46.77 -8.87
CA GLN C 275 -5.13 46.30 -8.00
C GLN C 275 -3.79 46.91 -8.40
N TYR C 276 -3.45 46.82 -9.68
CA TYR C 276 -2.19 47.39 -10.15
C TYR C 276 -2.19 48.91 -10.01
N GLN C 277 -3.36 49.55 -10.16
CA GLN C 277 -3.44 50.99 -9.99
C GLN C 277 -3.04 51.39 -8.58
N ALA C 278 -3.45 50.58 -7.60
CA ALA C 278 -3.08 50.85 -6.21
C ALA C 278 -1.64 50.49 -5.95
N LEU C 279 -1.09 49.54 -6.71
CA LEU C 279 0.31 49.16 -6.53
C LEU C 279 1.23 50.31 -6.89
N PHE C 280 0.87 51.09 -7.91
CA PHE C 280 1.64 52.24 -8.35
C PHE C 280 1.21 53.52 -7.66
N ASN C 281 0.04 53.53 -7.01
CA ASN C 281 -0.41 54.74 -6.33
C ASN C 281 0.53 55.12 -5.19
N LEU C 282 1.04 54.12 -4.47
CA LEU C 282 1.98 54.42 -3.39
C LEU C 282 3.32 54.90 -3.95
N GLU C 283 3.64 54.52 -5.19
CA GLU C 283 4.87 54.93 -5.86
C GLU C 283 4.77 56.32 -6.47
N GLY C 284 3.67 57.04 -6.26
CA GLY C 284 3.53 58.36 -6.86
C GLY C 284 3.40 58.30 -8.36
N VAL C 285 2.81 57.23 -8.90
CA VAL C 285 2.65 57.02 -10.33
C VAL C 285 1.23 56.55 -10.59
N ASP C 286 0.60 57.10 -11.62
CA ASP C 286 -0.76 56.74 -12.00
C ASP C 286 -0.70 55.60 -13.01
N LEU C 287 -1.87 55.21 -13.53
CA LEU C 287 -1.94 54.14 -14.51
C LEU C 287 -3.19 54.33 -15.35
N GLU C 288 -3.16 53.79 -16.56
CA GLU C 288 -4.28 53.89 -17.50
C GLU C 288 -4.44 52.58 -18.25
N PHE C 289 -5.69 52.27 -18.57
CA PHE C 289 -6.04 51.05 -19.30
C PHE C 289 -7.18 51.41 -20.25
N ARG C 290 -6.83 51.65 -21.51
CA ARG C 290 -7.83 52.02 -22.51
C ARG C 290 -8.62 50.80 -22.96
N ASP C 291 -9.81 51.05 -23.50
CA ASP C 291 -10.68 49.98 -23.95
C ASP C 291 -10.08 49.23 -25.13
N GLU C 292 -9.22 49.88 -25.91
CA GLU C 292 -8.61 49.22 -27.06
C GLU C 292 -7.69 48.08 -26.63
N ALA C 293 -7.19 48.10 -25.39
CA ALA C 293 -6.32 47.06 -24.88
C ALA C 293 -7.08 45.94 -24.19
N LEU C 294 -8.21 46.26 -23.58
CA LEU C 294 -9.00 45.24 -22.88
C LEU C 294 -9.58 44.22 -23.85
N ASP C 295 -10.20 44.68 -24.93
CA ASP C 295 -10.81 43.77 -25.90
C ASP C 295 -9.75 42.87 -26.55
N ALA C 296 -8.53 43.37 -26.71
CA ALA C 296 -7.48 42.55 -27.31
C ALA C 296 -7.01 41.47 -26.34
N ILE C 297 -6.99 41.78 -25.05
CA ILE C 297 -6.57 40.82 -24.03
C ILE C 297 -7.56 39.67 -23.95
N ALA C 298 -8.84 39.92 -24.24
CA ALA C 298 -9.84 38.88 -24.13
C ALA C 298 -9.57 37.72 -25.08
N LYS C 299 -9.12 38.02 -26.30
CA LYS C 299 -8.85 36.95 -27.25
C LYS C 299 -7.66 36.10 -26.80
N LYS C 300 -6.67 36.73 -26.16
CA LYS C 300 -5.52 35.98 -25.67
C LYS C 300 -5.89 35.09 -24.51
N ALA C 301 -6.69 35.60 -23.58
CA ALA C 301 -7.09 34.83 -22.40
C ALA C 301 -7.90 33.59 -22.79
N MET C 302 -8.89 33.76 -23.67
CA MET C 302 -9.72 32.64 -24.07
C MET C 302 -8.91 31.56 -24.77
N ALA C 303 -7.84 31.93 -25.47
CA ALA C 303 -7.01 30.95 -26.14
C ALA C 303 -6.32 30.04 -25.13
N ARG C 304 -6.01 30.57 -23.94
CA ARG C 304 -5.34 29.77 -22.92
C ARG C 304 -6.27 28.71 -22.34
N LYS C 305 -7.58 28.96 -22.36
CA LYS C 305 -8.57 28.02 -21.82
C LYS C 305 -8.32 27.73 -20.34
N THR C 306 -7.79 28.70 -19.61
CA THR C 306 -7.50 28.57 -18.19
C THR C 306 -8.52 29.28 -17.30
N GLY C 307 -9.19 30.31 -17.82
CA GLY C 307 -10.17 31.06 -17.07
C GLY C 307 -9.68 32.45 -16.74
N ALA C 308 -10.42 33.10 -15.83
CA ALA C 308 -10.08 34.44 -15.41
C ALA C 308 -8.72 34.50 -14.73
N ARG C 309 -8.31 33.41 -14.08
CA ARG C 309 -7.02 33.39 -13.39
C ARG C 309 -5.84 33.39 -14.36
N GLY C 310 -6.06 33.10 -15.63
CA GLY C 310 -4.99 33.10 -16.61
C GLY C 310 -4.81 34.45 -17.29
N LEU C 311 -5.26 35.52 -16.62
CA LEU C 311 -5.15 36.86 -17.16
C LEU C 311 -3.86 37.55 -16.75
N ARG C 312 -3.36 37.25 -15.55
CA ARG C 312 -2.14 37.88 -15.07
C ARG C 312 -0.96 37.56 -15.98
N SER C 313 -0.96 36.38 -16.61
CA SER C 313 0.13 36.02 -17.51
C SER C 313 0.20 36.97 -18.70
N ILE C 314 -0.94 37.47 -19.15
CA ILE C 314 -0.97 38.40 -20.28
C ILE C 314 -0.55 39.79 -19.82
N VAL C 315 -0.91 40.16 -18.60
CA VAL C 315 -0.58 41.48 -18.09
C VAL C 315 0.86 41.56 -17.61
N GLU C 316 1.27 40.66 -16.72
CA GLU C 316 2.62 40.72 -16.17
C GLU C 316 3.68 40.47 -17.24
N ALA C 317 3.37 39.66 -18.26
CA ALA C 317 4.35 39.44 -19.31
C ALA C 317 4.58 40.72 -20.12
N ALA C 318 3.57 41.58 -20.21
CA ALA C 318 3.68 42.83 -20.95
C ALA C 318 4.39 43.91 -20.12
N LEU C 319 4.05 44.02 -18.84
CA LEU C 319 4.62 45.03 -17.96
C LEU C 319 5.86 44.55 -17.23
N LEU C 320 6.49 43.47 -17.70
CA LEU C 320 7.71 42.98 -17.06
C LEU C 320 8.84 44.00 -17.19
N ASP C 321 9.16 44.38 -18.42
CA ASP C 321 10.21 45.35 -18.68
C ASP C 321 9.91 46.69 -18.00
N THR C 322 8.64 47.11 -18.05
CA THR C 322 8.24 48.39 -17.48
C THR C 322 8.44 48.41 -15.97
N MET C 323 7.95 47.39 -15.28
CA MET C 323 8.09 47.35 -13.83
C MET C 323 9.55 47.20 -13.41
N TYR C 324 10.34 46.45 -14.19
CA TYR C 324 11.75 46.24 -13.85
C TYR C 324 12.54 47.54 -13.90
N ASP C 325 12.13 48.50 -14.74
CA ASP C 325 12.84 49.77 -14.90
C ASP C 325 12.14 50.97 -14.28
N LEU C 326 10.85 50.86 -13.96
CA LEU C 326 10.13 52.01 -13.39
C LEU C 326 10.72 52.51 -12.07
N PRO C 327 11.05 51.67 -11.10
CA PRO C 327 11.60 52.20 -9.84
C PRO C 327 12.88 52.98 -10.02
N SER C 328 13.78 52.52 -10.88
CA SER C 328 15.02 53.24 -11.11
C SER C 328 14.75 54.60 -11.74
N MET C 329 13.77 54.67 -12.63
CA MET C 329 13.42 55.92 -13.27
C MET C 329 12.85 56.91 -12.26
N GLU C 330 13.05 58.19 -12.53
CA GLU C 330 12.59 59.27 -11.67
C GLU C 330 11.76 60.26 -12.48
N ASP C 331 10.95 61.03 -11.77
CA ASP C 331 10.08 62.04 -12.38
C ASP C 331 9.09 61.40 -13.35
N VAL C 332 8.54 60.25 -12.96
CA VAL C 332 7.54 59.53 -13.74
C VAL C 332 6.22 59.62 -12.98
N GLU C 333 5.22 60.27 -13.59
CA GLU C 333 3.92 60.49 -12.97
C GLU C 333 2.77 59.67 -13.55
N LYS C 334 2.87 59.21 -14.79
CA LYS C 334 1.78 58.44 -15.39
C LYS C 334 2.31 57.50 -16.46
N VAL C 335 1.64 56.36 -16.58
CA VAL C 335 1.99 55.31 -17.54
C VAL C 335 0.75 54.97 -18.35
N VAL C 336 0.92 54.80 -19.65
CA VAL C 336 -0.16 54.45 -20.57
C VAL C 336 0.23 53.19 -21.32
N ILE C 337 -0.70 52.24 -21.42
CA ILE C 337 -0.49 50.96 -22.07
C ILE C 337 -1.51 50.84 -23.20
N ASP C 338 -1.08 51.07 -24.44
CA ASP C 338 -1.99 50.96 -25.57
C ASP C 338 -2.11 49.51 -26.02
N GLU C 339 -3.00 49.28 -26.98
CA GLU C 339 -3.25 47.93 -27.49
C GLU C 339 -1.99 47.30 -28.08
N SER C 340 -1.17 48.09 -28.79
CA SER C 340 0.04 47.56 -29.40
C SER C 340 0.96 46.89 -28.39
N VAL C 341 1.11 47.50 -27.21
CA VAL C 341 1.96 46.96 -26.16
C VAL C 341 1.60 45.51 -25.85
N ILE C 342 0.31 45.20 -25.86
CA ILE C 342 -0.14 43.84 -25.56
C ILE C 342 0.40 42.87 -26.61
N ASP C 343 0.35 43.25 -27.88
CA ASP C 343 0.85 42.38 -28.94
C ASP C 343 2.36 42.21 -28.89
N GLY C 344 3.08 43.18 -28.32
CA GLY C 344 4.52 43.12 -28.21
C GLY C 344 5.29 43.85 -29.29
N GLN C 345 4.61 44.56 -30.18
CA GLN C 345 5.24 45.30 -31.27
C GLN C 345 5.57 46.74 -30.90
N SER C 346 5.26 47.18 -29.68
CA SER C 346 5.52 48.55 -29.25
C SER C 346 5.89 48.53 -27.77
N GLU C 347 6.25 49.72 -27.27
CA GLU C 347 6.65 49.94 -25.89
C GLU C 347 5.68 50.91 -25.21
N PRO C 348 5.33 50.70 -23.94
CA PRO C 348 4.37 51.61 -23.30
C PRO C 348 4.89 53.04 -23.19
N LEU C 349 4.00 53.98 -23.49
CA LEU C 349 4.33 55.40 -23.41
C LEU C 349 4.41 55.83 -21.95
N LEU C 350 5.37 56.70 -21.66
CA LEU C 350 5.62 57.21 -20.32
C LEU C 350 5.47 58.72 -20.30
N ILE C 351 4.91 59.22 -19.21
CA ILE C 351 4.66 60.65 -19.02
C ILE C 351 5.50 61.11 -17.84
N TYR C 352 6.29 62.16 -18.04
CA TYR C 352 7.16 62.72 -17.01
C TYR C 352 6.58 64.04 -16.52
N GLY C 353 6.95 64.40 -15.29
CA GLY C 353 6.48 65.63 -14.68
C GLY C 353 7.30 66.83 -15.11
N SER D 1 13.59 54.05 5.32
CA SER D 1 13.11 52.75 4.87
C SER D 1 13.12 52.68 3.34
N ALA D 2 14.33 52.66 2.76
CA ALA D 2 14.50 52.60 1.32
C ALA D 2 14.76 51.15 0.93
N LEU D 3 13.84 50.57 0.18
CA LEU D 3 13.96 49.19 -0.27
C LEU D 3 14.85 49.11 -1.51
N PRO D 4 15.43 47.95 -1.79
CA PRO D 4 16.25 47.82 -3.00
C PRO D 4 15.40 47.95 -4.26
N THR D 5 16.09 48.09 -5.39
CA THR D 5 15.48 48.21 -6.70
C THR D 5 15.83 47.00 -7.56
N PRO D 6 15.12 46.79 -8.67
CA PRO D 6 15.46 45.64 -9.53
C PRO D 6 16.87 45.69 -10.07
N HIS D 7 17.35 46.89 -10.44
CA HIS D 7 18.70 47.02 -10.97
C HIS D 7 19.75 46.64 -9.93
N GLU D 8 19.48 46.89 -8.65
CA GLU D 8 20.46 46.57 -7.61
C GLU D 8 20.51 45.08 -7.34
N ILE D 9 19.35 44.44 -7.18
CA ILE D 9 19.32 43.01 -6.92
C ILE D 9 19.78 42.23 -8.14
N ARG D 10 19.53 42.76 -9.34
CA ARG D 10 19.98 42.07 -10.55
C ARG D 10 21.50 42.06 -10.62
N ASN D 11 22.14 43.12 -10.12
CA ASN D 11 23.59 43.17 -10.10
C ASN D 11 24.15 42.06 -9.21
N HIS D 12 23.44 41.74 -8.13
CA HIS D 12 23.88 40.67 -7.24
C HIS D 12 23.78 39.32 -7.92
N LEU D 13 22.61 39.02 -8.49
CA LEU D 13 22.43 37.74 -9.16
C LEU D 13 23.30 37.64 -10.42
N ASP D 14 23.61 38.78 -11.05
CA ASP D 14 24.46 38.75 -12.23
C ASP D 14 25.87 38.29 -11.86
N ASP D 15 26.29 38.56 -10.62
CA ASP D 15 27.61 38.12 -10.18
C ASP D 15 27.69 36.60 -10.08
N TYR D 16 26.55 35.94 -9.86
CA TYR D 16 26.49 34.49 -9.72
C TYR D 16 25.87 33.78 -10.91
N VAL D 17 25.18 34.51 -11.80
CA VAL D 17 24.54 33.91 -12.97
C VAL D 17 24.88 34.75 -14.19
N ILE D 18 24.96 34.07 -15.34
CA ILE D 18 25.30 34.71 -16.61
C ILE D 18 24.36 34.20 -17.70
N GLY D 19 23.98 35.09 -18.60
CA GLY D 19 23.12 34.74 -19.72
C GLY D 19 21.71 34.35 -19.36
N GLN D 20 21.13 34.97 -18.34
CA GLN D 20 19.76 34.71 -17.91
C GLN D 20 19.03 36.03 -17.69
N GLU D 21 19.19 36.95 -18.65
CA GLU D 21 18.57 38.27 -18.54
C GLU D 21 17.06 38.18 -18.51
N GLN D 22 16.48 37.23 -19.26
CA GLN D 22 15.03 37.10 -19.29
C GLN D 22 14.50 36.55 -17.97
N ALA D 23 15.20 35.59 -17.37
CA ALA D 23 14.74 34.99 -16.13
C ALA D 23 14.98 35.90 -14.93
N LYS D 24 16.09 36.65 -14.92
CA LYS D 24 16.38 37.51 -13.79
C LYS D 24 15.38 38.64 -13.64
N LYS D 25 14.82 39.13 -14.76
CA LYS D 25 13.85 40.21 -14.68
C LYS D 25 12.58 39.77 -13.94
N VAL D 26 12.16 38.52 -14.15
CA VAL D 26 10.94 38.03 -13.51
C VAL D 26 11.13 37.95 -12.00
N LEU D 27 12.24 37.38 -11.56
CA LEU D 27 12.49 37.26 -10.12
C LEU D 27 12.63 38.63 -9.47
N ALA D 28 13.18 39.59 -10.22
CA ALA D 28 13.36 40.93 -9.68
C ALA D 28 12.02 41.62 -9.47
N VAL D 29 11.13 41.52 -10.45
CA VAL D 29 9.83 42.19 -10.35
C VAL D 29 8.99 41.53 -9.25
N ALA D 30 9.05 40.21 -9.14
CA ALA D 30 8.26 39.52 -8.13
C ALA D 30 8.75 39.87 -6.73
N VAL D 31 10.06 39.78 -6.50
CA VAL D 31 10.62 40.11 -5.19
C VAL D 31 10.37 41.57 -4.87
N TYR D 32 10.50 42.44 -5.87
CA TYR D 32 10.25 43.86 -5.68
C TYR D 32 8.80 44.11 -5.28
N ASN D 33 7.87 43.55 -6.06
CA ASN D 33 6.45 43.73 -5.80
C ASN D 33 6.00 42.98 -4.56
N HIS D 34 6.73 41.93 -4.15
CA HIS D 34 6.33 41.20 -2.95
C HIS D 34 6.42 42.08 -1.71
N TYR D 35 7.43 42.95 -1.65
CA TYR D 35 7.57 43.85 -0.52
C TYR D 35 6.46 44.89 -0.51
N LYS D 36 5.96 45.28 -1.68
CA LYS D 36 4.90 46.28 -1.75
C LYS D 36 3.62 45.73 -1.15
N ARG D 37 3.24 44.51 -1.53
CA ARG D 37 2.03 43.90 -0.96
C ARG D 37 2.20 43.66 0.53
N LEU D 38 3.44 43.45 0.98
CA LEU D 38 3.72 43.25 2.39
C LEU D 38 3.68 44.57 3.14
N ARG D 39 4.22 45.63 2.52
CA ARG D 39 4.24 46.95 3.14
C ARG D 39 2.84 47.39 3.54
N ASN D 40 1.85 47.10 2.72
CA ASN D 40 0.48 47.49 3.02
C ASN D 40 -0.02 46.77 4.28
N GLY D 41 -0.73 47.51 5.12
CA GLY D 41 -1.31 47.00 6.34
C GLY D 41 -2.81 47.24 6.34
N ASP D 42 -3.42 47.11 5.16
CA ASP D 42 -4.84 47.35 4.93
C ASP D 42 -5.19 48.82 5.07
N THR D 43 -4.23 49.68 4.73
CA THR D 43 -4.38 51.13 4.77
C THR D 43 -4.58 51.73 3.39
N SER D 44 -4.86 50.91 2.38
CA SER D 44 -5.04 51.33 1.00
C SER D 44 -6.45 50.98 0.53
N ASN D 45 -6.92 51.75 -0.44
CA ASN D 45 -8.27 51.53 -0.97
C ASN D 45 -8.37 50.15 -1.62
N GLY D 46 -7.35 49.74 -2.36
CA GLY D 46 -7.36 48.44 -3.01
C GLY D 46 -7.47 47.31 -2.01
N VAL D 47 -8.34 46.35 -2.31
CA VAL D 47 -8.57 45.18 -1.47
C VAL D 47 -8.32 43.93 -2.30
N GLU D 48 -7.98 42.84 -1.61
CA GLU D 48 -7.71 41.55 -2.25
C GLU D 48 -6.66 41.70 -3.36
N LEU D 49 -5.59 42.44 -3.03
CA LEU D 49 -4.48 42.66 -3.94
C LEU D 49 -4.05 41.33 -4.58
N GLY D 50 -3.76 41.37 -5.87
CA GLY D 50 -3.42 40.16 -6.58
C GLY D 50 -2.04 39.63 -6.24
N LYS D 51 -1.88 38.34 -6.54
CA LYS D 51 -0.65 37.61 -6.36
C LYS D 51 -0.21 37.09 -7.73
N SER D 52 1.10 36.89 -7.90
CA SER D 52 1.63 36.41 -9.17
C SER D 52 2.81 35.49 -8.89
N ASN D 53 2.57 34.19 -8.95
CA ASN D 53 3.64 33.21 -8.76
C ASN D 53 4.52 33.18 -9.99
N ILE D 54 5.56 32.35 -9.96
CA ILE D 54 6.49 32.22 -11.07
C ILE D 54 6.69 30.74 -11.38
N LEU D 55 6.85 30.42 -12.66
CA LEU D 55 7.09 29.06 -13.14
C LEU D 55 8.37 29.10 -13.97
N LEU D 56 9.48 28.64 -13.40
CA LEU D 56 10.75 28.63 -14.12
C LEU D 56 10.88 27.35 -14.94
N ILE D 57 11.26 27.49 -16.19
CA ILE D 57 11.46 26.37 -17.11
C ILE D 57 12.79 26.59 -17.82
N GLY D 58 13.60 25.55 -17.88
CA GLY D 58 14.86 25.63 -18.56
C GLY D 58 15.48 24.27 -18.82
N PRO D 59 16.58 24.23 -19.58
CA PRO D 59 17.24 22.95 -19.83
C PRO D 59 17.94 22.43 -18.58
N THR D 60 18.59 21.28 -18.70
CA THR D 60 19.30 20.71 -17.56
C THR D 60 20.56 21.49 -17.28
N GLY D 61 20.83 21.72 -16.00
CA GLY D 61 22.03 22.42 -15.58
C GLY D 61 22.14 23.85 -16.05
N SER D 62 21.03 24.49 -16.42
CA SER D 62 21.08 25.86 -16.89
C SER D 62 21.20 26.88 -15.76
N GLY D 63 20.99 26.49 -14.52
CA GLY D 63 21.10 27.37 -13.38
C GLY D 63 19.81 27.70 -12.65
N LYS D 64 18.77 26.89 -12.78
CA LYS D 64 17.51 27.16 -12.09
C LYS D 64 17.68 27.07 -10.58
N THR D 65 18.23 25.95 -10.10
CA THR D 65 18.43 25.76 -8.67
C THR D 65 19.43 26.76 -8.11
N LEU D 66 20.36 27.25 -8.93
CA LEU D 66 21.36 28.19 -8.44
C LEU D 66 20.76 29.56 -8.19
N LEU D 67 19.77 29.96 -8.98
CA LEU D 67 19.15 31.27 -8.77
C LEU D 67 18.45 31.35 -7.43
N ALA D 68 17.71 30.30 -7.08
CA ALA D 68 16.99 30.29 -5.81
C ALA D 68 17.94 30.26 -4.62
N GLU D 69 19.11 29.63 -4.77
CA GLU D 69 20.04 29.52 -3.67
C GLU D 69 20.71 30.87 -3.38
N THR D 70 21.24 31.51 -4.41
CA THR D 70 21.89 32.80 -4.21
C THR D 70 20.89 33.88 -3.80
N LEU D 71 19.62 33.72 -4.20
CA LEU D 71 18.61 34.70 -3.85
C LEU D 71 18.40 34.78 -2.34
N ALA D 72 18.43 33.63 -1.66
CA ALA D 72 18.19 33.60 -0.23
C ALA D 72 19.25 34.34 0.57
N ARG D 73 20.47 34.46 0.03
CA ARG D 73 21.52 35.15 0.77
C ARG D 73 21.20 36.62 0.96
N LEU D 74 21.02 37.35 -0.14
CA LEU D 74 20.69 38.76 -0.07
C LEU D 74 19.27 39.02 0.39
N LEU D 75 18.43 37.99 0.51
CA LEU D 75 17.05 38.17 0.92
C LEU D 75 16.92 38.30 2.43
N ASP D 76 16.20 39.33 2.87
CA ASP D 76 15.97 39.53 4.30
C ASP D 76 14.86 38.59 4.80
N VAL D 77 13.73 38.56 4.10
CA VAL D 77 12.60 37.70 4.45
C VAL D 77 13.06 36.24 4.34
N PRO D 78 12.41 35.30 5.02
CA PRO D 78 12.88 33.91 4.94
C PRO D 78 12.75 33.32 3.55
N PHE D 79 13.33 32.14 3.39
CA PHE D 79 13.33 31.42 2.13
C PHE D 79 13.55 29.94 2.42
N THR D 80 13.04 29.10 1.52
CA THR D 80 13.18 27.66 1.67
C THR D 80 13.39 27.03 0.30
N MET D 81 13.84 25.77 0.32
CA MET D 81 14.05 24.97 -0.89
C MET D 81 13.50 23.59 -0.55
N ALA D 82 12.22 23.37 -0.85
CA ALA D 82 11.55 22.11 -0.57
C ALA D 82 11.52 21.21 -1.79
N ASP D 83 12.07 20.01 -1.65
CA ASP D 83 12.02 19.04 -2.73
C ASP D 83 10.59 18.57 -2.94
N ALA D 84 10.16 18.51 -4.20
CA ALA D 84 8.83 18.04 -4.54
C ALA D 84 8.79 16.60 -5.01
N THR D 85 9.95 15.95 -5.14
CA THR D 85 9.97 14.56 -5.58
C THR D 85 9.31 13.64 -4.56
N THR D 86 9.50 13.94 -3.27
CA THR D 86 8.98 13.11 -2.19
C THR D 86 7.56 13.48 -1.78
N LEU D 87 6.96 14.51 -2.36
CA LEU D 87 5.60 14.88 -1.99
C LEU D 87 4.62 13.80 -2.42
N THR D 88 3.66 13.51 -1.55
CA THR D 88 2.62 12.52 -1.80
C THR D 88 1.27 13.13 -1.44
N GLU D 89 0.23 12.62 -2.10
CA GLU D 89 -1.13 13.08 -1.86
C GLU D 89 -1.49 12.86 -0.39
N ALA D 90 -1.97 13.92 0.26
CA ALA D 90 -2.32 13.85 1.67
C ALA D 90 -3.33 12.74 1.89
N GLY D 91 -3.09 11.95 2.95
CA GLY D 91 -3.88 10.77 3.22
C GLY D 91 -3.11 9.49 2.98
N TYR D 92 -1.80 9.58 2.73
CA TYR D 92 -0.97 8.42 2.42
C TYR D 92 0.31 8.46 3.25
N VAL D 93 0.96 7.30 3.28
CA VAL D 93 2.15 7.07 4.12
C VAL D 93 3.34 7.95 3.73
N GLY D 94 3.59 8.12 2.43
CA GLY D 94 4.84 8.74 2.02
C GLY D 94 5.06 10.17 2.50
N GLU D 95 4.16 11.09 2.19
CA GLU D 95 4.39 12.47 2.63
C GLU D 95 3.10 13.28 2.56
N ASP D 96 3.14 14.45 3.19
CA ASP D 96 2.05 15.41 3.19
C ASP D 96 2.56 16.76 2.71
N VAL D 97 1.62 17.56 2.20
CA VAL D 97 1.96 18.91 1.72
C VAL D 97 2.33 19.83 2.87
N GLU D 98 1.82 19.55 4.07
CA GLU D 98 2.05 20.41 5.23
C GLU D 98 3.53 20.52 5.57
N ASN D 99 4.31 19.46 5.32
CA ASN D 99 5.74 19.43 5.64
C ASN D 99 6.49 20.67 5.14
N ILE D 100 6.12 21.19 3.97
CA ILE D 100 6.76 22.39 3.42
C ILE D 100 6.71 23.54 4.42
N ILE D 101 5.52 23.80 4.96
CA ILE D 101 5.32 24.91 5.90
C ILE D 101 6.25 24.78 7.10
N GLN D 102 6.32 23.58 7.68
CA GLN D 102 7.15 23.37 8.86
C GLN D 102 8.60 23.80 8.64
N LYS D 103 9.12 23.57 7.43
CA LYS D 103 10.48 24.00 7.13
C LYS D 103 10.61 25.52 7.20
N LEU D 104 9.62 26.22 6.65
CA LEU D 104 9.63 27.69 6.64
C LEU D 104 9.69 28.27 8.04
N LEU D 105 9.03 27.64 9.01
CA LEU D 105 9.02 28.20 10.35
C LEU D 105 10.38 28.05 11.04
N GLN D 106 11.14 27.01 10.70
CA GLN D 106 12.45 26.84 11.31
C GLN D 106 13.37 28.00 10.93
N LYS D 107 13.26 28.49 9.69
CA LYS D 107 14.07 29.61 9.23
C LYS D 107 13.62 30.92 9.84
N SER D 108 12.31 31.07 10.06
CA SER D 108 11.73 32.30 10.61
C SER D 108 11.61 32.27 12.13
N ASP D 109 12.06 31.19 12.78
CA ASP D 109 12.00 31.05 14.24
C ASP D 109 10.56 30.95 14.73
N TYR D 110 9.74 30.24 13.96
CA TYR D 110 8.34 29.99 14.33
C TYR D 110 7.56 31.29 14.46
N ASP D 111 7.89 32.25 13.59
CA ASP D 111 7.23 33.56 13.55
C ASP D 111 6.13 33.49 12.50
N VAL D 112 4.89 33.33 12.95
CA VAL D 112 3.76 33.22 12.02
C VAL D 112 3.59 34.52 11.25
N GLN D 113 3.57 35.65 11.94
CA GLN D 113 3.42 36.93 11.26
C GLN D 113 4.59 37.21 10.31
N LYS D 114 5.77 36.65 10.61
CA LYS D 114 6.94 36.81 9.78
C LYS D 114 7.08 35.72 8.72
N ALA D 115 6.44 34.57 8.93
CA ALA D 115 6.52 33.49 7.95
C ALA D 115 5.51 33.67 6.81
N GLN D 116 4.38 34.33 7.08
CA GLN D 116 3.38 34.55 6.04
C GLN D 116 3.93 35.40 4.90
N ARG D 117 4.90 36.26 5.19
CA ARG D 117 5.51 37.11 4.18
C ARG D 117 6.78 36.50 3.60
N GLY D 118 7.02 35.21 3.83
CA GLY D 118 8.18 34.53 3.31
C GLY D 118 8.00 34.12 1.86
N ILE D 119 9.05 33.50 1.33
CA ILE D 119 9.08 33.01 -0.04
C ILE D 119 9.32 31.51 0.00
N VAL D 120 8.77 30.82 -0.99
CA VAL D 120 8.87 29.36 -1.10
C VAL D 120 9.34 29.01 -2.50
N TYR D 121 10.21 28.00 -2.57
CA TYR D 121 10.74 27.50 -3.83
C TYR D 121 10.55 26.00 -3.87
N ILE D 122 10.25 25.49 -5.06
CA ILE D 122 10.03 24.07 -5.29
C ILE D 122 10.89 23.68 -6.49
N ASP D 123 11.49 22.49 -6.41
CA ASP D 123 12.35 21.97 -7.46
C ASP D 123 11.81 20.63 -7.94
N GLN D 124 12.17 20.28 -9.17
CA GLN D 124 11.76 19.03 -9.82
C GLN D 124 10.24 18.90 -9.81
N ILE D 125 9.59 19.87 -10.46
CA ILE D 125 8.13 19.86 -10.56
C ILE D 125 7.65 18.91 -11.65
N ASP D 126 8.49 18.63 -12.65
CA ASP D 126 8.12 17.70 -13.71
C ASP D 126 7.97 16.28 -13.20
N LYS D 127 8.53 15.97 -12.03
CA LYS D 127 8.46 14.62 -11.49
C LYS D 127 7.03 14.20 -11.20
N ILE D 128 6.14 15.16 -10.92
CA ILE D 128 4.74 14.83 -10.63
C ILE D 128 3.83 15.01 -11.84
N SER D 129 4.34 15.50 -12.96
CA SER D 129 3.53 15.62 -14.15
C SER D 129 3.28 14.21 -14.69
N ARG D 130 2.06 13.72 -14.55
CA ARG D 130 1.75 12.38 -15.05
C ARG D 130 1.55 12.42 -16.55
N LYS D 131 2.24 11.53 -17.27
CA LYS D 131 2.05 11.42 -18.71
C LYS D 131 1.23 10.15 -18.91
N SER D 132 -0.02 10.32 -19.33
CA SER D 132 -0.93 9.21 -19.54
C SER D 132 -2.23 9.78 -20.07
N ASP D 133 -3.14 8.89 -20.45
CA ASP D 133 -4.48 9.28 -20.82
C ASP D 133 -5.24 9.49 -19.50
N ASN D 134 -6.53 9.83 -19.58
CA ASN D 134 -7.32 9.99 -18.36
C ASN D 134 -7.14 8.74 -17.49
N PRO D 135 -6.70 8.88 -16.21
CA PRO D 135 -6.45 7.65 -15.43
C PRO D 135 -7.68 7.03 -14.77
N SER D 136 -8.49 6.36 -15.59
CA SER D 136 -9.68 5.68 -15.07
C SER D 136 -9.30 4.41 -14.32
N ILE D 137 -8.27 3.70 -14.79
CA ILE D 137 -7.90 2.41 -14.21
C ILE D 137 -7.35 2.57 -12.79
N THR D 138 -6.46 3.54 -12.55
CA THR D 138 -5.83 3.69 -11.26
C THR D 138 -5.69 5.15 -10.85
N ARG D 139 -5.53 5.34 -9.54
CA ARG D 139 -5.34 6.64 -8.91
C ARG D 139 -3.88 6.82 -8.56
N ASP D 140 -3.30 7.95 -8.97
CA ASP D 140 -1.89 8.22 -8.71
C ASP D 140 -1.73 9.03 -7.42
N VAL D 141 -0.89 8.51 -6.51
CA VAL D 141 -0.64 9.19 -5.24
C VAL D 141 0.44 10.26 -5.31
N SER D 142 1.24 10.27 -6.37
CA SER D 142 2.31 11.26 -6.56
C SER D 142 2.12 12.13 -7.77
N GLY D 143 1.18 11.80 -8.65
CA GLY D 143 0.93 12.55 -9.87
C GLY D 143 -0.16 13.58 -9.74
N GLU D 144 -1.25 13.35 -10.49
CA GLU D 144 -2.39 14.25 -10.53
C GLU D 144 -2.89 14.62 -9.13
N GLY D 145 -2.86 13.68 -8.19
CA GLY D 145 -3.35 13.95 -6.86
C GLY D 145 -2.55 15.02 -6.13
N VAL D 146 -1.22 14.96 -6.24
CA VAL D 146 -0.37 15.93 -5.54
C VAL D 146 -0.63 17.34 -6.05
N GLN D 147 -0.81 17.50 -7.37
CA GLN D 147 -1.03 18.81 -7.93
C GLN D 147 -2.33 19.41 -7.41
N GLN D 148 -3.38 18.61 -7.29
CA GLN D 148 -4.65 19.11 -6.78
C GLN D 148 -4.52 19.58 -5.34
N ALA D 149 -3.76 18.84 -4.52
CA ALA D 149 -3.56 19.23 -3.13
C ALA D 149 -2.87 20.59 -3.03
N LEU D 150 -1.94 20.86 -3.94
CA LEU D 150 -1.23 22.13 -3.94
C LEU D 150 -2.15 23.30 -4.21
N LEU D 151 -3.22 23.09 -4.99
CA LEU D 151 -4.15 24.17 -5.31
C LEU D 151 -4.72 24.81 -4.05
N LYS D 152 -5.09 23.99 -3.06
CA LYS D 152 -5.63 24.54 -1.82
C LYS D 152 -4.57 25.34 -1.09
N LEU D 153 -3.32 24.88 -1.13
CA LEU D 153 -2.23 25.56 -0.46
C LEU D 153 -2.02 26.97 -1.00
N ILE D 154 -2.33 27.18 -2.28
CA ILE D 154 -2.14 28.46 -2.93
C ILE D 154 -3.49 29.14 -3.03
N GLU D 155 -3.47 30.45 -3.31
CA GLU D 155 -4.61 31.35 -3.45
C GLU D 155 -5.32 31.65 -2.14
N GLY D 156 -4.89 31.08 -1.01
CA GLY D 156 -5.48 31.38 0.28
C GLY D 156 -6.10 30.20 0.99
N THR D 157 -5.62 29.88 2.18
CA THR D 157 -6.18 28.78 2.97
C THR D 157 -5.58 28.87 4.37
N VAL D 158 -5.95 27.90 5.21
CA VAL D 158 -5.45 27.77 6.57
C VAL D 158 -5.06 26.32 6.77
N ALA D 159 -3.81 26.08 7.17
CA ALA D 159 -3.32 24.73 7.37
C ALA D 159 -2.97 24.50 8.85
N ALA D 160 -2.46 23.30 9.12
CA ALA D 160 -2.07 22.87 10.46
C ALA D 160 -0.61 22.40 10.44
N VAL D 161 0.19 22.93 11.36
CA VAL D 161 1.60 22.54 11.47
C VAL D 161 1.95 22.26 12.93
N PRO D 162 2.70 21.19 13.25
CA PRO D 162 3.05 20.95 14.64
C PRO D 162 4.00 22.01 15.17
N PRO D 163 4.02 22.23 16.48
CA PRO D 163 4.97 23.21 17.05
C PRO D 163 6.36 22.62 17.14
N GLN D 164 7.10 22.62 16.03
CA GLN D 164 8.44 22.03 15.92
C GLN D 164 8.39 20.50 15.88
N GLY D 165 7.23 19.94 15.54
CA GLY D 165 7.01 18.52 15.49
C GLY D 165 6.37 17.94 16.73
N GLY D 166 6.21 18.75 17.77
CA GLY D 166 5.57 18.31 18.99
C GLY D 166 6.57 17.83 20.02
N GLN D 171 0.65 17.47 23.74
CA GLN D 171 0.07 18.80 23.42
C GLN D 171 -1.11 18.61 22.46
N GLN D 172 -0.91 17.88 21.37
CA GLN D 172 -1.95 17.58 20.34
C GLN D 172 -2.62 18.88 19.86
N GLU D 173 -1.82 19.91 19.57
CA GLU D 173 -2.31 21.24 19.09
C GLU D 173 -1.52 21.64 17.84
N PHE D 174 -2.11 22.49 17.00
CA PHE D 174 -1.50 23.01 15.74
C PHE D 174 -1.72 24.53 15.64
N LEU D 175 -0.90 25.21 14.84
CA LEU D 175 -0.96 26.68 14.61
C LEU D 175 -1.50 26.93 13.19
N GLN D 176 -2.36 27.94 13.01
CA GLN D 176 -2.96 28.28 11.73
C GLN D 176 -2.14 29.41 11.09
N VAL D 177 -1.75 29.21 9.84
CA VAL D 177 -0.94 30.19 9.09
C VAL D 177 -1.55 30.36 7.71
N ASP D 178 -2.00 31.58 7.41
CA ASP D 178 -2.55 31.84 6.09
C ASP D 178 -1.43 31.75 5.04
N THR D 179 -1.85 31.54 3.78
CA THR D 179 -0.90 31.43 2.68
C THR D 179 -1.34 32.22 1.46
N SER D 180 -2.28 33.16 1.61
CA SER D 180 -2.71 33.94 0.46
C SER D 180 -1.61 34.88 -0.01
N LYS D 181 -0.83 35.41 0.92
CA LYS D 181 0.25 36.33 0.61
C LYS D 181 1.59 35.64 0.34
N ILE D 182 1.68 34.33 0.53
CA ILE D 182 2.95 33.63 0.30
C ILE D 182 3.15 33.40 -1.19
N LEU D 183 4.36 33.68 -1.65
CA LEU D 183 4.75 33.49 -3.04
C LEU D 183 5.33 32.09 -3.24
N PHE D 184 5.13 31.54 -4.43
CA PHE D 184 5.64 30.23 -4.79
C PHE D 184 6.40 30.32 -6.10
N ILE D 185 7.55 29.66 -6.17
CA ILE D 185 8.38 29.63 -7.37
C ILE D 185 8.65 28.16 -7.67
N CYS D 186 7.84 27.58 -8.54
CA CYS D 186 8.00 26.19 -8.96
C CYS D 186 8.87 26.13 -10.21
N GLY D 187 9.78 25.15 -10.24
CA GLY D 187 10.65 25.01 -11.39
C GLY D 187 11.21 23.62 -11.57
N GLY D 188 11.15 23.12 -12.80
CA GLY D 188 11.66 21.82 -13.13
C GLY D 188 11.84 21.64 -14.62
N ALA D 189 12.96 21.06 -15.03
CA ALA D 189 13.23 20.84 -16.45
C ALA D 189 12.25 19.82 -17.00
N PHE D 190 11.32 20.27 -17.83
CA PHE D 190 10.33 19.37 -18.43
C PHE D 190 10.98 18.66 -19.60
N ALA D 191 11.17 17.35 -19.45
CA ALA D 191 11.79 16.55 -20.50
C ALA D 191 10.74 16.14 -21.52
N GLY D 192 11.07 16.30 -22.80
CA GLY D 192 10.17 15.95 -23.88
C GLY D 192 9.19 17.01 -24.28
N LEU D 193 9.25 18.20 -23.68
CA LEU D 193 8.32 19.26 -24.03
C LEU D 193 8.54 19.79 -25.44
N ASP D 194 9.71 19.54 -26.04
CA ASP D 194 9.97 20.01 -27.39
C ASP D 194 9.16 19.24 -28.43
N LYS D 195 8.95 17.94 -28.21
CA LYS D 195 8.24 17.13 -29.19
C LYS D 195 6.78 17.55 -29.32
N VAL D 196 6.12 17.84 -28.20
CA VAL D 196 4.71 18.22 -28.27
C VAL D 196 4.55 19.59 -28.92
N ILE D 197 5.46 20.52 -28.63
CA ILE D 197 5.38 21.85 -29.21
C ILE D 197 5.63 21.81 -30.71
N SER D 198 6.45 20.85 -31.18
CA SER D 198 6.76 20.77 -32.60
C SER D 198 5.53 20.45 -33.43
N HIS D 199 4.64 19.60 -32.91
CA HIS D 199 3.43 19.27 -33.65
C HIS D 199 2.56 20.49 -33.86
N ARG D 200 2.48 21.36 -32.84
CA ARG D 200 1.69 22.58 -32.93
C ARG D 200 2.29 23.59 -33.89
N VAL D 201 3.62 23.61 -34.04
CA VAL D 201 4.29 24.60 -34.86
C VAL D 201 4.72 24.09 -36.25
N GLU D 202 4.92 22.79 -36.42
CA GLU D 202 5.30 22.31 -37.74
C GLU D 202 4.08 22.23 -38.65
N THR D 203 2.96 21.75 -38.11
CA THR D 203 1.65 21.68 -38.77
C THR D 203 1.54 20.58 -39.82
N GLY D 204 2.60 19.84 -40.13
CA GLY D 204 2.46 18.81 -41.15
C GLY D 204 3.45 17.67 -41.15
N SER D 205 2.93 16.49 -41.52
CA SER D 205 3.74 15.28 -41.68
C SER D 205 4.54 15.37 -42.97
N GLY D 206 3.86 15.71 -44.05
CA GLY D 206 4.41 15.86 -45.38
C GLY D 206 4.80 14.61 -46.16
N ILE D 207 3.91 13.62 -46.16
CA ILE D 207 4.11 12.42 -46.98
C ILE D 207 3.46 12.59 -48.35
N GLY D 208 2.62 13.63 -48.54
CA GLY D 208 1.93 13.86 -49.78
C GLY D 208 2.66 14.78 -50.74
N PHE D 209 2.17 14.78 -51.98
CA PHE D 209 2.75 15.59 -53.05
C PHE D 209 2.70 17.08 -52.71
N GLY D 210 1.52 17.58 -52.33
CA GLY D 210 1.38 19.00 -52.06
C GLY D 210 2.10 19.48 -50.82
N ALA D 211 2.00 18.73 -49.73
CA ALA D 211 2.60 19.13 -48.46
C ALA D 211 4.12 19.28 -48.57
N THR D 212 4.61 20.37 -48.00
CA THR D 212 6.03 20.72 -47.99
C THR D 212 6.79 19.87 -46.96
N VAL D 213 8.09 19.70 -47.19
CA VAL D 213 8.93 18.87 -46.35
C VAL D 213 10.29 19.53 -46.15
N LYS D 214 10.55 19.97 -44.92
CA LYS D 214 11.86 20.53 -44.52
C LYS D 214 12.20 19.75 -43.25
N ALA D 215 12.86 18.61 -43.43
CA ALA D 215 13.20 17.73 -42.31
C ALA D 215 14.26 18.34 -41.40
N LYS D 216 15.36 18.83 -41.98
CA LYS D 216 16.47 19.37 -41.22
C LYS D 216 16.81 20.83 -41.52
N SER D 217 16.44 21.34 -42.70
CA SER D 217 16.73 22.72 -43.02
C SER D 217 15.99 23.67 -42.09
N ASP D 218 14.70 23.41 -41.85
CA ASP D 218 13.84 24.23 -41.01
C ASP D 218 13.57 23.59 -39.66
N LYS D 219 14.34 22.57 -39.26
CA LYS D 219 14.12 21.91 -37.98
C LYS D 219 14.14 22.91 -36.83
N ALA D 220 13.15 22.80 -35.95
CA ALA D 220 13.02 23.70 -34.83
C ALA D 220 14.21 23.62 -33.88
N SER D 221 14.61 24.78 -33.37
CA SER D 221 15.69 24.90 -32.40
C SER D 221 15.07 24.80 -31.01
N GLU D 222 15.70 24.02 -30.13
CA GLU D 222 15.12 23.80 -28.80
C GLU D 222 14.99 25.10 -28.02
N GLY D 223 16.01 25.96 -28.06
CA GLY D 223 15.94 27.23 -27.37
C GLY D 223 14.74 28.08 -27.77
N GLU D 224 14.67 28.40 -29.06
CA GLU D 224 13.57 29.18 -29.60
C GLU D 224 12.21 28.55 -29.30
N LEU D 225 12.14 27.22 -29.38
CA LEU D 225 10.87 26.52 -29.20
C LEU D 225 10.25 26.77 -27.83
N LEU D 226 11.07 26.77 -26.77
CA LEU D 226 10.50 26.98 -25.44
C LEU D 226 9.90 28.38 -25.31
N ALA D 227 10.41 29.36 -26.05
CA ALA D 227 9.86 30.71 -26.02
C ALA D 227 8.40 30.72 -26.47
N GLN D 228 8.04 29.82 -27.38
CA GLN D 228 6.70 29.72 -27.93
C GLN D 228 5.77 28.85 -27.09
N VAL D 229 6.11 28.58 -25.83
CA VAL D 229 5.28 27.72 -25.01
C VAL D 229 4.01 28.47 -24.62
N GLU D 230 2.99 27.70 -24.22
CA GLU D 230 1.71 28.23 -23.82
C GLU D 230 1.08 27.26 -22.83
N PRO D 231 0.04 27.69 -22.11
CA PRO D 231 -0.58 26.75 -21.15
C PRO D 231 -1.20 25.53 -21.79
N GLU D 232 -1.78 25.67 -22.99
CA GLU D 232 -2.40 24.52 -23.63
C GLU D 232 -1.37 23.45 -23.96
N ASP D 233 -0.12 23.84 -24.20
CA ASP D 233 0.92 22.86 -24.48
C ASP D 233 1.21 21.99 -23.26
N LEU D 234 1.13 22.59 -22.06
CA LEU D 234 1.41 21.87 -20.84
C LEU D 234 0.32 20.86 -20.49
N ILE D 235 -0.91 21.06 -20.97
CA ILE D 235 -1.98 20.12 -20.66
C ILE D 235 -1.67 18.76 -21.28
N LYS D 236 -1.15 18.77 -22.51
CA LYS D 236 -0.77 17.52 -23.17
C LYS D 236 0.36 16.84 -22.40
N PHE D 237 1.26 17.62 -21.81
CA PHE D 237 2.38 17.07 -21.06
C PHE D 237 1.91 16.32 -19.82
N GLY D 238 0.84 16.78 -19.18
CA GLY D 238 0.34 16.15 -17.98
C GLY D 238 -0.16 17.10 -16.92
N LEU D 239 0.22 18.37 -17.01
CA LEU D 239 -0.24 19.34 -16.03
C LEU D 239 -1.72 19.60 -16.18
N ILE D 240 -2.35 19.98 -15.08
CA ILE D 240 -3.79 20.25 -15.03
C ILE D 240 -3.99 21.74 -15.29
N PRO D 241 -5.08 22.18 -15.95
CA PRO D 241 -5.25 23.62 -16.14
C PRO D 241 -5.38 24.37 -14.83
N GLU D 242 -6.04 23.75 -13.84
CA GLU D 242 -6.19 24.38 -12.54
C GLU D 242 -4.85 24.68 -11.90
N PHE D 243 -3.84 23.85 -12.16
CA PHE D 243 -2.52 24.07 -11.58
C PHE D 243 -1.79 25.21 -12.26
N ILE D 244 -1.94 25.32 -13.57
CA ILE D 244 -1.25 26.37 -14.32
C ILE D 244 -1.88 27.73 -14.05
N GLY D 245 -3.19 27.77 -13.82
CA GLY D 245 -3.85 29.04 -13.55
C GLY D 245 -3.31 29.72 -12.30
N ARG D 246 -2.84 28.93 -11.33
CA ARG D 246 -2.25 29.49 -10.13
C ARG D 246 -0.88 30.09 -10.39
N LEU D 247 -0.24 29.73 -11.52
CA LEU D 247 1.10 30.20 -11.88
C LEU D 247 1.00 30.89 -13.24
N PRO D 248 0.53 32.13 -13.28
CA PRO D 248 0.41 32.80 -14.59
C PRO D 248 1.75 33.11 -15.26
N VAL D 249 2.70 33.63 -14.49
CA VAL D 249 3.99 34.00 -15.06
C VAL D 249 4.78 32.75 -15.41
N VAL D 250 5.54 32.83 -16.51
CA VAL D 250 6.37 31.73 -16.99
C VAL D 250 7.71 32.32 -17.41
N ALA D 251 8.79 31.60 -17.08
CA ALA D 251 10.15 32.01 -17.42
C ALA D 251 10.83 30.89 -18.20
N THR D 252 11.26 31.20 -19.41
CA THR D 252 11.96 30.26 -20.28
C THR D 252 13.43 30.62 -20.29
N LEU D 253 14.29 29.62 -20.14
CA LEU D 253 15.74 29.81 -20.12
C LEU D 253 16.38 29.21 -21.36
N ASN D 254 17.40 29.89 -21.87
CA ASN D 254 18.13 29.45 -23.05
C ASN D 254 19.23 28.48 -22.66
N GLU D 255 19.67 27.70 -23.64
CA GLU D 255 20.74 26.74 -23.42
C GLU D 255 22.08 27.45 -23.42
N LEU D 256 23.08 26.81 -22.82
CA LEU D 256 24.42 27.39 -22.74
C LEU D 256 25.03 27.52 -24.12
N SER D 257 25.88 28.53 -24.27
CA SER D 257 26.59 28.82 -25.51
C SER D 257 28.09 28.83 -25.26
N GLU D 258 28.85 28.52 -26.32
CA GLU D 258 30.31 28.49 -26.23
C GLU D 258 30.87 29.75 -25.59
N GLU D 259 30.30 30.91 -25.89
CA GLU D 259 30.78 32.16 -25.30
C GLU D 259 30.36 32.27 -23.84
N ALA D 260 29.16 31.80 -23.51
CA ALA D 260 28.68 31.87 -22.13
C ALA D 260 29.49 30.99 -21.20
N LEU D 261 29.94 29.83 -21.69
CA LEU D 261 30.70 28.93 -20.82
C LEU D 261 32.04 29.53 -20.41
N ILE D 262 32.66 30.33 -21.26
CA ILE D 262 33.94 30.93 -20.91
C ILE D 262 33.75 31.93 -19.78
N GLN D 263 32.65 32.70 -19.82
CA GLN D 263 32.40 33.69 -18.78
C GLN D 263 32.07 33.04 -17.45
N ILE D 264 31.49 31.83 -17.47
CA ILE D 264 31.13 31.14 -16.23
C ILE D 264 32.38 30.78 -15.44
N LEU D 265 33.49 30.51 -16.11
CA LEU D 265 34.71 30.13 -15.42
C LEU D 265 35.53 31.32 -14.92
N LYS D 266 35.23 32.55 -15.36
CA LYS D 266 35.99 33.73 -14.97
C LYS D 266 35.21 34.74 -14.14
N GLU D 267 34.02 35.16 -14.59
CA GLU D 267 33.30 36.19 -13.85
C GLU D 267 32.72 35.71 -12.53
N PRO D 268 32.03 34.59 -12.44
CA PRO D 268 31.48 34.17 -11.14
C PRO D 268 32.57 33.88 -10.12
N LYS D 269 32.28 34.26 -8.87
CA LYS D 269 33.23 34.01 -7.78
C LYS D 269 33.29 32.53 -7.43
N ASN D 270 32.18 31.81 -7.60
CA ASN D 270 32.09 30.39 -7.30
C ASN D 270 32.44 29.52 -8.51
N ALA D 271 33.19 30.04 -9.47
CA ALA D 271 33.56 29.28 -10.65
C ALA D 271 34.46 28.12 -10.29
N LEU D 272 34.41 27.06 -11.12
CA LEU D 272 35.23 25.89 -10.87
C LEU D 272 36.71 26.20 -11.00
N THR D 273 37.08 27.15 -11.85
CA THR D 273 38.48 27.51 -12.00
C THR D 273 39.03 28.08 -10.69
N LYS D 274 38.26 28.97 -10.06
CA LYS D 274 38.69 29.54 -8.80
C LYS D 274 38.66 28.52 -7.68
N GLN D 275 37.82 27.48 -7.82
CA GLN D 275 37.77 26.44 -6.80
C GLN D 275 39.09 25.68 -6.75
N TYR D 276 39.57 25.21 -7.90
CA TYR D 276 40.83 24.50 -7.93
C TYR D 276 42.00 25.43 -7.59
N GLN D 277 41.86 26.72 -7.89
CA GLN D 277 42.91 27.67 -7.55
C GLN D 277 43.12 27.71 -6.04
N ALA D 278 42.02 27.64 -5.28
CA ALA D 278 42.10 27.62 -3.84
C ALA D 278 42.49 26.26 -3.31
N LEU D 279 42.17 25.19 -4.05
CA LEU D 279 42.53 23.85 -3.62
C LEU D 279 44.03 23.69 -3.53
N PHE D 280 44.77 24.32 -4.46
CA PHE D 280 46.22 24.25 -4.45
C PHE D 280 46.87 25.38 -3.67
N ASN D 281 46.12 26.43 -3.35
CA ASN D 281 46.70 27.54 -2.60
C ASN D 281 47.14 27.07 -1.21
N LEU D 282 46.36 26.18 -0.59
CA LEU D 282 46.75 25.66 0.71
C LEU D 282 48.02 24.82 0.61
N GLU D 283 48.22 24.18 -0.54
CA GLU D 283 49.40 23.36 -0.81
C GLU D 283 50.61 24.18 -1.18
N GLY D 284 50.48 25.49 -1.33
CA GLY D 284 51.62 26.31 -1.71
C GLY D 284 51.96 26.22 -3.18
N VAL D 285 50.96 26.03 -4.04
CA VAL D 285 51.16 25.91 -5.48
C VAL D 285 50.14 26.81 -6.17
N ASP D 286 50.57 27.44 -7.27
CA ASP D 286 49.72 28.32 -8.05
C ASP D 286 49.09 27.54 -9.20
N LEU D 287 47.95 28.04 -9.67
CA LEU D 287 47.21 27.45 -10.78
C LEU D 287 46.94 28.50 -11.82
N GLU D 288 46.92 28.07 -13.09
CA GLU D 288 46.67 28.95 -14.22
C GLU D 288 45.80 28.24 -15.24
N PHE D 289 45.05 29.02 -16.01
CA PHE D 289 44.16 28.51 -17.04
C PHE D 289 44.19 29.47 -18.22
N ARG D 290 44.81 29.05 -19.32
CA ARG D 290 44.91 29.90 -20.49
C ARG D 290 43.61 29.85 -21.29
N ASP D 291 43.41 30.90 -22.10
CA ASP D 291 42.21 30.99 -22.92
C ASP D 291 42.12 29.89 -23.95
N GLU D 292 43.26 29.38 -24.43
CA GLU D 292 43.24 28.32 -25.43
C GLU D 292 42.58 27.05 -24.88
N ALA D 293 42.72 26.80 -23.59
CA ALA D 293 42.12 25.62 -22.98
C ALA D 293 40.62 25.78 -22.76
N LEU D 294 40.16 27.01 -22.51
CA LEU D 294 38.74 27.23 -22.27
C LEU D 294 37.91 27.00 -23.52
N ASP D 295 38.42 27.41 -24.68
CA ASP D 295 37.66 27.23 -25.92
C ASP D 295 37.48 25.75 -26.24
N ALA D 296 38.48 24.92 -25.91
CA ALA D 296 38.36 23.50 -26.17
C ALA D 296 37.39 22.84 -25.19
N ILE D 297 37.37 23.33 -23.95
CA ILE D 297 36.47 22.76 -22.94
C ILE D 297 35.03 23.04 -23.29
N ALA D 298 34.74 24.20 -23.88
CA ALA D 298 33.37 24.54 -24.22
C ALA D 298 32.80 23.59 -25.28
N LYS D 299 33.61 23.24 -26.28
CA LYS D 299 33.14 22.35 -27.33
C LYS D 299 32.89 20.95 -26.78
N LYS D 300 33.72 20.49 -25.85
CA LYS D 300 33.55 19.17 -25.27
C LYS D 300 32.33 19.10 -24.36
N ALA D 301 31.98 20.21 -23.71
CA ALA D 301 30.84 20.21 -22.81
C ALA D 301 29.51 20.22 -23.56
N MET D 302 29.43 20.98 -24.66
CA MET D 302 28.19 21.04 -25.41
C MET D 302 27.84 19.69 -26.02
N ALA D 303 28.85 18.91 -26.41
CA ALA D 303 28.59 17.59 -26.99
C ALA D 303 27.98 16.64 -25.97
N ARG D 304 28.29 16.82 -24.70
CA ARG D 304 27.77 15.93 -23.66
C ARG D 304 26.28 16.13 -23.42
N LYS D 305 25.72 17.28 -23.79
CA LYS D 305 24.30 17.57 -23.60
C LYS D 305 23.91 17.49 -22.12
N THR D 306 24.74 18.12 -21.29
CA THR D 306 24.53 18.16 -19.84
C THR D 306 24.54 19.55 -19.24
N GLY D 307 25.14 20.54 -19.90
CA GLY D 307 25.16 21.90 -19.38
C GLY D 307 26.38 22.18 -18.52
N ALA D 308 26.22 23.19 -17.66
CA ALA D 308 27.31 23.61 -16.79
C ALA D 308 27.71 22.51 -15.82
N ARG D 309 26.76 21.65 -15.42
CA ARG D 309 27.10 20.58 -14.48
C ARG D 309 27.99 19.52 -15.11
N GLY D 310 28.03 19.43 -16.44
CA GLY D 310 28.87 18.46 -17.11
C GLY D 310 30.24 18.98 -17.45
N LEU D 311 30.69 20.00 -16.72
CA LEU D 311 32.00 20.60 -16.95
C LEU D 311 33.09 19.98 -16.08
N ARG D 312 32.76 19.59 -14.84
CA ARG D 312 33.76 19.00 -13.96
C ARG D 312 34.34 17.72 -14.54
N SER D 313 33.54 16.98 -15.31
CA SER D 313 34.05 15.75 -15.93
C SER D 313 35.17 16.06 -16.91
N ILE D 314 35.12 17.22 -17.56
CA ILE D 314 36.16 17.60 -18.51
C ILE D 314 37.43 18.02 -17.78
N VAL D 315 37.29 18.67 -16.62
CA VAL D 315 38.43 19.17 -15.89
C VAL D 315 39.10 18.07 -15.07
N GLU D 316 38.33 17.42 -14.19
CA GLU D 316 38.91 16.40 -13.32
C GLU D 316 39.44 15.20 -14.10
N ALA D 317 38.86 14.89 -15.25
CA ALA D 317 39.37 13.76 -16.02
C ALA D 317 40.74 14.07 -16.60
N ALA D 318 41.03 15.36 -16.84
CA ALA D 318 42.32 15.76 -17.39
C ALA D 318 43.39 15.88 -16.31
N LEU D 319 43.04 16.47 -15.17
CA LEU D 319 43.98 16.68 -14.08
C LEU D 319 44.03 15.51 -13.10
N LEU D 320 43.59 14.32 -13.52
CA LEU D 320 43.63 13.17 -12.62
C LEU D 320 45.06 12.76 -12.33
N ASP D 321 45.83 12.48 -13.38
CA ASP D 321 47.24 12.09 -13.21
C ASP D 321 48.03 13.16 -12.46
N THR D 322 47.80 14.43 -12.80
CA THR D 322 48.55 15.51 -12.16
C THR D 322 48.25 15.60 -10.67
N MET D 323 46.97 15.52 -10.29
CA MET D 323 46.60 15.61 -8.89
C MET D 323 47.07 14.40 -8.10
N TYR D 324 47.12 13.23 -8.75
CA TYR D 324 47.52 12.01 -8.05
C TYR D 324 48.95 12.09 -7.53
N ASP D 325 49.85 12.73 -8.29
CA ASP D 325 51.26 12.82 -7.89
C ASP D 325 51.70 14.26 -7.59
N LEU D 326 50.77 15.16 -7.31
CA LEU D 326 51.15 16.53 -6.97
C LEU D 326 51.67 16.67 -5.54
N PRO D 327 51.05 16.05 -4.53
CA PRO D 327 51.59 16.22 -3.17
C PRO D 327 52.99 15.66 -3.00
N SER D 328 53.26 14.48 -3.58
CA SER D 328 54.59 13.88 -3.47
C SER D 328 55.67 14.80 -4.03
N MET D 329 55.36 15.51 -5.11
CA MET D 329 56.33 16.42 -5.70
C MET D 329 56.65 17.56 -4.73
N GLU D 330 57.89 18.04 -4.83
CA GLU D 330 58.40 19.12 -3.98
C GLU D 330 58.97 20.24 -4.83
N ASP D 331 58.96 21.45 -4.27
CA ASP D 331 59.48 22.66 -4.91
C ASP D 331 58.64 23.11 -6.10
N VAL D 332 57.42 22.60 -6.24
CA VAL D 332 56.53 22.98 -7.33
C VAL D 332 55.67 24.13 -6.85
N GLU D 333 55.78 25.28 -7.49
CA GLU D 333 55.05 26.49 -7.12
C GLU D 333 53.97 26.93 -8.09
N LYS D 334 54.04 26.50 -9.36
CA LYS D 334 53.05 26.91 -10.34
C LYS D 334 52.81 25.81 -11.35
N VAL D 335 51.58 25.77 -11.87
CA VAL D 335 51.15 24.78 -12.86
C VAL D 335 50.46 25.51 -13.99
N VAL D 336 50.74 25.08 -15.23
CA VAL D 336 50.15 25.67 -16.43
C VAL D 336 49.47 24.56 -17.21
N ILE D 337 48.23 24.83 -17.65
CA ILE D 337 47.43 23.88 -18.41
C ILE D 337 47.22 24.47 -19.81
N ASP D 338 47.74 23.77 -20.82
CA ASP D 338 47.63 24.18 -22.21
C ASP D 338 46.48 23.47 -22.90
N GLU D 339 46.12 23.97 -24.08
CA GLU D 339 45.06 23.37 -24.88
C GLU D 339 45.32 21.89 -25.14
N SER D 340 46.58 21.53 -25.39
CA SER D 340 46.94 20.14 -25.64
C SER D 340 46.61 19.24 -24.45
N VAL D 341 46.70 19.79 -23.23
CA VAL D 341 46.41 19.01 -22.03
C VAL D 341 44.97 18.51 -22.05
N ILE D 342 44.04 19.36 -22.51
CA ILE D 342 42.65 18.96 -22.56
C ILE D 342 42.46 17.86 -23.61
N ASP D 343 43.14 17.99 -24.75
CA ASP D 343 43.04 16.97 -25.78
C ASP D 343 43.66 15.66 -25.33
N GLY D 344 44.65 15.71 -24.44
CA GLY D 344 45.33 14.52 -23.96
C GLY D 344 46.60 14.18 -24.70
N GLN D 345 46.97 14.94 -25.73
CA GLN D 345 48.18 14.64 -26.47
C GLN D 345 49.42 14.86 -25.63
N SER D 346 49.46 15.95 -24.86
CA SER D 346 50.58 16.31 -24.01
C SER D 346 50.12 16.32 -22.55
N GLU D 347 51.06 16.65 -21.67
CA GLU D 347 50.85 16.72 -20.23
C GLU D 347 50.96 18.16 -19.74
N PRO D 348 50.36 18.49 -18.60
CA PRO D 348 50.45 19.88 -18.11
C PRO D 348 51.84 20.21 -17.60
N LEU D 349 52.39 21.31 -18.13
CA LEU D 349 53.71 21.76 -17.72
C LEU D 349 53.72 22.13 -16.25
N LEU D 350 54.79 21.75 -15.57
CA LEU D 350 54.99 22.03 -14.15
C LEU D 350 56.18 22.96 -13.98
N ILE D 351 56.07 23.87 -13.02
CA ILE D 351 57.10 24.86 -12.73
C ILE D 351 57.72 24.52 -11.38
N TYR D 352 59.01 24.81 -11.25
CA TYR D 352 59.77 24.53 -10.04
C TYR D 352 60.31 25.84 -9.47
N GLY D 353 60.11 26.05 -8.18
CA GLY D 353 60.56 27.25 -7.51
C GLY D 353 61.99 27.14 -7.00
N ALA E 2 48.87 15.71 9.76
CA ALA E 2 49.35 15.24 8.46
C ALA E 2 48.39 14.21 7.88
N LEU E 3 47.75 14.57 6.78
CA LEU E 3 46.80 13.70 6.12
C LEU E 3 47.52 12.75 5.16
N PRO E 4 46.93 11.61 4.82
CA PRO E 4 47.59 10.70 3.88
C PRO E 4 47.59 11.27 2.47
N THR E 5 48.56 10.83 1.69
CA THR E 5 48.72 11.26 0.31
C THR E 5 48.11 10.25 -0.65
N PRO E 6 47.94 10.61 -1.92
CA PRO E 6 47.38 9.63 -2.87
C PRO E 6 48.29 8.43 -3.05
N HIS E 7 49.61 8.62 -2.96
CA HIS E 7 50.53 7.50 -3.10
C HIS E 7 50.44 6.58 -1.89
N GLU E 8 50.30 7.16 -0.70
CA GLU E 8 50.22 6.36 0.52
C GLU E 8 48.93 5.54 0.55
N ILE E 9 47.81 6.16 0.20
CA ILE E 9 46.54 5.44 0.21
C ILE E 9 46.51 4.40 -0.91
N ARG E 10 47.20 4.67 -2.03
CA ARG E 10 47.22 3.71 -3.12
C ARG E 10 47.94 2.44 -2.71
N ASN E 11 49.07 2.57 -2.01
CA ASN E 11 49.81 1.39 -1.55
C ASN E 11 48.97 0.61 -0.55
N HIS E 12 48.12 1.29 0.22
CA HIS E 12 47.25 0.60 1.16
C HIS E 12 46.23 -0.25 0.43
N LEU E 13 45.74 0.23 -0.71
CA LEU E 13 44.77 -0.51 -1.50
C LEU E 13 45.42 -1.61 -2.32
N ASP E 14 46.70 -1.49 -2.64
CA ASP E 14 47.39 -2.52 -3.40
C ASP E 14 47.42 -3.84 -2.65
N ASP E 15 47.41 -3.79 -1.30
CA ASP E 15 47.41 -4.99 -0.49
C ASP E 15 46.06 -5.71 -0.47
N TYR E 16 45.04 -5.13 -1.11
CA TYR E 16 43.72 -5.75 -1.17
C TYR E 16 43.11 -5.77 -2.56
N VAL E 17 43.76 -5.16 -3.56
CA VAL E 17 43.26 -5.14 -4.93
C VAL E 17 44.43 -5.39 -5.87
N ILE E 18 44.16 -6.13 -6.94
CA ILE E 18 45.16 -6.46 -7.96
C ILE E 18 44.56 -6.17 -9.32
N GLY E 19 45.39 -5.66 -10.23
CA GLY E 19 44.96 -5.39 -11.59
C GLY E 19 43.98 -4.26 -11.76
N GLN E 20 44.14 -3.17 -11.01
CA GLN E 20 43.25 -2.01 -11.14
C GLN E 20 44.08 -0.77 -10.85
N GLU E 21 44.56 -0.13 -11.92
CA GLU E 21 45.36 1.08 -11.83
C GLU E 21 44.53 2.35 -11.99
N GLN E 22 43.69 2.40 -13.03
CA GLN E 22 42.90 3.59 -13.30
C GLN E 22 41.86 3.84 -12.22
N ALA E 23 41.27 2.78 -11.68
CA ALA E 23 40.24 2.97 -10.65
C ALA E 23 40.83 3.48 -9.35
N LYS E 24 42.03 3.02 -8.99
CA LYS E 24 42.65 3.48 -7.75
C LYS E 24 42.97 4.96 -7.80
N LYS E 25 43.39 5.46 -8.97
CA LYS E 25 43.72 6.87 -9.11
C LYS E 25 42.51 7.76 -8.89
N VAL E 26 41.33 7.32 -9.29
CA VAL E 26 40.13 8.14 -9.15
C VAL E 26 39.72 8.26 -7.68
N LEU E 27 39.65 7.14 -6.97
CA LEU E 27 39.26 7.19 -5.57
C LEU E 27 40.30 7.91 -4.73
N ALA E 28 41.58 7.74 -5.08
CA ALA E 28 42.65 8.39 -4.32
C ALA E 28 42.59 9.91 -4.49
N VAL E 29 42.45 10.37 -5.73
CA VAL E 29 42.39 11.81 -5.96
C VAL E 29 41.08 12.38 -5.42
N ALA E 30 39.99 11.63 -5.55
CA ALA E 30 38.69 12.11 -5.09
C ALA E 30 38.64 12.19 -3.57
N VAL E 31 39.09 11.14 -2.88
CA VAL E 31 39.05 11.15 -1.43
C VAL E 31 40.01 12.20 -0.89
N TYR E 32 41.14 12.39 -1.54
CA TYR E 32 42.10 13.42 -1.11
C TYR E 32 41.46 14.80 -1.17
N ASN E 33 40.79 15.09 -2.29
CA ASN E 33 40.12 16.38 -2.44
C ASN E 33 38.98 16.54 -1.44
N HIS E 34 38.39 15.43 -1.00
CA HIS E 34 37.30 15.50 -0.03
C HIS E 34 37.77 16.10 1.28
N TYR E 35 38.98 15.73 1.73
CA TYR E 35 39.50 16.26 2.97
C TYR E 35 39.78 17.75 2.85
N LYS E 36 40.28 18.17 1.68
CA LYS E 36 40.56 19.59 1.47
C LYS E 36 39.27 20.39 1.46
N ARG E 37 38.22 19.86 0.81
CA ARG E 37 36.95 20.56 0.79
C ARG E 37 36.37 20.70 2.19
N LEU E 38 36.66 19.72 3.07
CA LEU E 38 36.20 19.77 4.45
C LEU E 38 37.06 20.71 5.29
N ARG E 39 38.36 20.70 5.05
CA ARG E 39 39.28 21.55 5.81
C ARG E 39 38.95 23.03 5.63
N ASN E 40 38.40 23.40 4.47
CA ASN E 40 38.03 24.78 4.16
C ASN E 40 36.52 24.80 3.88
N GLY E 41 35.73 25.04 4.92
CA GLY E 41 34.29 25.11 4.80
C GLY E 41 33.85 26.47 4.29
N ASP E 42 34.34 26.85 3.10
CA ASP E 42 34.05 28.14 2.49
C ASP E 42 34.47 29.30 3.40
N THR E 43 35.50 29.09 4.21
CA THR E 43 36.04 30.11 5.10
C THR E 43 37.30 30.77 4.57
N SER E 44 38.03 30.07 3.71
CA SER E 44 39.25 30.59 3.10
C SER E 44 38.87 31.48 1.93
N ASN E 45 39.86 31.89 1.13
CA ASN E 45 39.58 32.72 -0.03
C ASN E 45 38.70 31.99 -1.03
N GLY E 46 38.80 30.66 -1.09
CA GLY E 46 37.98 29.88 -1.99
C GLY E 46 36.59 29.72 -1.39
N VAL E 47 35.62 30.39 -1.99
CA VAL E 47 34.24 30.38 -1.53
C VAL E 47 33.40 29.47 -2.43
N GLU E 48 32.40 28.84 -1.83
CA GLU E 48 31.48 27.95 -2.54
C GLU E 48 32.22 26.82 -3.25
N LEU E 49 32.91 26.00 -2.46
CA LEU E 49 33.64 24.87 -3.01
C LEU E 49 32.64 23.81 -3.47
N GLY E 50 32.74 23.44 -4.74
CA GLY E 50 31.84 22.48 -5.34
C GLY E 50 32.10 21.07 -4.86
N LYS E 51 31.46 20.12 -5.56
CA LYS E 51 31.55 18.71 -5.25
C LYS E 51 31.63 17.92 -6.54
N SER E 52 32.29 16.77 -6.47
CA SER E 52 32.48 15.89 -7.62
C SER E 52 32.34 14.45 -7.15
N ASN E 53 31.23 13.82 -7.52
CA ASN E 53 30.99 12.44 -7.14
C ASN E 53 31.71 11.52 -8.12
N ILE E 54 31.60 10.20 -7.89
CA ILE E 54 32.28 9.20 -8.70
C ILE E 54 31.28 8.17 -9.20
N LEU E 55 31.51 7.68 -10.41
CA LEU E 55 30.68 6.67 -11.05
C LEU E 55 31.58 5.53 -11.49
N LEU E 56 31.51 4.40 -10.78
CA LEU E 56 32.32 3.23 -11.09
C LEU E 56 31.56 2.31 -12.05
N ILE E 57 32.22 1.88 -13.11
CA ILE E 57 31.63 0.96 -14.08
C ILE E 57 32.63 -0.16 -14.32
N GLY E 58 32.14 -1.39 -14.29
CA GLY E 58 32.95 -2.56 -14.52
C GLY E 58 32.11 -3.82 -14.43
N PRO E 59 32.63 -4.95 -14.88
CA PRO E 59 31.88 -6.19 -14.75
C PRO E 59 31.69 -6.58 -13.29
N THR E 60 30.89 -7.60 -13.08
CA THR E 60 30.62 -8.11 -11.74
C THR E 60 31.79 -8.95 -11.25
N GLY E 61 31.97 -8.96 -9.93
CA GLY E 61 33.04 -9.74 -9.33
C GLY E 61 34.43 -9.23 -9.63
N SER E 62 34.57 -7.92 -9.82
CA SER E 62 35.85 -7.26 -10.08
C SER E 62 36.48 -6.58 -8.86
N GLY E 63 35.69 -6.31 -7.82
CA GLY E 63 36.15 -5.64 -6.61
C GLY E 63 35.54 -4.28 -6.35
N LYS E 64 34.39 -3.99 -6.98
CA LYS E 64 33.75 -2.70 -6.72
C LYS E 64 33.28 -2.63 -5.27
N THR E 65 32.62 -3.68 -4.80
CA THR E 65 32.20 -3.74 -3.40
C THR E 65 33.42 -3.82 -2.48
N LEU E 66 34.53 -4.36 -2.98
CA LEU E 66 35.74 -4.50 -2.17
C LEU E 66 36.36 -3.14 -1.90
N LEU E 67 36.38 -2.26 -2.90
CA LEU E 67 36.99 -0.95 -2.74
C LEU E 67 36.24 -0.10 -1.72
N ALA E 68 34.93 -0.24 -1.65
CA ALA E 68 34.14 0.55 -0.71
C ALA E 68 34.42 0.15 0.73
N GLU E 69 34.61 -1.15 0.99
CA GLU E 69 34.84 -1.61 2.36
C GLU E 69 36.28 -1.35 2.80
N THR E 70 37.25 -1.75 1.98
CA THR E 70 38.65 -1.56 2.34
C THR E 70 39.01 -0.09 2.49
N LEU E 71 38.39 0.78 1.71
CA LEU E 71 38.70 2.21 1.79
C LEU E 71 38.30 2.79 3.14
N ALA E 72 37.23 2.28 3.74
CA ALA E 72 36.77 2.79 5.03
C ALA E 72 37.75 2.49 6.16
N ARG E 73 38.60 1.49 6.01
CA ARG E 73 39.53 1.12 7.08
C ARG E 73 40.53 2.23 7.36
N LEU E 74 41.20 2.73 6.33
CA LEU E 74 42.21 3.77 6.49
C LEU E 74 41.66 5.18 6.45
N LEU E 75 40.40 5.37 6.06
CA LEU E 75 39.84 6.72 5.98
C LEU E 75 39.56 7.28 7.37
N ASP E 76 38.93 6.48 8.23
CA ASP E 76 38.55 6.79 9.61
C ASP E 76 37.36 7.72 9.73
N VAL E 77 36.80 8.23 8.64
CA VAL E 77 35.60 9.06 8.68
C VAL E 77 34.44 8.06 8.63
N PRO E 78 33.21 8.42 8.97
CA PRO E 78 32.15 7.42 8.91
C PRO E 78 31.85 7.01 7.47
N PHE E 79 31.57 5.72 7.30
CA PHE E 79 31.27 5.13 6.01
C PHE E 79 30.07 4.21 6.16
N THR E 80 29.31 4.06 5.09
CA THR E 80 28.14 3.19 5.10
C THR E 80 28.03 2.51 3.75
N MET E 81 27.05 1.62 3.62
CA MET E 81 26.81 0.88 2.39
C MET E 81 25.34 0.50 2.34
N ALA E 82 24.64 1.01 1.35
CA ALA E 82 23.21 0.73 1.15
C ALA E 82 23.01 0.09 -0.21
N ASP E 83 21.79 -0.39 -0.43
CA ASP E 83 21.42 -1.05 -1.67
C ASP E 83 20.37 -0.25 -2.43
N ALA E 84 20.64 0.01 -3.71
CA ALA E 84 19.72 0.74 -4.56
C ALA E 84 18.48 -0.08 -4.90
N THR E 85 18.57 -1.42 -4.85
CA THR E 85 17.44 -2.26 -5.19
C THR E 85 16.26 -2.01 -4.26
N THR E 86 16.54 -1.72 -2.99
CA THR E 86 15.48 -1.46 -2.01
C THR E 86 15.11 0.02 -2.03
N LEU E 87 14.50 0.44 -3.13
CA LEU E 87 14.08 1.82 -3.30
C LEU E 87 12.96 1.87 -4.33
N THR E 88 12.14 2.92 -4.22
CA THR E 88 11.00 3.17 -5.10
C THR E 88 10.61 4.63 -4.92
N GLU E 89 9.66 5.07 -5.74
CA GLU E 89 9.18 6.44 -5.65
C GLU E 89 8.36 6.65 -4.38
N ALA E 90 8.36 7.90 -3.90
CA ALA E 90 7.62 8.28 -2.71
C ALA E 90 6.14 7.92 -2.84
N GLY E 91 5.56 7.48 -1.72
CA GLY E 91 4.17 7.07 -1.67
C GLY E 91 3.95 5.58 -1.75
N TYR E 92 5.01 4.80 -1.91
CA TYR E 92 4.95 3.35 -2.00
C TYR E 92 5.76 2.78 -0.85
N VAL E 93 5.31 1.63 -0.34
CA VAL E 93 5.94 1.00 0.82
C VAL E 93 7.43 0.78 0.59
N GLY E 94 7.83 0.43 -0.63
CA GLY E 94 9.24 0.20 -0.90
C GLY E 94 10.12 1.39 -0.65
N GLU E 95 9.66 2.58 -1.05
CA GLU E 95 10.46 3.79 -0.91
C GLU E 95 10.89 4.05 0.53
N ASP E 96 12.20 4.01 0.74
CA ASP E 96 12.85 4.26 2.03
C ASP E 96 14.07 5.16 1.77
N VAL E 97 13.91 6.19 0.94
CA VAL E 97 15.03 7.04 0.54
C VAL E 97 15.71 7.68 1.74
N GLU E 98 14.97 7.93 2.82
CA GLU E 98 15.59 8.51 4.00
C GLU E 98 16.51 7.53 4.73
N ASN E 99 16.28 6.22 4.56
CA ASN E 99 17.08 5.22 5.27
C ASN E 99 18.57 5.34 4.99
N ILE E 100 18.97 5.73 3.77
CA ILE E 100 20.39 5.83 3.45
C ILE E 100 21.07 6.82 4.38
N ILE E 101 20.47 7.99 4.57
CA ILE E 101 21.04 8.96 5.51
C ILE E 101 20.96 8.41 6.92
N GLN E 102 19.85 7.72 7.24
CA GLN E 102 19.66 7.13 8.56
C GLN E 102 20.78 6.16 8.90
N LYS E 103 21.12 5.28 7.95
CA LYS E 103 22.19 4.30 8.15
C LYS E 103 23.49 5.00 8.56
N LEU E 104 23.87 6.04 7.82
CA LEU E 104 25.07 6.80 8.10
C LEU E 104 25.18 7.22 9.56
N LEU E 105 24.05 7.60 10.18
CA LEU E 105 24.09 8.04 11.57
C LEU E 105 24.36 6.88 12.52
N GLN E 106 23.96 5.66 12.14
CA GLN E 106 24.23 4.52 13.00
C GLN E 106 25.73 4.30 13.17
N LYS E 107 26.48 4.53 12.09
CA LYS E 107 27.94 4.39 12.11
C LYS E 107 28.60 5.54 12.83
N SER E 108 28.01 6.72 12.78
CA SER E 108 28.55 7.92 13.41
C SER E 108 28.03 8.14 14.82
N ASP E 109 27.15 7.27 15.32
CA ASP E 109 26.61 7.37 16.67
C ASP E 109 25.72 8.60 16.84
N TYR E 110 24.94 8.90 15.81
CA TYR E 110 24.02 10.04 15.82
C TYR E 110 24.77 11.36 16.08
N ASP E 111 25.72 11.64 15.19
CA ASP E 111 26.54 12.85 15.24
C ASP E 111 26.31 13.54 13.89
N VAL E 112 25.44 14.54 13.89
CA VAL E 112 25.12 15.25 12.65
C VAL E 112 26.34 15.99 12.13
N GLN E 113 27.11 16.62 13.02
CA GLN E 113 28.30 17.35 12.57
C GLN E 113 29.33 16.41 11.97
N LYS E 114 29.34 15.15 12.40
CA LYS E 114 30.29 14.17 11.89
C LYS E 114 29.73 13.36 10.72
N ALA E 115 28.40 13.24 10.64
CA ALA E 115 27.82 12.48 9.54
C ALA E 115 27.91 13.24 8.22
N GLN E 116 27.82 14.56 8.27
CA GLN E 116 27.93 15.36 7.04
C GLN E 116 29.30 15.20 6.40
N ARG E 117 30.31 14.92 7.20
CA ARG E 117 31.68 14.75 6.73
C ARG E 117 32.00 13.32 6.32
N GLY E 118 31.00 12.45 6.23
CA GLY E 118 31.22 11.06 5.87
C GLY E 118 31.17 10.82 4.37
N ILE E 119 31.28 9.54 4.03
CA ILE E 119 31.27 9.06 2.65
C ILE E 119 30.20 7.99 2.54
N VAL E 120 29.56 7.90 1.38
CA VAL E 120 28.51 6.93 1.11
C VAL E 120 28.77 6.27 -0.23
N TYR E 121 28.37 5.00 -0.32
CA TYR E 121 28.55 4.17 -1.51
C TYR E 121 27.23 3.50 -1.85
N ILE E 122 26.99 3.35 -3.15
CA ILE E 122 25.79 2.73 -3.70
C ILE E 122 26.22 1.63 -4.66
N ASP E 123 25.49 0.52 -4.64
CA ASP E 123 25.77 -0.63 -5.50
C ASP E 123 24.55 -0.99 -6.31
N GLN E 124 24.78 -1.55 -7.50
CA GLN E 124 23.73 -1.96 -8.43
C GLN E 124 22.85 -0.79 -8.81
N ILE E 125 23.49 0.23 -9.38
CA ILE E 125 22.77 1.43 -9.80
C ILE E 125 22.01 1.20 -11.11
N ASP E 126 22.53 0.34 -11.99
CA ASP E 126 21.88 0.07 -13.27
C ASP E 126 20.48 -0.53 -13.13
N LYS E 127 20.15 -1.09 -11.97
CA LYS E 127 18.85 -1.73 -11.77
C LYS E 127 17.67 -0.77 -11.98
N ILE E 128 17.89 0.55 -11.94
CA ILE E 128 16.81 1.51 -12.08
C ILE E 128 16.87 2.24 -13.43
N SER E 129 17.50 1.64 -14.42
CA SER E 129 17.54 2.27 -15.74
C SER E 129 16.19 2.08 -16.42
N ARG E 130 15.66 3.14 -17.02
CA ARG E 130 14.38 3.05 -17.71
C ARG E 130 14.52 2.12 -18.92
N LYS E 131 13.43 1.42 -19.23
CA LYS E 131 13.38 0.49 -20.34
C LYS E 131 12.75 1.10 -21.59
N SER E 132 12.42 2.39 -21.57
CA SER E 132 11.79 3.09 -22.70
C SER E 132 10.56 2.33 -23.20
N ASP E 133 9.68 1.99 -22.26
CA ASP E 133 8.45 1.27 -22.57
C ASP E 133 7.25 2.22 -22.56
N SER E 136 5.96 8.07 -22.10
CA SER E 136 5.66 6.71 -21.66
C SER E 136 4.17 6.51 -21.51
N ILE E 137 3.73 5.24 -21.59
CA ILE E 137 2.32 4.89 -21.46
C ILE E 137 1.99 4.35 -20.08
N THR E 138 2.94 4.34 -19.15
CA THR E 138 2.71 3.83 -17.81
C THR E 138 3.59 4.60 -16.83
N ARG E 139 3.30 4.44 -15.54
CA ARG E 139 4.06 5.07 -14.46
C ARG E 139 4.90 4.00 -13.81
N ASP E 140 6.21 4.27 -13.67
CA ASP E 140 7.15 3.32 -13.11
C ASP E 140 7.50 3.70 -11.67
N VAL E 141 7.13 2.84 -10.72
CA VAL E 141 7.50 3.07 -9.33
C VAL E 141 8.99 2.82 -9.15
N SER E 142 9.53 1.87 -9.89
CA SER E 142 10.93 1.49 -9.89
C SER E 142 11.50 1.82 -11.26
N GLY E 143 12.72 2.35 -11.29
CA GLY E 143 13.33 2.79 -12.53
C GLY E 143 13.51 4.28 -12.56
N GLU E 144 13.28 4.90 -13.73
CA GLU E 144 13.43 6.34 -13.92
C GLU E 144 12.93 7.16 -12.75
N GLY E 145 11.69 6.90 -12.30
CA GLY E 145 11.10 7.55 -11.15
C GLY E 145 12.02 7.68 -9.95
N VAL E 146 12.79 6.62 -9.68
CA VAL E 146 13.71 6.62 -8.55
C VAL E 146 14.84 7.62 -8.75
N GLN E 147 15.33 7.73 -9.99
CA GLN E 147 16.44 8.64 -10.28
C GLN E 147 16.05 10.09 -10.01
N GLN E 148 14.83 10.47 -10.38
CA GLN E 148 14.37 11.84 -10.17
C GLN E 148 14.45 12.26 -8.71
N ALA E 149 14.20 11.33 -7.79
CA ALA E 149 14.24 11.66 -6.36
C ALA E 149 15.66 11.88 -5.87
N LEU E 150 16.64 11.21 -6.46
CA LEU E 150 18.04 11.33 -6.04
C LEU E 150 18.69 12.62 -6.49
N LEU E 151 18.16 13.27 -7.53
CA LEU E 151 18.73 14.51 -8.07
C LEU E 151 18.97 15.54 -6.98
N LYS E 152 17.92 15.93 -6.27
CA LYS E 152 18.06 16.93 -5.22
C LYS E 152 18.92 16.44 -4.07
N LEU E 153 18.93 15.13 -3.81
CA LEU E 153 19.72 14.60 -2.70
C LEU E 153 21.22 14.75 -2.94
N ILE E 154 21.66 14.54 -4.18
CA ILE E 154 23.09 14.62 -4.48
C ILE E 154 23.55 16.07 -4.42
N GLU E 155 22.95 16.94 -5.25
CA GLU E 155 23.24 18.37 -5.29
C GLU E 155 23.41 18.97 -3.90
N GLY E 156 22.45 18.68 -3.02
CA GLY E 156 22.45 19.19 -1.66
C GLY E 156 21.10 19.73 -1.25
N THR E 157 20.63 19.31 -0.10
CA THR E 157 19.34 19.71 0.47
C THR E 157 19.35 19.25 1.92
N VAL E 158 18.22 19.42 2.61
CA VAL E 158 18.08 19.01 4.00
C VAL E 158 16.93 18.02 4.07
N ALA E 159 17.29 16.73 4.04
CA ALA E 159 16.30 15.67 4.17
C ALA E 159 15.86 15.54 5.61
N ALA E 160 14.68 14.97 5.80
CA ALA E 160 14.13 14.73 7.13
C ALA E 160 14.41 13.27 7.48
N VAL E 161 15.01 13.04 8.64
CA VAL E 161 15.37 11.71 9.10
C VAL E 161 14.64 11.43 10.41
N PRO E 162 13.91 10.32 10.55
CA PRO E 162 13.31 10.01 11.85
C PRO E 162 14.42 9.72 12.86
N PRO E 163 14.39 10.32 14.06
CA PRO E 163 15.49 10.07 15.00
C PRO E 163 15.65 8.60 15.34
N GLN E 164 16.86 8.09 15.12
CA GLN E 164 17.21 6.68 15.35
C GLN E 164 16.20 5.76 14.67
N GLY E 165 15.78 6.15 13.47
CA GLY E 165 14.82 5.42 12.68
C GLY E 165 13.37 5.59 13.10
N GLY E 166 13.10 6.35 14.16
CA GLY E 166 11.75 6.60 14.60
C GLY E 166 11.27 5.59 15.62
N ARG E 167 10.82 6.05 16.79
CA ARG E 167 10.30 5.11 17.78
C ARG E 167 8.93 4.58 17.36
N LYS E 168 8.01 5.48 17.03
CA LYS E 168 6.62 5.20 16.66
C LYS E 168 6.01 6.53 16.19
N HIS E 169 4.75 6.50 15.76
CA HIS E 169 4.09 7.71 15.27
C HIS E 169 3.97 8.85 16.29
N GLN E 171 5.93 10.51 18.31
CA GLN E 171 6.96 11.55 18.36
C GLN E 171 6.71 12.65 17.33
N GLN E 172 6.46 12.27 16.08
CA GLN E 172 6.15 13.23 15.01
C GLN E 172 7.24 14.28 14.80
N GLU E 173 8.49 13.97 15.14
CA GLU E 173 9.61 14.87 14.94
C GLU E 173 10.63 14.22 14.01
N PHE E 174 11.44 15.05 13.36
CA PHE E 174 12.45 14.58 12.43
C PHE E 174 13.77 15.31 12.66
N LEU E 175 14.82 14.77 12.04
CA LEU E 175 16.17 15.30 12.12
C LEU E 175 16.56 15.89 10.77
N GLN E 176 17.03 17.13 10.79
CA GLN E 176 17.44 17.82 9.57
C GLN E 176 18.97 17.76 9.51
N VAL E 177 19.49 17.17 8.43
CA VAL E 177 20.93 16.99 8.23
C VAL E 177 21.29 17.45 6.83
N ASP E 178 22.11 18.49 6.73
CA ASP E 178 22.58 18.98 5.44
C ASP E 178 23.25 17.85 4.67
N THR E 179 23.13 17.88 3.34
CA THR E 179 23.70 16.85 2.49
C THR E 179 24.51 17.42 1.32
N SER E 180 24.73 18.73 1.27
CA SER E 180 25.52 19.29 0.18
C SER E 180 26.96 18.82 0.22
N LYS E 181 27.51 18.61 1.41
CA LYS E 181 28.90 18.19 1.59
C LYS E 181 29.11 16.67 1.54
N ILE E 182 28.04 15.88 1.57
CA ILE E 182 28.20 14.43 1.58
C ILE E 182 28.49 13.93 0.17
N LEU E 183 29.44 13.01 0.07
CA LEU E 183 29.85 12.40 -1.18
C LEU E 183 29.08 11.12 -1.42
N PHE E 184 28.89 10.78 -2.69
CA PHE E 184 28.22 9.56 -3.10
C PHE E 184 29.05 8.89 -4.19
N ILE E 185 29.21 7.58 -4.09
CA ILE E 185 29.97 6.79 -5.05
C ILE E 185 29.05 5.68 -5.55
N CYS E 186 28.41 5.92 -6.69
CA CYS E 186 27.53 4.95 -7.30
C CYS E 186 28.33 4.03 -8.21
N GLY E 187 28.05 2.74 -8.14
CA GLY E 187 28.75 1.78 -8.97
C GLY E 187 27.90 0.56 -9.24
N GLY E 188 28.16 -0.10 -10.36
CA GLY E 188 27.43 -1.28 -10.73
C GLY E 188 27.70 -1.76 -12.14
N ALA E 189 27.43 -3.03 -12.39
CA ALA E 189 27.63 -3.60 -13.72
C ALA E 189 26.51 -3.17 -14.64
N PHE E 190 26.86 -2.88 -15.89
CA PHE E 190 25.90 -2.44 -16.91
C PHE E 190 25.90 -3.47 -18.05
N ALA E 191 24.97 -4.42 -17.97
CA ALA E 191 24.84 -5.44 -19.00
C ALA E 191 24.21 -4.86 -20.25
N GLY E 192 24.81 -5.16 -21.40
CA GLY E 192 24.32 -4.66 -22.66
C GLY E 192 24.75 -3.26 -23.02
N LEU E 193 25.42 -2.55 -22.11
CA LEU E 193 25.85 -1.19 -22.39
C LEU E 193 26.87 -1.16 -23.52
N ASP E 194 27.92 -1.98 -23.41
CA ASP E 194 28.97 -2.05 -24.43
C ASP E 194 28.39 -2.15 -25.85
N LYS E 195 27.32 -2.90 -26.02
CA LYS E 195 26.69 -3.00 -27.33
C LYS E 195 26.19 -1.65 -27.81
N VAL E 196 25.59 -0.87 -26.90
CA VAL E 196 25.07 0.44 -27.26
C VAL E 196 26.21 1.37 -27.66
N ILE E 197 27.29 1.38 -26.87
CA ILE E 197 28.42 2.24 -27.20
C ILE E 197 29.08 1.78 -28.48
N SER E 198 29.23 0.46 -28.63
CA SER E 198 29.89 -0.09 -29.83
C SER E 198 29.15 0.31 -31.09
N HIS E 199 27.82 0.20 -31.09
CA HIS E 199 27.05 0.56 -32.27
C HIS E 199 27.24 2.02 -32.64
N ARG E 200 27.27 2.91 -31.65
CA ARG E 200 27.42 4.33 -31.92
C ARG E 200 28.84 4.66 -32.36
N VAL E 201 29.83 4.24 -31.58
CA VAL E 201 31.22 4.59 -31.87
C VAL E 201 31.74 3.86 -33.10
N GLU E 202 31.50 2.54 -33.20
CA GLU E 202 32.09 1.77 -34.29
C GLU E 202 31.22 1.69 -35.54
N THR E 203 30.78 2.83 -36.09
CA THR E 203 30.10 2.81 -37.38
C THR E 203 29.96 4.22 -37.96
N GLY E 204 30.26 4.35 -39.25
CA GLY E 204 30.06 5.56 -40.01
C GLY E 204 29.61 5.25 -41.42
N SER E 205 29.10 4.04 -41.64
CA SER E 205 28.81 3.56 -42.99
C SER E 205 27.36 3.18 -43.25
N GLY E 206 26.99 3.37 -44.51
CA GLY E 206 25.69 2.94 -45.02
C GLY E 206 25.83 1.54 -45.60
N ILE E 207 24.71 0.98 -46.03
CA ILE E 207 24.68 -0.38 -46.58
C ILE E 207 24.73 -0.39 -48.11
N GLY E 208 24.56 0.75 -48.77
CA GLY E 208 24.55 0.78 -50.22
C GLY E 208 25.92 0.72 -50.86
N PHE E 209 25.89 0.79 -52.20
CA PHE E 209 27.11 0.74 -53.01
C PHE E 209 28.01 1.95 -52.77
N GLY E 210 27.45 3.16 -52.91
CA GLY E 210 28.24 4.37 -52.81
C GLY E 210 28.80 4.65 -51.43
N ALA E 211 28.05 4.30 -50.38
CA ALA E 211 28.51 4.59 -49.04
C ALA E 211 29.77 3.79 -48.71
N THR E 212 30.76 4.47 -48.14
CA THR E 212 32.02 3.85 -47.75
C THR E 212 31.79 2.99 -46.53
N VAL E 213 32.60 1.94 -46.38
CA VAL E 213 32.46 0.98 -45.28
C VAL E 213 33.64 1.15 -44.32
N LYS E 214 33.32 1.42 -43.06
CA LYS E 214 34.30 1.58 -42.00
C LYS E 214 34.69 0.22 -41.44
N ALA E 215 35.98 -0.10 -41.48
CA ALA E 215 36.48 -1.36 -40.92
C ALA E 215 36.85 -1.09 -39.47
N LYS E 216 36.13 -1.73 -38.55
CA LYS E 216 36.37 -1.50 -37.13
C LYS E 216 35.78 -2.66 -36.33
N SER E 217 35.99 -2.60 -35.01
CA SER E 217 35.50 -3.59 -34.06
C SER E 217 36.06 -4.99 -34.34
N ASP E 218 37.38 -5.05 -34.54
CA ASP E 218 38.02 -6.34 -34.77
C ASP E 218 37.90 -7.24 -33.54
N LYS E 219 38.10 -6.65 -32.37
CA LYS E 219 38.03 -7.34 -31.08
C LYS E 219 36.97 -6.68 -30.21
N ALA E 220 36.44 -7.46 -29.26
CA ALA E 220 35.42 -6.92 -28.36
C ALA E 220 35.97 -5.74 -27.56
N SER E 221 37.10 -5.94 -26.89
CA SER E 221 37.77 -4.88 -26.13
C SER E 221 36.83 -4.26 -25.11
N GLU E 222 36.35 -5.08 -24.17
CA GLU E 222 35.42 -4.58 -23.16
C GLU E 222 36.07 -3.52 -22.27
N GLY E 223 37.34 -3.72 -21.93
CA GLY E 223 38.02 -2.74 -21.09
C GLY E 223 38.31 -1.46 -21.84
N GLU E 224 38.80 -1.56 -23.07
CA GLU E 224 39.12 -0.39 -23.87
C GLU E 224 37.89 0.29 -24.46
N LEU E 225 36.75 -0.41 -24.52
CA LEU E 225 35.54 0.19 -25.08
C LEU E 225 34.82 1.05 -24.05
N LEU E 226 34.75 0.59 -22.80
CA LEU E 226 34.08 1.36 -21.76
C LEU E 226 34.83 2.67 -21.50
N ALA E 227 36.13 2.70 -21.75
CA ALA E 227 36.91 3.93 -21.56
C ALA E 227 36.40 5.04 -22.48
N GLN E 228 35.85 4.67 -23.64
CA GLN E 228 35.32 5.62 -24.61
C GLN E 228 33.87 5.99 -24.33
N VAL E 229 33.37 5.73 -23.12
CA VAL E 229 31.98 6.05 -22.81
C VAL E 229 31.81 7.56 -22.66
N GLU E 230 30.56 7.99 -22.69
CA GLU E 230 30.22 9.41 -22.59
C GLU E 230 28.80 9.49 -22.04
N PRO E 231 28.37 10.69 -21.62
CA PRO E 231 27.02 10.80 -21.06
C PRO E 231 25.93 10.51 -22.09
N GLU E 232 26.10 10.96 -23.33
CA GLU E 232 25.08 10.71 -24.34
C GLU E 232 24.86 9.22 -24.57
N ASP E 233 25.92 8.41 -24.40
CA ASP E 233 25.78 6.98 -24.56
C ASP E 233 24.87 6.38 -23.49
N LEU E 234 24.89 6.97 -22.29
CA LEU E 234 24.07 6.49 -21.19
C LEU E 234 22.60 6.86 -21.35
N ILE E 235 22.31 7.94 -22.09
CA ILE E 235 20.90 8.33 -22.28
C ILE E 235 20.17 7.26 -23.06
N LYS E 236 20.81 6.70 -24.07
CA LYS E 236 20.20 5.62 -24.83
C LYS E 236 20.00 4.38 -23.96
N PHE E 237 20.93 4.15 -23.03
CA PHE E 237 20.82 3.01 -22.13
C PHE E 237 19.57 3.13 -21.26
N GLY E 238 19.23 4.35 -20.84
CA GLY E 238 18.07 4.58 -20.01
C GLY E 238 18.25 5.63 -18.93
N LEU E 239 19.49 5.98 -18.61
CA LEU E 239 19.72 6.98 -17.58
C LEU E 239 19.26 8.36 -18.08
N ILE E 240 18.98 9.24 -17.12
CA ILE E 240 18.49 10.59 -17.42
C ILE E 240 19.70 11.51 -17.48
N PRO E 241 19.71 12.56 -18.33
CA PRO E 241 20.89 13.44 -18.35
C PRO E 241 21.10 14.18 -17.03
N GLU E 242 20.04 14.52 -16.32
CA GLU E 242 20.18 15.23 -15.06
C GLU E 242 20.92 14.39 -14.04
N PHE E 243 20.62 13.09 -13.97
CA PHE E 243 21.29 12.23 -13.01
C PHE E 243 22.77 12.10 -13.32
N ILE E 244 23.13 12.06 -14.61
CA ILE E 244 24.53 11.96 -15.00
C ILE E 244 25.27 13.25 -14.65
N GLY E 245 24.59 14.39 -14.74
CA GLY E 245 25.25 15.64 -14.41
C GLY E 245 25.70 15.70 -12.97
N ARG E 246 24.97 15.02 -12.08
CA ARG E 246 25.36 14.98 -10.68
C ARG E 246 26.61 14.14 -10.45
N LEU E 247 26.95 13.27 -11.41
CA LEU E 247 28.12 12.39 -11.33
C LEU E 247 29.02 12.70 -12.52
N PRO E 248 29.85 13.76 -12.43
CA PRO E 248 30.71 14.09 -13.58
C PRO E 248 31.84 13.09 -13.79
N VAL E 249 32.48 12.63 -12.72
CA VAL E 249 33.60 11.72 -12.88
C VAL E 249 33.10 10.33 -13.25
N VAL E 250 33.89 9.63 -14.04
CA VAL E 250 33.59 8.28 -14.50
C VAL E 250 34.85 7.44 -14.35
N ALA E 251 34.65 6.15 -14.10
CA ALA E 251 35.74 5.20 -13.92
C ALA E 251 35.41 3.92 -14.66
N THR E 252 36.40 3.40 -15.39
CA THR E 252 36.27 2.17 -16.16
C THR E 252 37.19 1.13 -15.56
N LEU E 253 36.62 0.02 -15.12
CA LEU E 253 37.36 -1.08 -14.51
C LEU E 253 37.65 -2.16 -15.53
N ASN E 254 38.93 -2.41 -15.77
CA ASN E 254 39.31 -3.46 -16.70
C ASN E 254 38.88 -4.82 -16.15
N GLU E 255 38.48 -5.71 -17.05
CA GLU E 255 38.03 -7.02 -16.62
C GLU E 255 39.21 -7.85 -16.10
N LEU E 256 38.90 -9.06 -15.65
CA LEU E 256 39.90 -9.97 -15.12
C LEU E 256 40.57 -10.77 -16.22
N SER E 257 41.81 -11.17 -15.97
CA SER E 257 42.62 -11.96 -16.89
C SER E 257 43.05 -13.24 -16.18
N GLU E 258 43.59 -14.18 -16.97
CA GLU E 258 44.03 -15.45 -16.40
C GLU E 258 45.19 -15.24 -15.43
N GLU E 259 46.23 -14.54 -15.87
CA GLU E 259 47.37 -14.29 -14.99
C GLU E 259 47.00 -13.43 -13.80
N ALA E 260 45.99 -12.58 -13.96
CA ALA E 260 45.56 -11.71 -12.87
C ALA E 260 45.06 -12.52 -11.68
N LEU E 261 44.40 -13.65 -11.95
CA LEU E 261 43.86 -14.48 -10.88
C LEU E 261 44.99 -15.06 -10.02
N ILE E 262 46.11 -15.43 -10.65
CA ILE E 262 47.21 -16.00 -9.89
C ILE E 262 47.79 -14.98 -8.92
N GLN E 263 47.87 -13.71 -9.35
CA GLN E 263 48.38 -12.67 -8.47
C GLN E 263 47.43 -12.40 -7.32
N ILE E 264 46.13 -12.58 -7.55
CA ILE E 264 45.13 -12.32 -6.52
C ILE E 264 45.25 -13.33 -5.39
N LEU E 265 45.73 -14.54 -5.67
CA LEU E 265 45.84 -15.57 -4.64
C LEU E 265 47.16 -15.54 -3.87
N LYS E 266 48.13 -14.72 -4.28
CA LYS E 266 49.44 -14.66 -3.61
C LYS E 266 49.75 -13.31 -2.99
N GLU E 267 49.55 -12.21 -3.71
CA GLU E 267 49.94 -10.91 -3.18
C GLU E 267 49.04 -10.39 -2.07
N PRO E 268 47.71 -10.31 -2.23
CA PRO E 268 46.89 -9.74 -1.16
C PRO E 268 46.80 -10.63 0.07
N LYS E 269 46.66 -9.95 1.22
CA LYS E 269 46.52 -10.67 2.48
C LYS E 269 45.23 -11.44 2.56
N ASN E 270 44.19 -10.99 1.84
CA ASN E 270 42.88 -11.63 1.83
C ASN E 270 42.78 -12.76 0.82
N ALA E 271 43.91 -13.23 0.29
CA ALA E 271 43.89 -14.33 -0.66
C ALA E 271 43.36 -15.60 0.01
N LEU E 272 42.64 -16.40 -0.77
CA LEU E 272 42.08 -17.64 -0.20
C LEU E 272 43.18 -18.60 0.20
N THR E 273 44.33 -18.55 -0.47
CA THR E 273 45.44 -19.41 -0.09
C THR E 273 45.89 -19.10 1.33
N LYS E 274 45.94 -17.81 1.68
CA LYS E 274 46.33 -17.43 3.03
C LYS E 274 45.23 -17.77 4.04
N GLN E 275 43.98 -17.77 3.60
CA GLN E 275 42.89 -18.11 4.51
C GLN E 275 42.96 -19.57 4.91
N TYR E 276 43.06 -20.47 3.93
CA TYR E 276 43.17 -21.89 4.22
C TYR E 276 44.49 -22.21 4.92
N GLN E 277 45.54 -21.46 4.61
CA GLN E 277 46.82 -21.67 5.26
C GLN E 277 46.71 -21.46 6.75
N ALA E 278 45.97 -20.42 7.17
CA ALA E 278 45.76 -20.16 8.58
C ALA E 278 44.74 -21.11 9.17
N LEU E 279 43.84 -21.64 8.34
CA LEU E 279 42.85 -22.59 8.83
C LEU E 279 43.52 -23.85 9.36
N PHE E 280 44.63 -24.26 8.74
CA PHE E 280 45.38 -25.43 9.16
C PHE E 280 46.51 -25.07 10.12
N ASN E 281 46.84 -23.78 10.25
CA ASN E 281 47.90 -23.39 11.17
C ASN E 281 47.52 -23.69 12.61
N LEU E 282 46.23 -23.55 12.96
CA LEU E 282 45.80 -23.85 14.31
C LEU E 282 45.97 -25.33 14.64
N GLU E 283 45.89 -26.19 13.62
CA GLU E 283 46.07 -27.62 13.79
C GLU E 283 47.53 -28.03 13.79
N GLY E 284 48.46 -27.09 13.71
CA GLY E 284 49.87 -27.44 13.67
C GLY E 284 50.26 -28.14 12.40
N VAL E 285 49.69 -27.72 11.26
CA VAL E 285 49.95 -28.32 9.97
C VAL E 285 50.23 -27.22 8.95
N ASP E 286 51.13 -27.50 8.02
CA ASP E 286 51.51 -26.59 6.96
C ASP E 286 50.72 -26.88 5.70
N LEU E 287 50.62 -25.86 4.83
CA LEU E 287 49.91 -25.97 3.57
C LEU E 287 50.76 -25.35 2.47
N GLU E 288 50.57 -25.85 1.25
CA GLU E 288 51.31 -25.38 0.09
C GLU E 288 50.39 -25.31 -1.12
N PHE E 289 50.74 -24.42 -2.05
CA PHE E 289 49.99 -24.26 -3.29
C PHE E 289 51.00 -23.93 -4.38
N ARG E 290 51.30 -24.90 -5.23
CA ARG E 290 52.26 -24.71 -6.30
C ARG E 290 51.61 -24.01 -7.49
N ASP E 291 52.46 -23.37 -8.30
CA ASP E 291 51.97 -22.66 -9.48
C ASP E 291 51.31 -23.60 -10.49
N GLU E 292 51.73 -24.88 -10.49
CA GLU E 292 51.14 -25.85 -11.41
C GLU E 292 49.65 -26.02 -11.17
N ALA E 293 49.18 -25.78 -9.94
CA ALA E 293 47.78 -25.89 -9.61
C ALA E 293 47.02 -24.58 -9.77
N LEU E 294 47.68 -23.45 -9.53
CA LEU E 294 47.01 -22.16 -9.64
C LEU E 294 46.66 -21.82 -11.08
N ASP E 295 47.60 -22.03 -12.01
CA ASP E 295 47.33 -21.72 -13.41
C ASP E 295 46.20 -22.58 -13.96
N ALA E 296 46.06 -23.81 -13.46
CA ALA E 296 44.98 -24.67 -13.93
C ALA E 296 43.63 -24.20 -13.39
N ILE E 297 43.62 -23.67 -12.16
CA ILE E 297 42.39 -23.17 -11.56
C ILE E 297 41.88 -21.97 -12.34
N ALA E 298 42.80 -21.15 -12.88
CA ALA E 298 42.38 -19.97 -13.62
C ALA E 298 41.63 -20.35 -14.89
N LYS E 299 42.05 -21.44 -15.53
CA LYS E 299 41.36 -21.88 -16.74
C LYS E 299 39.96 -22.35 -16.41
N LYS E 300 39.79 -23.00 -15.26
CA LYS E 300 38.48 -23.46 -14.83
C LYS E 300 37.55 -22.27 -14.59
N ALA E 301 38.05 -21.21 -13.96
CA ALA E 301 37.23 -20.06 -13.65
C ALA E 301 36.72 -19.36 -14.91
N MET E 302 37.62 -19.08 -15.86
CA MET E 302 37.18 -18.41 -17.08
C MET E 302 36.24 -19.29 -17.88
N ALA E 303 36.38 -20.61 -17.78
CA ALA E 303 35.45 -21.51 -18.46
C ALA E 303 34.06 -21.38 -17.86
N ARG E 304 33.99 -21.18 -16.54
CA ARG E 304 32.72 -21.06 -15.82
C ARG E 304 32.02 -19.73 -16.09
N LYS E 305 32.75 -18.71 -16.53
CA LYS E 305 32.19 -17.37 -16.77
C LYS E 305 31.55 -16.83 -15.49
N THR E 306 32.19 -17.12 -14.35
CA THR E 306 31.74 -16.69 -13.04
C THR E 306 32.62 -15.62 -12.42
N GLY E 307 33.87 -15.50 -12.85
CA GLY E 307 34.79 -14.54 -12.30
C GLY E 307 35.45 -15.01 -11.02
N ALA E 308 36.16 -14.08 -10.38
CA ALA E 308 36.89 -14.41 -9.17
C ALA E 308 35.98 -14.75 -8.00
N ARG E 309 34.72 -14.34 -8.02
CA ARG E 309 33.83 -14.65 -6.90
C ARG E 309 33.55 -16.14 -6.81
N GLY E 310 33.41 -16.81 -7.96
CA GLY E 310 33.14 -18.23 -7.97
C GLY E 310 34.38 -19.08 -8.10
N LEU E 311 35.48 -18.62 -7.48
CA LEU E 311 36.74 -19.33 -7.51
C LEU E 311 36.86 -20.34 -6.37
N ARG E 312 36.15 -20.09 -5.26
CA ARG E 312 36.22 -20.99 -4.10
C ARG E 312 35.71 -22.38 -4.45
N SER E 313 34.65 -22.47 -5.25
CA SER E 313 34.05 -23.75 -5.61
C SER E 313 35.06 -24.71 -6.21
N ILE E 314 36.06 -24.19 -6.92
CA ILE E 314 37.07 -25.06 -7.52
C ILE E 314 38.06 -25.54 -6.47
N VAL E 315 38.36 -24.69 -5.48
CA VAL E 315 39.31 -25.06 -4.44
C VAL E 315 38.68 -26.02 -3.44
N GLU E 316 37.54 -25.64 -2.86
CA GLU E 316 36.90 -26.47 -1.85
C GLU E 316 36.46 -27.81 -2.41
N ALA E 317 36.14 -27.88 -3.70
CA ALA E 317 35.74 -29.15 -4.28
C ALA E 317 36.88 -30.16 -4.27
N ALA E 318 38.13 -29.68 -4.32
CA ALA E 318 39.30 -30.54 -4.32
C ALA E 318 39.74 -30.91 -2.91
N LEU E 319 39.68 -29.98 -1.97
CA LEU E 319 40.11 -30.21 -0.59
C LEU E 319 38.98 -30.71 0.30
N LEU E 320 37.91 -31.24 -0.27
CA LEU E 320 36.80 -31.74 0.53
C LEU E 320 37.21 -32.99 1.30
N ASP E 321 37.69 -34.02 0.61
CA ASP E 321 38.07 -35.25 1.28
C ASP E 321 39.25 -35.07 2.20
N THR E 322 40.19 -34.19 1.83
CA THR E 322 41.35 -33.95 2.68
C THR E 322 40.94 -33.31 4.01
N MET E 323 40.08 -32.29 3.94
CA MET E 323 39.61 -31.62 5.14
C MET E 323 38.74 -32.54 5.98
N TYR E 324 37.94 -33.37 5.33
CA TYR E 324 37.03 -34.26 6.06
C TYR E 324 37.77 -35.20 7.00
N ASP E 325 38.92 -35.73 6.57
CA ASP E 325 39.71 -36.64 7.40
C ASP E 325 40.97 -36.00 7.95
N LEU E 326 41.02 -34.67 8.01
CA LEU E 326 42.20 -33.99 8.56
C LEU E 326 42.22 -34.02 10.09
N PRO E 327 41.11 -33.68 10.79
CA PRO E 327 41.17 -33.70 12.26
C PRO E 327 41.52 -35.06 12.85
N SER E 328 40.92 -36.13 12.32
CA SER E 328 41.21 -37.46 12.85
C SER E 328 42.65 -37.87 12.57
N MET E 329 43.21 -37.43 11.44
CA MET E 329 44.58 -37.76 11.12
C MET E 329 45.53 -37.08 12.10
N GLU E 330 46.59 -37.78 12.47
CA GLU E 330 47.59 -37.28 13.40
C GLU E 330 48.98 -37.49 12.81
N ASP E 331 49.94 -36.76 13.36
CA ASP E 331 51.34 -36.83 12.94
C ASP E 331 51.54 -36.32 11.51
N VAL E 332 50.65 -35.43 11.05
CA VAL E 332 50.72 -34.86 9.71
C VAL E 332 51.14 -33.41 9.86
N GLU E 333 52.22 -33.03 9.17
CA GLU E 333 52.77 -31.67 9.24
C GLU E 333 52.71 -30.88 7.94
N LYS E 334 52.40 -31.51 6.81
CA LYS E 334 52.37 -30.77 5.55
C LYS E 334 51.44 -31.45 4.55
N VAL E 335 50.83 -30.62 3.69
CA VAL E 335 49.92 -31.06 2.64
C VAL E 335 50.28 -30.33 1.37
N VAL E 336 50.44 -31.06 0.27
CA VAL E 336 50.81 -30.50 -1.02
C VAL E 336 49.72 -30.85 -2.03
N ILE E 337 49.28 -29.84 -2.79
CA ILE E 337 48.24 -29.98 -3.81
C ILE E 337 48.89 -29.82 -5.18
N ASP E 338 48.91 -30.89 -5.95
CA ASP E 338 49.49 -30.88 -7.28
C ASP E 338 48.42 -30.57 -8.33
N GLU E 339 48.84 -30.51 -9.60
CA GLU E 339 47.91 -30.22 -10.68
C GLU E 339 46.94 -31.38 -10.90
N SER E 340 47.41 -32.61 -10.71
CA SER E 340 46.55 -33.78 -10.88
C SER E 340 45.37 -33.75 -9.91
N VAL E 341 45.58 -33.22 -8.72
CA VAL E 341 44.53 -33.18 -7.70
C VAL E 341 43.34 -32.37 -8.20
N ILE E 342 43.60 -31.29 -8.95
CA ILE E 342 42.50 -30.48 -9.46
C ILE E 342 41.65 -31.27 -10.43
N ASP E 343 42.30 -32.04 -11.33
CA ASP E 343 41.55 -32.87 -12.25
C ASP E 343 40.81 -33.99 -11.53
N GLY E 344 41.33 -34.42 -10.39
CA GLY E 344 40.73 -35.47 -9.59
C GLY E 344 41.36 -36.84 -9.78
N GLN E 345 42.29 -36.98 -10.72
CA GLN E 345 42.92 -38.28 -10.94
C GLN E 345 43.71 -38.73 -9.71
N SER E 346 44.40 -37.80 -9.05
CA SER E 346 45.20 -38.08 -7.87
C SER E 346 44.63 -37.38 -6.65
N GLU E 347 45.25 -37.68 -5.51
CA GLU E 347 44.91 -37.10 -4.21
C GLU E 347 46.08 -36.26 -3.70
N PRO E 348 45.81 -35.23 -2.90
CA PRO E 348 46.92 -34.40 -2.39
C PRO E 348 47.90 -35.21 -1.56
N LEU E 349 49.18 -34.93 -1.76
CA LEU E 349 50.24 -35.63 -1.04
C LEU E 349 50.36 -35.10 0.38
N LEU E 350 50.31 -36.01 1.35
CA LEU E 350 50.41 -35.68 2.76
C LEU E 350 51.73 -36.18 3.31
N ILE E 351 52.40 -35.33 4.09
CA ILE E 351 53.69 -35.64 4.69
C ILE E 351 53.48 -35.84 6.18
N TYR E 352 54.05 -36.91 6.72
CA TYR E 352 53.93 -37.22 8.13
C TYR E 352 55.16 -36.75 8.91
N LEU F 3 34.04 -27.48 18.62
CA LEU F 3 34.44 -28.68 19.33
C LEU F 3 34.23 -30.01 18.57
N PRO F 4 33.06 -30.22 17.93
CA PRO F 4 32.86 -31.47 17.20
C PRO F 4 33.83 -31.59 16.02
N THR F 5 33.77 -32.73 15.37
CA THR F 5 34.60 -33.07 14.22
C THR F 5 33.72 -33.59 13.09
N PRO F 6 34.25 -33.63 11.86
CA PRO F 6 33.43 -34.15 10.75
C PRO F 6 33.02 -35.59 10.93
N HIS F 7 33.86 -36.43 11.54
CA HIS F 7 33.50 -37.83 11.73
C HIS F 7 32.42 -37.98 12.80
N GLU F 8 32.52 -37.20 13.87
CA GLU F 8 31.53 -37.29 14.94
C GLU F 8 30.17 -36.81 14.46
N ILE F 9 30.14 -35.67 13.76
CA ILE F 9 28.87 -35.15 13.28
C ILE F 9 28.30 -36.04 12.18
N ARG F 10 29.16 -36.71 11.42
CA ARG F 10 28.68 -37.62 10.37
C ARG F 10 27.84 -38.74 10.98
N ASN F 11 28.30 -39.30 12.11
CA ASN F 11 27.55 -40.38 12.74
C ASN F 11 26.22 -39.88 13.27
N HIS F 12 26.22 -38.70 13.90
CA HIS F 12 24.97 -38.15 14.41
C HIS F 12 24.00 -37.88 13.26
N LEU F 13 24.51 -37.31 12.16
CA LEU F 13 23.67 -37.08 11.00
C LEU F 13 23.16 -38.40 10.42
N ASP F 14 24.04 -39.40 10.38
CA ASP F 14 23.65 -40.72 9.87
C ASP F 14 22.52 -41.31 10.69
N ASP F 15 22.53 -41.07 12.01
CA ASP F 15 21.49 -41.62 12.88
C ASP F 15 20.10 -41.15 12.47
N TYR F 16 19.97 -39.90 12.01
CA TYR F 16 18.69 -39.34 11.63
C TYR F 16 18.48 -39.23 10.12
N VAL F 17 19.54 -39.36 9.31
CA VAL F 17 19.44 -39.28 7.86
C VAL F 17 20.21 -40.44 7.26
N ILE F 18 19.72 -40.94 6.12
CA ILE F 18 20.34 -42.07 5.44
C ILE F 18 20.14 -41.90 3.93
N GLY F 19 20.90 -42.68 3.16
CA GLY F 19 20.86 -42.64 1.71
C GLY F 19 21.49 -41.43 1.07
N GLN F 20 22.13 -40.55 1.85
CA GLN F 20 22.80 -39.36 1.34
C GLN F 20 24.19 -39.33 1.98
N GLU F 21 25.16 -39.94 1.32
CA GLU F 21 26.52 -40.00 1.84
C GLU F 21 27.35 -38.78 1.46
N GLN F 22 27.29 -38.36 0.20
CA GLN F 22 28.07 -37.21 -0.24
C GLN F 22 27.60 -35.94 0.44
N ALA F 23 26.29 -35.82 0.70
CA ALA F 23 25.77 -34.61 1.34
C ALA F 23 26.29 -34.46 2.76
N LYS F 24 26.56 -35.56 3.46
CA LYS F 24 27.04 -35.47 4.83
C LYS F 24 28.44 -34.87 4.88
N LYS F 25 29.33 -35.33 4.00
CA LYS F 25 30.69 -34.82 3.99
C LYS F 25 30.74 -33.35 3.61
N VAL F 26 29.82 -32.91 2.73
CA VAL F 26 29.80 -31.52 2.30
C VAL F 26 29.42 -30.61 3.46
N LEU F 27 28.29 -30.91 4.12
CA LEU F 27 27.84 -30.09 5.23
C LEU F 27 28.75 -30.21 6.44
N ALA F 28 29.37 -31.38 6.64
CA ALA F 28 30.25 -31.57 7.79
C ALA F 28 31.46 -30.66 7.71
N VAL F 29 32.20 -30.73 6.60
CA VAL F 29 33.39 -29.90 6.45
C VAL F 29 33.01 -28.43 6.34
N ALA F 30 31.86 -28.13 5.74
CA ALA F 30 31.45 -26.74 5.61
C ALA F 30 31.14 -26.13 6.97
N VAL F 31 30.27 -26.78 7.74
CA VAL F 31 29.92 -26.27 9.06
C VAL F 31 31.12 -26.33 9.99
N TYR F 32 31.98 -27.34 9.83
CA TYR F 32 33.15 -27.44 10.69
C TYR F 32 34.09 -26.25 10.50
N ASN F 33 34.46 -25.97 9.24
CA ASN F 33 35.34 -24.84 8.98
C ASN F 33 34.64 -23.51 9.22
N HIS F 34 33.32 -23.47 9.08
CA HIS F 34 32.59 -22.22 9.29
C HIS F 34 32.69 -21.78 10.74
N TYR F 35 32.43 -22.71 11.68
CA TYR F 35 32.51 -22.37 13.10
C TYR F 35 33.94 -22.23 13.58
N LYS F 36 34.90 -22.86 12.90
CA LYS F 36 36.30 -22.68 13.26
C LYS F 36 36.70 -21.23 13.09
N ARG F 37 36.16 -20.58 12.05
CA ARG F 37 36.45 -19.18 11.79
C ARG F 37 35.87 -18.29 12.89
N LEU F 38 34.78 -18.70 13.53
CA LEU F 38 34.19 -17.89 14.59
C LEU F 38 34.99 -17.99 15.89
N ARG F 39 35.47 -19.20 16.23
CA ARG F 39 36.25 -19.36 17.45
C ARG F 39 37.56 -18.59 17.36
N ASN F 40 38.29 -18.78 16.27
CA ASN F 40 39.56 -18.09 16.07
C ASN F 40 39.37 -16.63 15.70
N GLY F 41 38.25 -16.28 15.08
CA GLY F 41 38.03 -14.90 14.68
C GLY F 41 39.07 -14.51 13.66
N ASP F 42 39.67 -13.33 13.86
CA ASP F 42 40.72 -12.82 12.98
C ASP F 42 41.97 -12.47 13.78
N THR F 43 42.28 -13.30 14.79
CA THR F 43 43.49 -13.07 15.59
C THR F 43 44.76 -13.47 14.85
N SER F 44 44.66 -14.36 13.87
CA SER F 44 45.80 -14.80 13.09
C SER F 44 46.17 -13.73 12.06
N ASN F 45 47.33 -13.95 11.42
CA ASN F 45 47.80 -13.05 10.37
C ASN F 45 46.71 -12.76 9.35
N GLY F 46 46.00 -13.80 8.92
CA GLY F 46 44.91 -13.60 7.98
C GLY F 46 43.77 -12.83 8.64
N VAL F 47 43.22 -11.88 7.89
CA VAL F 47 42.13 -11.04 8.37
C VAL F 47 41.00 -11.12 7.35
N GLU F 48 39.78 -10.86 7.84
CA GLU F 48 38.53 -10.87 7.05
C GLU F 48 38.36 -12.20 6.32
N LEU F 49 38.42 -13.28 7.08
CA LEU F 49 38.24 -14.63 6.55
C LEU F 49 36.90 -14.74 5.83
N GLY F 50 36.96 -15.06 4.54
CA GLY F 50 35.74 -15.15 3.76
C GLY F 50 34.85 -16.30 4.18
N LYS F 51 33.55 -16.13 3.93
CA LYS F 51 32.52 -17.11 4.26
C LYS F 51 32.26 -18.01 3.06
N SER F 52 31.92 -19.26 3.35
CA SER F 52 31.58 -20.25 2.33
C SER F 52 30.11 -20.63 2.51
N ASN F 53 29.29 -20.29 1.53
CA ASN F 53 27.87 -20.59 1.54
C ASN F 53 27.61 -21.98 0.97
N ILE F 54 26.39 -22.48 1.21
CA ILE F 54 25.98 -23.81 0.78
C ILE F 54 24.69 -23.71 -0.02
N LEU F 55 24.63 -24.47 -1.12
CA LEU F 55 23.48 -24.51 -2.02
C LEU F 55 23.12 -25.96 -2.25
N LEU F 56 21.93 -26.35 -1.80
CA LEU F 56 21.44 -27.73 -1.93
C LEU F 56 20.46 -27.84 -3.09
N ILE F 57 20.58 -28.92 -3.84
CA ILE F 57 19.71 -29.23 -4.97
C ILE F 57 19.35 -30.70 -4.89
N GLY F 58 18.07 -31.01 -4.78
CA GLY F 58 17.63 -32.38 -4.72
C GLY F 58 16.13 -32.53 -4.91
N PRO F 59 15.64 -33.76 -5.00
CA PRO F 59 14.20 -33.97 -5.18
C PRO F 59 13.43 -33.50 -3.96
N THR F 60 12.11 -33.46 -4.13
CA THR F 60 11.23 -33.03 -3.05
C THR F 60 11.10 -34.13 -2.01
N GLY F 61 11.02 -33.73 -0.75
CA GLY F 61 10.90 -34.68 0.33
C GLY F 61 12.09 -35.59 0.50
N SER F 62 13.27 -35.15 0.06
CA SER F 62 14.50 -35.93 0.14
C SER F 62 15.29 -35.68 1.42
N GLY F 63 14.68 -35.09 2.43
CA GLY F 63 15.37 -34.85 3.68
C GLY F 63 16.26 -33.62 3.71
N LYS F 64 16.05 -32.67 2.79
CA LYS F 64 16.86 -31.45 2.79
C LYS F 64 16.64 -30.66 4.07
N THR F 65 15.38 -30.51 4.48
CA THR F 65 15.06 -29.78 5.70
C THR F 65 15.50 -30.54 6.94
N LEU F 66 15.45 -31.88 6.89
CA LEU F 66 15.84 -32.67 8.05
C LEU F 66 17.31 -32.50 8.38
N LEU F 67 18.15 -32.37 7.34
CA LEU F 67 19.58 -32.19 7.58
C LEU F 67 19.85 -30.88 8.32
N ALA F 68 19.08 -29.83 8.01
CA ALA F 68 19.25 -28.56 8.68
C ALA F 68 18.60 -28.55 10.06
N GLU F 69 17.50 -29.30 10.23
CA GLU F 69 16.83 -29.34 11.52
C GLU F 69 17.63 -30.18 12.52
N THR F 70 18.07 -31.37 12.10
CA THR F 70 18.85 -32.22 12.98
C THR F 70 20.17 -31.56 13.36
N LEU F 71 20.73 -30.76 12.44
CA LEU F 71 21.98 -30.08 12.72
C LEU F 71 21.80 -29.04 13.82
N ALA F 72 20.67 -28.35 13.84
CA ALA F 72 20.42 -27.34 14.86
C ALA F 72 20.28 -27.95 16.24
N ARG F 73 19.77 -29.19 16.33
CA ARG F 73 19.61 -29.84 17.61
C ARG F 73 20.97 -30.16 18.23
N LEU F 74 21.86 -30.78 17.44
CA LEU F 74 23.18 -31.11 17.95
C LEU F 74 24.04 -29.87 18.10
N LEU F 75 24.01 -28.99 17.10
CA LEU F 75 24.81 -27.76 17.16
C LEU F 75 24.30 -26.82 18.25
N ASP F 76 22.98 -26.80 18.48
CA ASP F 76 22.29 -25.99 19.49
C ASP F 76 22.16 -24.52 19.10
N VAL F 77 22.63 -24.11 17.93
CA VAL F 77 22.53 -22.72 17.49
C VAL F 77 21.12 -22.45 16.97
N PRO F 78 20.65 -21.20 16.96
CA PRO F 78 19.30 -20.94 16.46
C PRO F 78 19.17 -21.23 14.98
N PHE F 79 17.98 -21.68 14.60
CA PHE F 79 17.68 -22.04 13.22
C PHE F 79 16.31 -21.51 12.82
N THR F 80 16.17 -21.18 11.54
CA THR F 80 14.93 -20.66 10.97
C THR F 80 14.69 -21.34 9.62
N MET F 81 13.42 -21.42 9.24
CA MET F 81 13.00 -22.04 7.98
C MET F 81 12.17 -21.04 7.19
N ALA F 82 12.85 -20.27 6.34
CA ALA F 82 12.23 -19.26 5.49
C ALA F 82 11.87 -19.83 4.12
N ASP F 83 10.81 -19.30 3.52
CA ASP F 83 10.33 -19.70 2.21
C ASP F 83 10.40 -18.50 1.28
N ALA F 84 10.95 -18.69 0.08
CA ALA F 84 11.12 -17.63 -0.89
C ALA F 84 9.97 -17.47 -1.87
N THR F 85 8.91 -18.29 -1.76
CA THR F 85 7.79 -18.14 -2.69
C THR F 85 7.08 -16.80 -2.50
N THR F 86 6.83 -16.42 -1.25
CA THR F 86 6.15 -15.16 -0.95
C THR F 86 6.99 -13.93 -1.32
N LEU F 87 8.32 -14.06 -1.25
CA LEU F 87 9.25 -12.96 -1.52
C LEU F 87 8.93 -12.21 -2.81
N THR F 88 8.99 -10.88 -2.72
CA THR F 88 8.70 -9.97 -3.82
C THR F 88 9.86 -8.99 -3.96
N GLU F 89 9.88 -8.29 -5.09
CA GLU F 89 10.99 -7.42 -5.46
C GLU F 89 10.90 -6.01 -4.86
N ALA F 90 11.51 -5.85 -3.69
CA ALA F 90 11.72 -4.57 -3.05
C ALA F 90 10.56 -3.58 -2.95
N GLY F 91 9.48 -3.92 -2.25
CA GLY F 91 8.37 -2.97 -2.08
C GLY F 91 7.03 -3.38 -2.62
N TYR F 92 6.81 -4.61 -3.05
CA TYR F 92 5.52 -5.01 -3.60
C TYR F 92 4.65 -5.66 -2.53
N VAL F 93 3.41 -5.91 -2.92
CA VAL F 93 2.37 -6.41 -2.02
C VAL F 93 2.78 -7.68 -1.29
N GLY F 94 3.49 -8.58 -1.97
CA GLY F 94 3.75 -9.88 -1.36
C GLY F 94 4.66 -9.86 -0.14
N GLU F 95 5.89 -9.35 -0.27
CA GLU F 95 6.81 -9.39 0.87
C GLU F 95 8.01 -8.50 0.60
N ASP F 96 8.84 -8.33 1.64
CA ASP F 96 10.11 -7.64 1.56
C ASP F 96 11.15 -8.51 2.26
N VAL F 97 12.42 -8.35 1.87
CA VAL F 97 13.48 -9.18 2.44
C VAL F 97 13.75 -8.89 3.92
N GLU F 98 13.32 -7.73 4.43
CA GLU F 98 13.59 -7.37 5.82
C GLU F 98 13.05 -8.39 6.82
N ASN F 99 11.91 -9.01 6.52
CA ASN F 99 11.28 -9.96 7.44
C ASN F 99 12.21 -11.12 7.80
N ILE F 100 13.05 -11.57 6.85
CA ILE F 100 13.93 -12.70 7.10
C ILE F 100 14.90 -12.42 8.24
N ILE F 101 15.41 -11.18 8.32
CA ILE F 101 16.40 -10.85 9.35
C ILE F 101 15.82 -11.00 10.75
N GLN F 102 14.60 -10.53 10.96
CA GLN F 102 14.00 -10.62 12.30
C GLN F 102 13.70 -12.06 12.69
N LYS F 103 13.30 -12.88 11.71
CA LYS F 103 12.96 -14.29 11.96
C LYS F 103 14.06 -15.02 12.74
N LEU F 104 15.32 -14.82 12.35
CA LEU F 104 16.41 -15.51 13.05
C LEU F 104 16.51 -15.04 14.50
N LEU F 105 16.40 -13.73 14.72
CA LEU F 105 16.45 -13.22 16.09
C LEU F 105 15.30 -13.75 16.92
N GLN F 106 14.14 -13.97 16.28
CA GLN F 106 12.95 -14.47 16.95
C GLN F 106 13.17 -15.78 17.72
N LYS F 107 14.22 -16.53 17.45
CA LYS F 107 14.44 -17.78 18.18
C LYS F 107 14.63 -17.51 19.66
N SER F 108 15.53 -16.58 20.00
CA SER F 108 15.80 -16.19 21.37
C SER F 108 15.34 -14.78 21.68
N ASP F 109 15.07 -13.96 20.68
CA ASP F 109 14.60 -12.57 20.77
C ASP F 109 15.61 -11.62 21.42
N TYR F 110 16.82 -12.08 21.73
CA TYR F 110 17.85 -11.22 22.33
C TYR F 110 19.18 -11.84 21.92
N ASP F 111 19.84 -11.23 20.94
CA ASP F 111 21.11 -11.76 20.43
C ASP F 111 21.97 -10.63 19.90
N VAL F 112 23.13 -10.43 20.53
CA VAL F 112 24.12 -9.44 20.11
C VAL F 112 25.32 -10.14 19.48
N GLN F 113 25.97 -11.01 20.23
CA GLN F 113 27.12 -11.80 19.78
C GLN F 113 26.75 -13.28 19.67
N LYS F 114 25.47 -13.59 19.52
CA LYS F 114 24.96 -14.96 19.47
C LYS F 114 24.19 -15.28 18.20
N ALA F 115 23.54 -14.30 17.58
CA ALA F 115 22.80 -14.57 16.35
C ALA F 115 23.69 -14.57 15.12
N GLN F 116 24.89 -14.00 15.22
CA GLN F 116 25.81 -13.99 14.08
C GLN F 116 26.21 -15.41 13.70
N ARG F 117 26.26 -16.32 14.67
CA ARG F 117 26.65 -17.71 14.46
C ARG F 117 25.47 -18.60 14.06
N GLY F 118 24.29 -18.03 13.81
CA GLY F 118 23.14 -18.83 13.45
C GLY F 118 23.13 -19.26 12.00
N ILE F 119 22.16 -20.11 11.69
CA ILE F 119 21.99 -20.71 10.37
C ILE F 119 20.60 -20.38 9.84
N VAL F 120 20.49 -20.30 8.52
CA VAL F 120 19.24 -19.99 7.85
C VAL F 120 19.05 -20.95 6.68
N TYR F 121 17.79 -21.33 6.44
CA TYR F 121 17.40 -22.23 5.36
C TYR F 121 16.38 -21.55 4.48
N ILE F 122 16.46 -21.79 3.16
CA ILE F 122 15.53 -21.24 2.19
C ILE F 122 14.96 -22.40 1.37
N ASP F 123 13.67 -22.32 1.07
CA ASP F 123 12.96 -23.34 0.32
C ASP F 123 12.40 -22.76 -0.98
N GLN F 124 12.31 -23.63 -1.99
CA GLN F 124 11.75 -23.26 -3.30
C GLN F 124 12.52 -22.12 -3.95
N ILE F 125 13.83 -22.29 -4.06
CA ILE F 125 14.67 -21.27 -4.67
C ILE F 125 14.44 -21.19 -6.18
N ASP F 126 14.04 -22.30 -6.82
CA ASP F 126 13.83 -22.28 -8.26
C ASP F 126 12.63 -21.44 -8.69
N LYS F 127 11.69 -21.19 -7.78
CA LYS F 127 10.49 -20.43 -8.12
C LYS F 127 10.80 -19.00 -8.56
N ILE F 128 11.96 -18.46 -8.20
CA ILE F 128 12.34 -17.10 -8.55
C ILE F 128 13.24 -17.06 -9.79
N SER F 129 13.27 -18.14 -10.57
CA SER F 129 14.05 -18.19 -11.80
C SER F 129 13.66 -17.04 -12.72
N ARG F 130 14.67 -16.47 -13.39
CA ARG F 130 14.44 -15.32 -14.26
C ARG F 130 13.58 -15.70 -15.45
N LYS F 131 12.34 -15.24 -15.45
CA LYS F 131 11.44 -15.47 -16.58
C LYS F 131 11.88 -14.63 -17.76
N SER F 132 12.03 -15.25 -18.92
CA SER F 132 12.48 -14.59 -20.15
C SER F 132 11.36 -14.71 -21.18
N ASP F 133 10.45 -13.74 -21.17
CA ASP F 133 9.32 -13.70 -22.09
C ASP F 133 9.48 -12.51 -23.04
N ASP F 140 10.50 -7.48 -13.78
CA ASP F 140 9.72 -8.54 -13.14
C ASP F 140 9.92 -8.50 -11.63
N VAL F 141 8.83 -8.76 -10.90
CA VAL F 141 8.88 -8.77 -9.44
C VAL F 141 9.03 -10.17 -8.86
N SER F 142 8.89 -11.22 -9.68
CA SER F 142 9.02 -12.60 -9.28
C SER F 142 10.35 -13.20 -9.73
N GLY F 143 10.83 -12.79 -10.89
CA GLY F 143 12.06 -13.28 -11.49
C GLY F 143 13.34 -12.67 -10.97
N GLU F 144 14.26 -12.41 -11.89
CA GLU F 144 15.61 -11.91 -11.61
C GLU F 144 15.70 -10.85 -10.52
N GLY F 145 14.81 -9.84 -10.56
CA GLY F 145 14.79 -8.77 -9.59
C GLY F 145 14.95 -9.16 -8.13
N VAL F 146 14.37 -10.31 -7.75
CA VAL F 146 14.48 -10.78 -6.36
C VAL F 146 15.90 -11.17 -6.04
N GLN F 147 16.59 -11.84 -6.99
CA GLN F 147 17.95 -12.29 -6.75
C GLN F 147 18.90 -11.12 -6.46
N GLN F 148 18.74 -10.02 -7.19
CA GLN F 148 19.61 -8.85 -7.00
C GLN F 148 19.59 -8.35 -5.56
N ALA F 149 18.45 -8.45 -4.89
CA ALA F 149 18.35 -7.97 -3.51
C ALA F 149 19.09 -8.88 -2.53
N LEU F 150 19.12 -10.19 -2.79
CA LEU F 150 19.77 -11.13 -1.88
C LEU F 150 21.29 -11.12 -1.98
N LEU F 151 21.86 -10.60 -3.07
CA LEU F 151 23.31 -10.54 -3.24
C LEU F 151 23.99 -9.86 -2.05
N LYS F 152 23.58 -8.62 -1.76
CA LYS F 152 24.20 -7.88 -0.66
C LYS F 152 23.90 -8.54 0.69
N LEU F 153 22.74 -9.19 0.82
CA LEU F 153 22.39 -9.85 2.08
C LEU F 153 23.34 -10.98 2.41
N ILE F 154 23.60 -11.86 1.43
CA ILE F 154 24.46 -13.01 1.67
C ILE F 154 25.91 -12.56 1.87
N GLU F 155 26.35 -11.56 1.10
CA GLU F 155 27.72 -11.08 1.21
C GLU F 155 28.07 -10.53 2.58
N GLY F 156 27.07 -10.24 3.43
CA GLY F 156 27.31 -9.72 4.77
C GLY F 156 27.02 -8.24 4.86
N THR F 157 26.19 -7.86 5.82
CA THR F 157 25.83 -6.46 6.04
C THR F 157 25.18 -6.38 7.42
N VAL F 158 24.65 -5.19 7.75
CA VAL F 158 23.98 -4.95 9.01
C VAL F 158 22.62 -4.34 8.72
N ALA F 159 21.59 -4.83 9.39
CA ALA F 159 20.22 -4.34 9.25
C ALA F 159 19.70 -3.93 10.62
N ALA F 160 18.99 -2.81 10.67
CA ALA F 160 18.39 -2.35 11.91
C ALA F 160 17.26 -3.31 12.29
N VAL F 161 17.24 -3.74 13.55
CA VAL F 161 16.22 -4.68 14.02
C VAL F 161 15.69 -4.26 15.40
N PRO F 162 14.43 -3.87 15.56
CA PRO F 162 13.92 -3.57 16.90
C PRO F 162 13.94 -4.82 17.76
N PRO F 163 14.71 -4.87 18.85
CA PRO F 163 14.72 -6.11 19.65
C PRO F 163 13.41 -6.26 20.41
N GLN F 164 12.72 -7.38 20.16
CA GLN F 164 11.44 -7.76 20.77
C GLN F 164 10.28 -6.90 20.25
N GLY F 165 10.53 -5.92 19.38
CA GLY F 165 9.49 -5.05 18.88
C GLY F 165 9.28 -3.82 19.74
N GLY F 166 9.76 -3.85 20.99
CA GLY F 166 9.61 -2.75 21.91
C GLY F 166 8.28 -2.82 22.63
N GLN F 171 12.00 3.02 23.94
CA GLN F 171 13.34 2.62 23.50
C GLN F 171 13.99 3.59 22.50
N GLN F 172 13.27 3.97 21.44
CA GLN F 172 13.80 4.91 20.43
C GLN F 172 15.13 4.42 19.84
N GLU F 173 15.35 3.11 19.76
CA GLU F 173 16.62 2.60 19.24
C GLU F 173 16.39 1.30 18.47
N PHE F 174 17.44 0.92 17.75
CA PHE F 174 17.49 -0.30 16.95
C PHE F 174 18.87 -0.92 17.13
N LEU F 175 18.94 -2.24 17.05
CA LEU F 175 20.19 -2.96 17.22
C LEU F 175 20.77 -3.36 15.88
N GLN F 176 22.09 -3.29 15.77
CA GLN F 176 22.82 -3.66 14.57
C GLN F 176 23.36 -5.07 14.74
N VAL F 177 23.14 -5.93 13.74
CA VAL F 177 23.59 -7.31 13.76
C VAL F 177 24.27 -7.63 12.43
N ASP F 178 25.50 -8.14 12.51
CA ASP F 178 26.24 -8.51 11.31
C ASP F 178 25.63 -9.76 10.69
N THR F 179 25.89 -9.94 9.39
CA THR F 179 25.39 -11.10 8.67
C THR F 179 26.46 -11.78 7.82
N SER F 180 27.70 -11.29 7.83
CA SER F 180 28.77 -11.99 7.13
C SER F 180 29.02 -13.32 7.80
N LYS F 181 29.09 -13.30 9.14
CA LYS F 181 29.27 -14.51 9.94
C LYS F 181 28.15 -15.52 9.72
N ILE F 182 26.92 -15.04 9.49
CA ILE F 182 25.77 -15.93 9.38
C ILE F 182 25.83 -16.71 8.08
N LEU F 183 25.85 -18.03 8.20
CA LEU F 183 25.84 -18.93 7.05
C LEU F 183 24.44 -19.10 6.52
N PHE F 184 24.33 -19.27 5.20
CA PHE F 184 23.06 -19.46 4.52
C PHE F 184 23.09 -20.77 3.75
N ILE F 185 21.95 -21.48 3.76
CA ILE F 185 21.80 -22.75 3.06
C ILE F 185 20.55 -22.61 2.20
N CYS F 186 20.73 -22.36 0.91
CA CYS F 186 19.61 -22.21 -0.01
C CYS F 186 19.19 -23.59 -0.51
N GLY F 187 18.12 -24.12 0.08
CA GLY F 187 17.60 -25.41 -0.33
C GLY F 187 16.55 -25.27 -1.41
N GLY F 188 16.38 -26.33 -2.19
CA GLY F 188 15.40 -26.30 -3.25
C GLY F 188 15.52 -27.49 -4.16
N ALA F 189 14.52 -27.63 -5.03
CA ALA F 189 14.44 -28.69 -6.01
C ALA F 189 14.38 -28.06 -7.39
N PHE F 190 15.18 -28.57 -8.31
CA PHE F 190 15.25 -28.04 -9.68
C PHE F 190 14.70 -29.10 -10.63
N ALA F 191 13.38 -29.04 -10.85
CA ALA F 191 12.71 -29.98 -11.74
C ALA F 191 13.02 -29.62 -13.19
N GLY F 192 13.18 -30.64 -14.03
CA GLY F 192 13.49 -30.44 -15.42
C GLY F 192 14.94 -30.13 -15.71
N LEU F 193 15.79 -30.00 -14.68
CA LEU F 193 17.20 -29.71 -14.88
C LEU F 193 17.94 -30.87 -15.56
N ASP F 194 17.35 -32.06 -15.60
CA ASP F 194 18.02 -33.21 -16.22
C ASP F 194 18.15 -33.01 -17.72
N LYS F 195 17.15 -32.40 -18.36
CA LYS F 195 17.21 -32.19 -19.80
C LYS F 195 18.31 -31.21 -20.18
N VAL F 196 18.53 -30.19 -19.36
CA VAL F 196 19.56 -29.20 -19.67
C VAL F 196 20.95 -29.82 -19.61
N ILE F 197 21.21 -30.59 -18.54
CA ILE F 197 22.53 -31.20 -18.39
C ILE F 197 22.71 -32.41 -19.28
N SER F 198 21.62 -33.13 -19.62
CA SER F 198 21.75 -34.32 -20.44
C SER F 198 22.29 -33.98 -21.83
N HIS F 199 21.72 -32.97 -22.47
CA HIS F 199 22.19 -32.58 -23.79
C HIS F 199 23.61 -32.03 -23.76
N ARG F 200 24.02 -31.45 -22.62
CA ARG F 200 25.34 -30.86 -22.50
C ARG F 200 26.44 -31.89 -22.25
N VAL F 201 26.21 -32.87 -21.37
CA VAL F 201 27.25 -33.79 -20.93
C VAL F 201 27.03 -35.21 -21.44
N GLU F 202 25.90 -35.83 -21.11
CA GLU F 202 25.76 -37.24 -21.46
C GLU F 202 25.36 -37.50 -22.91
N THR F 203 24.20 -37.01 -23.34
CA THR F 203 23.79 -37.25 -24.72
C THR F 203 22.54 -36.44 -25.03
N GLY F 204 22.39 -36.07 -26.30
CA GLY F 204 21.20 -35.41 -26.78
C GLY F 204 20.29 -36.52 -27.23
N SER F 205 19.19 -36.75 -26.52
CA SER F 205 18.32 -37.88 -26.84
C SER F 205 16.97 -37.70 -26.14
N GLY F 206 16.12 -38.73 -26.20
CA GLY F 206 14.80 -38.73 -25.62
C GLY F 206 13.67 -38.64 -26.62
N ILE F 207 13.92 -38.12 -27.83
CA ILE F 207 12.88 -37.98 -28.84
C ILE F 207 13.14 -38.81 -30.09
N GLY F 208 14.40 -39.15 -30.41
CA GLY F 208 14.68 -39.90 -31.62
C GLY F 208 14.57 -41.41 -31.45
N PHE F 209 14.73 -42.12 -32.58
CA PHE F 209 14.64 -43.57 -32.56
C PHE F 209 15.87 -44.18 -31.91
N GLY F 210 17.06 -43.90 -32.45
CA GLY F 210 18.28 -44.39 -31.85
C GLY F 210 18.54 -43.75 -30.51
N ALA F 211 18.09 -42.51 -30.33
CA ALA F 211 18.28 -41.82 -29.07
C ALA F 211 17.58 -42.55 -27.93
N THR F 212 18.24 -42.58 -26.78
CA THR F 212 17.67 -43.26 -25.61
C THR F 212 16.41 -42.55 -25.13
N VAL F 213 15.34 -43.32 -24.95
CA VAL F 213 14.07 -42.80 -24.46
C VAL F 213 14.20 -42.67 -22.94
N LYS F 214 13.28 -41.94 -22.30
CA LYS F 214 13.29 -41.80 -20.86
C LYS F 214 12.55 -42.99 -20.23
N ALA F 215 12.98 -44.20 -20.57
CA ALA F 215 12.37 -45.41 -20.04
C ALA F 215 12.61 -45.56 -18.55
N LYS F 216 13.82 -45.20 -18.10
CA LYS F 216 14.21 -45.37 -16.69
C LYS F 216 13.73 -44.19 -15.84
N SER F 217 12.41 -44.01 -15.81
CA SER F 217 11.85 -42.95 -14.98
C SER F 217 12.06 -43.26 -13.50
N ASP F 218 11.82 -44.52 -13.11
CA ASP F 218 12.03 -44.99 -11.75
C ASP F 218 12.97 -46.19 -11.69
N LYS F 219 13.32 -46.79 -12.83
CA LYS F 219 14.23 -47.92 -12.83
C LYS F 219 15.65 -47.49 -12.46
N ALA F 220 16.08 -46.32 -12.93
CA ALA F 220 17.40 -45.77 -12.68
C ALA F 220 17.24 -44.40 -12.03
N SER F 221 18.30 -43.96 -11.36
CA SER F 221 18.27 -42.70 -10.63
C SER F 221 18.84 -41.56 -11.45
N GLU F 222 18.09 -40.46 -11.51
CA GLU F 222 18.55 -39.26 -12.19
C GLU F 222 19.72 -38.61 -11.46
N GLY F 223 19.83 -38.85 -10.15
CA GLY F 223 20.88 -38.34 -9.30
C GLY F 223 22.28 -38.35 -9.87
N GLU F 224 22.69 -39.49 -10.44
CA GLU F 224 24.02 -39.62 -11.03
C GLU F 224 24.31 -38.50 -12.02
N LEU F 225 23.30 -38.07 -12.78
CA LEU F 225 23.50 -36.97 -13.71
C LEU F 225 23.69 -35.66 -12.96
N LEU F 226 22.94 -35.47 -11.86
CA LEU F 226 23.06 -34.25 -11.06
C LEU F 226 24.44 -34.12 -10.44
N ALA F 227 25.16 -35.22 -10.25
CA ALA F 227 26.50 -35.14 -9.66
C ALA F 227 27.44 -34.37 -10.56
N GLN F 228 27.25 -34.46 -11.88
CA GLN F 228 28.06 -33.75 -12.86
C GLN F 228 27.53 -32.33 -13.12
N VAL F 229 26.72 -31.79 -12.22
CA VAL F 229 26.17 -30.45 -12.38
C VAL F 229 27.27 -29.41 -12.17
N GLU F 230 27.16 -28.30 -12.89
CA GLU F 230 28.10 -27.20 -12.85
C GLU F 230 27.32 -25.90 -12.82
N PRO F 231 27.97 -24.80 -12.44
CA PRO F 231 27.23 -23.52 -12.39
C PRO F 231 26.79 -23.03 -13.76
N GLU F 232 27.50 -23.41 -14.82
CA GLU F 232 27.12 -22.96 -16.16
C GLU F 232 25.74 -23.48 -16.54
N ASP F 233 25.40 -24.68 -16.10
CA ASP F 233 24.08 -25.22 -16.41
C ASP F 233 22.99 -24.47 -15.65
N LEU F 234 23.30 -24.00 -14.44
CA LEU F 234 22.35 -23.24 -13.64
C LEU F 234 21.98 -21.91 -14.29
N ILE F 235 22.86 -21.37 -15.14
CA ILE F 235 22.57 -20.09 -15.78
C ILE F 235 21.43 -20.26 -16.77
N LYS F 236 21.43 -21.36 -17.51
CA LYS F 236 20.34 -21.62 -18.45
C LYS F 236 19.04 -21.86 -17.72
N PHE F 237 19.09 -22.34 -16.49
CA PHE F 237 17.88 -22.57 -15.71
C PHE F 237 17.18 -21.25 -15.42
N GLY F 238 17.95 -20.18 -15.21
CA GLY F 238 17.39 -18.86 -14.93
C GLY F 238 18.14 -18.08 -13.89
N LEU F 239 18.93 -18.74 -13.07
CA LEU F 239 19.69 -18.03 -12.03
C LEU F 239 20.74 -17.12 -12.65
N ILE F 240 21.22 -16.18 -11.84
CA ILE F 240 22.25 -15.24 -12.24
C ILE F 240 23.59 -15.86 -11.87
N PRO F 241 24.62 -15.81 -12.73
CA PRO F 241 25.92 -16.38 -12.30
C PRO F 241 26.49 -15.68 -11.09
N GLU F 242 26.25 -14.38 -10.96
CA GLU F 242 26.72 -13.62 -9.79
C GLU F 242 26.11 -14.16 -8.51
N PHE F 243 24.86 -14.64 -8.59
CA PHE F 243 24.20 -15.19 -7.41
C PHE F 243 24.78 -16.55 -7.05
N ILE F 244 25.14 -17.34 -8.05
CA ILE F 244 25.69 -18.67 -7.80
C ILE F 244 27.14 -18.58 -7.35
N GLY F 245 27.85 -17.52 -7.74
CA GLY F 245 29.22 -17.37 -7.32
C GLY F 245 29.36 -17.24 -5.82
N ARG F 246 28.36 -16.66 -5.16
CA ARG F 246 28.39 -16.50 -3.72
C ARG F 246 28.19 -17.82 -2.98
N LEU F 247 27.72 -18.86 -3.67
CA LEU F 247 27.45 -20.18 -3.08
C LEU F 247 28.33 -21.21 -3.78
N PRO F 248 29.62 -21.25 -3.48
CA PRO F 248 30.49 -22.21 -4.16
C PRO F 248 30.23 -23.67 -3.79
N VAL F 249 29.85 -23.94 -2.54
CA VAL F 249 29.59 -25.31 -2.12
C VAL F 249 28.31 -25.81 -2.80
N VAL F 250 28.31 -27.08 -3.20
CA VAL F 250 27.18 -27.71 -3.87
C VAL F 250 26.94 -29.08 -3.26
N ALA F 251 25.66 -29.38 -2.99
CA ALA F 251 25.23 -30.65 -2.43
C ALA F 251 24.15 -31.21 -3.33
N THR F 252 24.26 -32.50 -3.67
CA THR F 252 23.34 -33.15 -4.60
C THR F 252 22.78 -34.45 -4.03
N LEU F 253 21.51 -34.45 -3.65
CA LEU F 253 20.86 -35.67 -3.20
C LEU F 253 20.52 -36.51 -4.43
N ASN F 254 20.73 -37.82 -4.36
CA ASN F 254 20.48 -38.62 -5.55
C ASN F 254 19.01 -39.00 -5.75
N GLU F 255 18.41 -39.72 -4.82
CA GLU F 255 17.01 -40.13 -4.94
C GLU F 255 16.54 -40.63 -3.58
N LEU F 256 15.34 -41.18 -3.54
CA LEU F 256 14.75 -41.87 -2.40
C LEU F 256 14.49 -43.29 -2.88
N SER F 257 14.67 -44.27 -2.01
CA SER F 257 14.55 -45.68 -2.38
C SER F 257 13.50 -46.39 -1.54
N GLU F 258 12.86 -47.40 -2.15
CA GLU F 258 11.84 -48.17 -1.47
C GLU F 258 12.42 -48.90 -0.27
N GLU F 259 13.58 -49.54 -0.45
CA GLU F 259 14.21 -50.21 0.68
C GLU F 259 14.69 -49.20 1.71
N ALA F 260 15.06 -48.00 1.28
CA ALA F 260 15.45 -46.96 2.21
C ALA F 260 14.29 -46.57 3.11
N LEU F 261 13.08 -46.53 2.55
CA LEU F 261 11.90 -46.20 3.34
C LEU F 261 11.70 -47.22 4.45
N ILE F 262 12.02 -48.49 4.18
CA ILE F 262 11.92 -49.51 5.20
C ILE F 262 12.99 -49.27 6.25
N GLN F 263 14.18 -48.83 5.81
CA GLN F 263 15.25 -48.50 6.75
C GLN F 263 14.95 -47.21 7.49
N ILE F 264 14.24 -46.29 6.85
CA ILE F 264 13.89 -45.02 7.48
C ILE F 264 13.01 -45.25 8.69
N LEU F 265 12.19 -46.31 8.66
CA LEU F 265 11.34 -46.64 9.78
C LEU F 265 11.99 -47.56 10.80
N LYS F 266 13.18 -48.09 10.51
CA LYS F 266 13.88 -49.01 11.41
C LYS F 266 15.21 -48.48 11.91
N GLU F 267 16.06 -47.97 11.02
CA GLU F 267 17.38 -47.50 11.45
C GLU F 267 17.31 -46.25 12.32
N PRO F 268 16.60 -45.19 11.94
CA PRO F 268 16.55 -44.00 12.81
C PRO F 268 15.87 -44.27 14.13
N LYS F 269 16.46 -43.75 15.20
CA LYS F 269 15.89 -43.93 16.53
C LYS F 269 14.56 -43.20 16.66
N ASN F 270 14.37 -42.11 15.89
CA ASN F 270 13.14 -41.34 15.90
C ASN F 270 12.15 -41.80 14.84
N ALA F 271 12.24 -43.06 14.40
CA ALA F 271 11.33 -43.57 13.40
C ALA F 271 9.91 -43.61 13.94
N LEU F 272 8.93 -43.46 13.05
CA LEU F 272 7.54 -43.47 13.46
C LEU F 272 7.14 -44.82 14.02
N THR F 273 7.73 -45.91 13.49
CA THR F 273 7.43 -47.24 14.00
C THR F 273 7.82 -47.36 15.47
N LYS F 274 8.91 -46.72 15.85
CA LYS F 274 9.39 -46.78 17.23
C LYS F 274 8.59 -45.89 18.17
N GLN F 275 7.94 -44.84 17.66
CA GLN F 275 7.14 -43.99 18.55
C GLN F 275 5.95 -44.76 19.08
N TYR F 276 5.21 -45.45 18.20
CA TYR F 276 4.08 -46.23 18.66
C TYR F 276 4.52 -47.38 19.55
N GLN F 277 5.70 -47.93 19.29
CA GLN F 277 6.22 -49.00 20.14
C GLN F 277 6.41 -48.52 21.56
N ALA F 278 6.93 -47.29 21.72
CA ALA F 278 7.15 -46.72 23.04
C ALA F 278 5.85 -46.26 23.69
N LEU F 279 4.86 -45.92 22.88
CA LEU F 279 3.58 -45.48 23.42
C LEU F 279 2.92 -46.57 24.24
N PHE F 280 2.95 -47.81 23.73
CA PHE F 280 2.33 -48.94 24.39
C PHE F 280 3.22 -49.61 25.43
N ASN F 281 4.51 -49.26 25.50
CA ASN F 281 5.37 -49.88 26.50
C ASN F 281 4.89 -49.56 27.91
N LEU F 282 4.56 -48.28 28.16
CA LEU F 282 4.05 -47.92 29.48
C LEU F 282 2.69 -48.54 29.72
N GLU F 283 1.91 -48.76 28.65
CA GLU F 283 0.60 -49.38 28.77
C GLU F 283 0.70 -50.87 29.11
N GLY F 284 1.87 -51.48 28.92
CA GLY F 284 2.02 -52.89 29.18
C GLY F 284 1.58 -53.77 28.03
N VAL F 285 1.73 -53.30 26.80
CA VAL F 285 1.33 -54.04 25.60
C VAL F 285 2.46 -53.97 24.60
N ASP F 286 2.63 -55.07 23.86
CA ASP F 286 3.67 -55.18 22.83
C ASP F 286 3.13 -54.73 21.48
N LEU F 287 4.03 -54.22 20.65
CA LEU F 287 3.72 -53.76 19.31
C LEU F 287 4.65 -54.43 18.33
N GLU F 288 4.17 -54.61 17.09
CA GLU F 288 4.94 -55.27 16.06
C GLU F 288 4.64 -54.65 14.70
N PHE F 289 5.63 -54.70 13.82
CA PHE F 289 5.54 -54.15 12.47
C PHE F 289 6.35 -55.08 11.57
N ARG F 290 5.65 -55.93 10.81
CA ARG F 290 6.32 -56.89 9.95
C ARG F 290 6.85 -56.22 8.69
N ASP F 291 7.86 -56.85 8.09
CA ASP F 291 8.46 -56.33 6.87
C ASP F 291 7.47 -56.34 5.72
N GLU F 292 6.51 -57.26 5.72
CA GLU F 292 5.54 -57.35 4.65
C GLU F 292 4.57 -56.17 4.64
N ALA F 293 4.51 -55.40 5.73
CA ALA F 293 3.63 -54.24 5.82
C ALA F 293 4.32 -52.94 5.42
N LEU F 294 5.65 -52.86 5.61
CA LEU F 294 6.38 -51.65 5.28
C LEU F 294 6.58 -51.47 3.78
N ASP F 295 6.76 -52.56 3.04
CA ASP F 295 6.97 -52.44 1.60
C ASP F 295 5.74 -51.85 0.90
N ALA F 296 4.55 -52.13 1.42
CA ALA F 296 3.33 -51.59 0.83
C ALA F 296 3.27 -50.08 0.99
N ILE F 297 3.78 -49.56 2.11
CA ILE F 297 3.76 -48.12 2.35
C ILE F 297 4.63 -47.41 1.33
N ALA F 298 5.71 -48.06 0.88
CA ALA F 298 6.60 -47.46 -0.09
C ALA F 298 5.88 -47.25 -1.42
N LYS F 299 5.05 -48.21 -1.84
CA LYS F 299 4.32 -48.08 -3.09
C LYS F 299 3.31 -46.94 -3.01
N LYS F 300 2.58 -46.84 -1.90
CA LYS F 300 1.60 -45.78 -1.74
C LYS F 300 2.28 -44.41 -1.67
N ALA F 301 3.48 -44.34 -1.09
CA ALA F 301 4.19 -43.08 -0.99
C ALA F 301 4.60 -42.57 -2.38
N MET F 302 5.21 -43.44 -3.18
CA MET F 302 5.62 -43.06 -4.53
C MET F 302 4.41 -42.77 -5.41
N ALA F 303 3.29 -43.43 -5.14
CA ALA F 303 2.09 -43.22 -5.94
C ALA F 303 1.57 -41.80 -5.81
N ARG F 304 1.73 -41.17 -4.65
CA ARG F 304 1.26 -39.80 -4.44
C ARG F 304 2.32 -38.75 -4.74
N LYS F 305 3.50 -39.15 -5.23
CA LYS F 305 4.58 -38.23 -5.60
C LYS F 305 4.88 -37.22 -4.49
N THR F 306 4.92 -37.69 -3.24
CA THR F 306 5.19 -36.85 -2.09
C THR F 306 6.41 -37.28 -1.29
N GLY F 307 6.87 -38.52 -1.43
CA GLY F 307 8.05 -38.95 -0.70
C GLY F 307 7.71 -39.37 0.72
N ALA F 308 8.65 -39.09 1.63
CA ALA F 308 8.48 -39.42 3.04
C ALA F 308 7.51 -38.48 3.74
N ARG F 309 7.23 -37.31 3.15
CA ARG F 309 6.34 -36.36 3.81
C ARG F 309 4.91 -36.89 3.90
N GLY F 310 4.47 -37.63 2.89
CA GLY F 310 3.14 -38.20 2.90
C GLY F 310 3.08 -39.58 3.50
N LEU F 311 3.79 -39.78 4.61
CA LEU F 311 3.85 -41.07 5.29
C LEU F 311 2.91 -41.18 6.48
N ARG F 312 2.80 -40.14 7.30
CA ARG F 312 1.94 -40.20 8.47
C ARG F 312 0.48 -40.38 8.09
N SER F 313 0.07 -39.86 6.93
CA SER F 313 -1.31 -40.00 6.51
C SER F 313 -1.68 -41.47 6.31
N ILE F 314 -0.72 -42.27 5.84
CA ILE F 314 -0.98 -43.68 5.62
C ILE F 314 -0.97 -44.46 6.92
N VAL F 315 -0.09 -44.08 7.86
CA VAL F 315 0.01 -44.79 9.13
C VAL F 315 -1.16 -44.43 10.04
N GLU F 316 -1.38 -43.13 10.27
CA GLU F 316 -2.44 -42.71 11.18
C GLU F 316 -3.82 -43.14 10.68
N ALA F 317 -4.03 -43.18 9.37
CA ALA F 317 -5.33 -43.59 8.85
C ALA F 317 -5.56 -45.08 9.06
N ALA F 318 -4.50 -45.88 9.07
CA ALA F 318 -4.62 -47.31 9.25
C ALA F 318 -4.83 -47.69 10.72
N LEU F 319 -4.12 -47.04 11.63
CA LEU F 319 -4.19 -47.34 13.04
C LEU F 319 -5.25 -46.53 13.79
N LEU F 320 -6.15 -45.85 13.10
CA LEU F 320 -7.18 -45.08 13.80
C LEU F 320 -8.12 -46.01 14.55
N ASP F 321 -8.53 -47.12 13.92
CA ASP F 321 -9.45 -48.05 14.57
C ASP F 321 -8.76 -48.79 15.72
N THR F 322 -7.53 -49.25 15.51
CA THR F 322 -6.82 -50.00 16.55
C THR F 322 -6.54 -49.13 17.77
N MET F 323 -6.06 -47.90 17.57
CA MET F 323 -5.75 -47.03 18.69
C MET F 323 -7.00 -46.64 19.47
N TYR F 324 -8.11 -46.38 18.76
CA TYR F 324 -9.34 -45.99 19.43
C TYR F 324 -9.88 -47.12 20.30
N ASP F 325 -9.73 -48.36 19.85
CA ASP F 325 -10.24 -49.53 20.57
C ASP F 325 -9.23 -50.17 21.52
N LEU F 326 -7.97 -49.75 21.49
CA LEU F 326 -6.98 -50.38 22.37
C LEU F 326 -7.25 -50.13 23.85
N PRO F 327 -7.61 -48.92 24.31
CA PRO F 327 -7.90 -48.77 25.75
C PRO F 327 -9.11 -49.58 26.17
N SER F 328 -10.16 -49.58 25.35
CA SER F 328 -11.36 -50.35 25.65
C SER F 328 -11.05 -51.83 25.75
N MET F 329 -10.24 -52.35 24.84
CA MET F 329 -9.90 -53.77 24.84
C MET F 329 -8.97 -54.10 26.00
N GLU F 330 -9.12 -55.31 26.53
CA GLU F 330 -8.36 -55.79 27.68
C GLU F 330 -7.78 -57.16 27.38
N ASP F 331 -6.73 -57.49 28.12
CA ASP F 331 -6.04 -58.79 27.99
C ASP F 331 -5.45 -58.97 26.59
N VAL F 332 -4.98 -57.86 26.00
CA VAL F 332 -4.34 -57.86 24.69
C VAL F 332 -2.90 -57.43 24.93
N GLU F 333 -1.95 -58.35 24.66
CA GLU F 333 -0.54 -58.07 24.87
C GLU F 333 0.28 -57.83 23.60
N LYS F 334 -0.25 -58.17 22.42
CA LYS F 334 0.49 -57.97 21.18
C LYS F 334 -0.45 -57.57 20.07
N VAL F 335 0.09 -56.84 19.09
CA VAL F 335 -0.64 -56.40 17.91
C VAL F 335 0.20 -56.75 16.69
N VAL F 336 -0.44 -57.34 15.68
CA VAL F 336 0.21 -57.74 14.43
C VAL F 336 -0.44 -57.01 13.27
N ILE F 337 0.38 -56.45 12.39
CA ILE F 337 -0.08 -55.72 11.21
C ILE F 337 0.36 -56.49 9.98
N ASP F 338 -0.53 -56.61 9.01
CA ASP F 338 -0.30 -57.33 7.76
C ASP F 338 -0.42 -56.38 6.58
N GLU F 339 0.08 -56.86 5.44
CA GLU F 339 0.02 -56.07 4.21
C GLU F 339 -1.42 -55.81 3.78
N SER F 340 -2.30 -56.79 3.98
CA SER F 340 -3.70 -56.64 3.62
C SER F 340 -4.34 -55.48 4.39
N VAL F 341 -3.96 -55.30 5.65
CA VAL F 341 -4.53 -54.24 6.46
C VAL F 341 -4.21 -52.87 5.87
N ILE F 342 -2.99 -52.71 5.35
CA ILE F 342 -2.61 -51.42 4.74
C ILE F 342 -3.52 -51.11 3.57
N ASP F 343 -3.87 -52.13 2.77
CA ASP F 343 -4.78 -51.91 1.65
C ASP F 343 -6.18 -51.51 2.14
N GLY F 344 -6.56 -52.00 3.32
CA GLY F 344 -7.85 -51.72 3.93
C GLY F 344 -8.87 -52.83 3.81
N GLN F 345 -8.51 -53.96 3.20
CA GLN F 345 -9.42 -55.08 3.06
C GLN F 345 -9.41 -56.01 4.26
N SER F 346 -8.45 -55.85 5.19
CA SER F 346 -8.32 -56.70 6.36
C SER F 346 -8.17 -55.86 7.62
N GLU F 347 -8.39 -56.52 8.76
CA GLU F 347 -8.30 -55.97 10.10
C GLU F 347 -7.09 -56.56 10.80
N PRO F 348 -6.29 -55.78 11.53
CA PRO F 348 -5.09 -56.35 12.16
C PRO F 348 -5.43 -57.43 13.19
N LEU F 349 -4.56 -58.44 13.25
CA LEU F 349 -4.71 -59.54 14.18
C LEU F 349 -4.39 -59.08 15.60
N LEU F 350 -5.13 -59.61 16.57
CA LEU F 350 -4.95 -59.29 17.97
C LEU F 350 -4.65 -60.58 18.72
N ILE F 351 -3.62 -60.53 19.57
CA ILE F 351 -3.18 -61.68 20.37
C ILE F 351 -3.42 -61.35 21.84
N TYR F 352 -4.01 -62.30 22.55
CA TYR F 352 -4.31 -62.14 23.97
C TYR F 352 -3.26 -62.85 24.83
N UNK G 1 -0.63 3.42 12.78
CA UNK G 1 -2.11 3.50 12.88
C UNK G 1 -2.75 2.95 11.61
N UNK G 2 -2.66 3.72 10.53
CA UNK G 2 -3.22 3.36 9.23
C UNK G 2 -2.07 3.18 8.25
N UNK G 3 -2.09 2.08 7.51
CA UNK G 3 -1.06 1.76 6.54
C UNK G 3 -1.61 1.92 5.14
N UNK G 4 -0.97 2.78 4.35
CA UNK G 4 -1.33 3.03 2.95
C UNK G 4 -0.31 2.31 2.09
N ARG G 5 -0.59 1.04 1.79
CA ARG G 5 0.30 0.20 1.00
C ARG G 5 -0.36 -0.11 -0.34
N UNK G 6 0.26 0.38 -1.42
CA UNK G 6 -0.24 0.17 -2.78
C UNK G 6 0.95 -0.07 -3.69
N UNK G 7 0.73 -0.90 -4.71
CA UNK G 7 1.76 -1.26 -5.68
C UNK G 7 1.21 -1.14 -7.09
N UNK G 8 1.97 -0.50 -7.97
CA UNK G 8 1.56 -0.31 -9.36
C UNK G 8 1.65 -1.64 -10.11
PG AGS H . -17.69 -20.50 13.82
S1G AGS H . -17.56 -18.60 14.20
O2G AGS H . -17.44 -20.75 12.31
O3G AGS H . -16.62 -21.28 14.65
PB AGS H . -19.43 -22.56 14.09
O1B AGS H . -19.15 -23.04 12.72
O2B AGS H . -18.58 -23.26 15.16
O3B AGS H . -19.10 -21.02 14.20
PA AGS H . -21.31 -23.11 16.00
O1A AGS H . -21.12 -21.90 16.82
O2A AGS H . -20.44 -24.29 16.44
O3A AGS H . -20.94 -22.83 14.48
O5' AGS H . -22.85 -23.48 16.01
C5' AGS H . -23.86 -22.47 16.14
C4' AGS H . -25.19 -23.15 16.41
O4' AGS H . -25.49 -24.06 15.34
C3' AGS H . -25.23 -23.97 17.69
O3' AGS H . -25.63 -23.19 18.80
C2' AGS H . -26.27 -25.05 17.35
O2' AGS H . -27.60 -24.59 17.56
C1' AGS H . -26.00 -25.28 15.86
N9 AGS H . -25.02 -26.34 15.58
C8 AGS H . -23.81 -26.20 14.96
N7 AGS H . -23.13 -27.32 14.85
C5 AGS H . -23.97 -28.25 15.43
C6 AGS H . -23.83 -29.65 15.63
N6 AGS H . -22.77 -30.35 15.23
N1 AGS H . -24.85 -30.30 16.24
C2 AGS H . -25.92 -29.59 16.64
N3 AGS H . -26.15 -28.29 16.50
C4 AGS H . -25.13 -27.67 15.89
H5'1 AGS H . -23.93 -21.96 15.32
H5'2 AGS H . -23.65 -21.88 16.87
H4' AGS H . -25.89 -22.47 16.45
H3' AGS H . -24.37 -24.39 17.84
HO3' AGS H . -26.33 -23.56 19.19
H2' AGS H . -26.10 -25.86 17.86
HO2' AGS H . -27.66 -23.75 17.29
H1' AGS H . -26.83 -25.50 15.42
H8 AGS H . -23.48 -25.35 14.64
HN61 AGS H . -22.00 -29.92 15.01
HN62 AGS H . -22.81 -31.26 15.20
H2 AGS H . -26.62 -30.10 17.07
PG AGS I . -29.69 5.32 2.14
S1G AGS I . -28.51 5.70 0.64
O2G AGS I . -29.56 3.81 2.53
O3G AGS I . -29.30 6.20 3.35
PB AGS I . -32.36 5.07 2.65
O1B AGS I . -32.79 3.73 2.19
O2B AGS I . -31.81 5.08 4.08
O3B AGS I . -31.17 5.61 1.74
PA AGS I . -33.71 7.09 3.86
O1A AGS I . -32.42 7.75 4.14
O2A AGS I . -34.29 6.27 5.01
O3A AGS I . -33.56 6.10 2.63
O5' AGS I . -34.72 8.21 3.36
C5' AGS I . -34.32 9.59 3.38
C4' AGS I . -35.52 10.47 3.15
O4' AGS I . -36.22 10.04 1.96
C3' AGS I . -36.57 10.42 4.26
O3' AGS I . -36.25 11.35 5.29
C2' AGS I . -37.84 10.79 3.51
O2' AGS I . -37.99 12.20 3.37
C1' AGS I . -37.61 10.13 2.15
N9 AGS I . -38.20 8.80 2.03
C8 AGS I . -37.51 7.63 1.76
N7 AGS I . -38.28 6.58 1.71
C5 AGS I . -39.55 7.08 1.94
C6 AGS I . -40.82 6.46 2.01
N6 AGS I . -41.02 5.15 1.84
N1 AGS I . -41.89 7.24 2.27
C2 AGS I . -41.69 8.55 2.44
N3 AGS I . -40.55 9.24 2.39
C4 AGS I . -39.51 8.45 2.14
H5'1 AGS I . -33.65 9.74 2.68
H5'2 AGS I . -33.92 9.80 4.25
H4' AGS I . -35.23 11.38 3.04
H3' AGS I . -36.64 9.52 4.62
HO3' AGS I . -36.93 11.40 5.86
H2' AGS I . -38.62 10.42 3.95
HO2' AGS I . -37.30 12.53 2.92
H1' AGS I . -37.99 10.71 1.46
H8 AGS I . -36.56 7.60 1.64
HN61 AGS I . -40.32 4.61 1.62
HN62 AGS I . -41.84 4.79 1.94
H2 AGS I . -42.49 9.07 2.62
PG AGS J . -11.22 26.55 -8.81
S1G AGS J . -10.87 25.36 -10.30
O2G AGS J . -12.61 26.21 -8.19
O3G AGS J . -10.14 26.36 -7.72
PB AGS J . -12.62 28.80 -9.39
O1B AGS J . -13.47 28.25 -10.47
O2B AGS J . -13.26 28.69 -8.00
O3B AGS J . -11.24 28.03 -9.31
PA AGS J . -12.08 31.25 -8.36
O1A AGS J . -10.93 30.73 -7.59
O2A AGS J . -13.39 31.31 -7.57
O3A AGS J . -12.36 30.34 -9.62
O5' AGS J . -11.67 32.66 -8.94
C5' AGS J . -10.28 33.05 -8.96
C4' AGS J . -10.18 34.46 -9.47
O4' AGS J . -10.79 34.56 -10.77
C3' AGS J . -10.91 35.51 -8.63
O3' AGS J . -10.09 35.97 -7.56
C2' AGS J . -11.18 36.61 -9.65
O2' AGS J . -10.07 37.47 -9.82
C1' AGS J . -11.44 35.80 -10.93
N9 AGS J . -12.85 35.55 -11.20
C8 AGS J . -13.46 34.33 -11.33
N7 AGS J . -14.74 34.39 -11.58
C5 AGS J . -15.00 35.75 -11.62
C6 AGS J . -16.18 36.49 -11.85
N6 AGS J . -17.36 35.92 -12.09
N1 AGS J . -16.09 37.83 -11.82
C2 AGS J . -14.90 38.40 -11.57
N3 AGS J . -13.73 37.81 -11.35
C4 AGS J . -13.84 36.47 -11.39
H5'1 AGS J . -9.78 32.46 -9.54
H5'2 AGS J . -9.93 33.01 -8.05
H4' AGS J . -9.25 34.72 -9.54
H3' AGS J . -11.75 35.14 -8.29
HO3' AGS J . -10.51 36.55 -7.12
H2' AGS J . -11.97 37.12 -9.39
HO2' AGS J . -9.33 36.99 -9.88
H1' AGS J . -11.05 36.28 -11.68
H8 AGS J . -12.97 33.49 -11.25
HN61 AGS J . -17.45 35.02 -12.08
HN62 AGS J . -18.09 36.44 -12.26
H2 AGS J . -14.90 39.37 -11.56
PG AGS K . 18.21 21.16 -12.45
S1G AGS K . 18.09 19.39 -13.27
O2G AGS K . 16.87 21.92 -12.70
O3G AGS K . 18.44 21.01 -10.92
PB AGS K . 19.39 23.52 -12.94
O1B AGS K . 18.76 24.15 -14.13
O2B AGS K . 18.67 23.84 -11.64
O3B AGS K . 19.38 21.95 -13.08
PA AGS K . 21.37 24.28 -11.27
O1A AGS K . 21.19 23.05 -10.46
O2A AGS K . 20.64 25.51 -10.74
O3A AGS K . 20.87 24.05 -12.76
O5' AGS K . 22.92 24.54 -11.41
C5' AGS K . 23.86 23.60 -10.85
C4' AGS K . 25.26 24.11 -11.06
O4' AGS K . 25.43 24.51 -12.44
C3' AGS K . 25.64 25.33 -10.24
O3' AGS K . 26.07 24.96 -8.93
C2' AGS K . 26.77 25.93 -11.07
O2' AGS K . 28.02 25.33 -10.79
C1' AGS K . 26.34 25.60 -12.51
N9 AGS K . 25.67 26.70 -13.20
C8 AGS K . 24.42 26.68 -13.76
N7 AGS K . 24.08 27.81 -14.34
C5 AGS K . 25.18 28.63 -14.13
C6 AGS K . 25.44 29.97 -14.49
N6 AGS K . 24.58 30.74 -15.16
N1 AGS K . 26.64 30.48 -14.14
C2 AGS K . 27.49 29.71 -13.46
N3 AGS K . 27.36 28.44 -13.07
C4 AGS K . 26.16 27.96 -13.43
H5'1 AGS K . 23.75 22.73 -11.29
H5'2 AGS K . 23.69 23.50 -9.90
H4' AGS K . 25.89 23.39 -10.87
H3' AGS K . 24.89 25.94 -10.20
HO3' AGS K . 25.35 24.76 -8.44
H2' AGS K . 26.82 26.89 -10.93
HO2' AGS K . 28.09 24.56 -11.23
H1' AGS K . 27.11 25.33 -13.02
H8 AGS K . 23.85 25.90 -13.75
HN61 AGS K . 23.70 30.70 -14.97
HN62 AGS K . 24.89 31.30 -15.82
H2 AGS K . 28.34 30.14 -13.22
PG AGS L . 28.70 -7.05 -7.15
S1G AGS L . 28.10 -6.04 -8.70
O2G AGS L . 28.68 -6.14 -5.90
O3G AGS L . 27.77 -8.27 -6.93
PB AGS L . 31.33 -6.51 -7.57
O1B AGS L . 31.30 -5.91 -8.92
O2B AGS L . 31.16 -5.49 -6.45
O3B AGS L . 30.16 -7.55 -7.39
PA AGS L . 33.04 -7.70 -5.83
O1A AGS L . 31.86 -8.36 -5.23
O2A AGS L . 33.50 -6.45 -5.08
O3A AGS L . 32.72 -7.23 -7.31
O5' AGS L . 34.19 -8.76 -5.96
C5' AGS L . 34.05 -10.08 -5.39
C4' AGS L . 35.41 -10.70 -5.25
O4' AGS L . 36.08 -10.69 -6.53
C3' AGS L . 36.37 -9.97 -4.30
O3' AGS L . 36.19 -10.39 -2.96
C2' AGS L . 37.74 -10.37 -4.85
O2' AGS L . 38.16 -11.63 -4.33
C1' AGS L . 37.47 -10.46 -6.36
N9 AGS L . 37.82 -9.26 -7.10
C8 AGS L . 36.98 -8.43 -7.79
N7 AGS L . 37.57 -7.41 -8.37
C5 AGS L . 38.91 -7.59 -8.04
C6 AGS L . 40.09 -6.86 -8.33
N6 AGS L . 40.09 -5.74 -9.07
N1 AGS L . 41.26 -7.32 -7.84
C2 AGS L . 41.26 -8.42 -7.11
N3 AGS L . 40.22 -9.20 -6.76
C4 AGS L . 39.08 -8.72 -7.25
H5'1 AGS L . 33.49 -10.63 -5.96
H5'2 AGS L . 33.64 -10.00 -4.51
H4' AGS L . 35.32 -11.61 -4.95
H3' AGS L . 36.25 -9.01 -4.38
HO3' AGS L . 36.96 -10.68 -2.64
H2' AGS L . 38.39 -9.68 -4.66
HO2' AGS L . 37.47 -12.07 -4.03
H1' AGS L . 37.97 -11.21 -6.72
H8 AGS L . 36.03 -8.62 -7.81
HN61 AGS L . 39.33 -5.42 -9.42
HN62 AGS L . 40.88 -5.30 -9.21
H2 AGS L . 42.13 -8.71 -6.77
PB ADP M . 12.38 -30.90 0.70
O1B ADP M . 13.65 -31.67 0.41
O2B ADP M . 12.57 -29.64 1.50
O3B ADP M . 11.44 -30.77 -0.48
PA ADP M . 12.00 -31.92 3.26
O1A ADP M . 13.47 -32.26 3.34
O2A ADP M . 11.49 -30.64 3.88
O3A ADP M . 11.58 -31.88 1.70
O5' ADP M . 11.15 -33.14 3.86
C5' ADP M . 11.16 -33.33 5.27
C4' ADP M . 10.40 -34.60 5.67
O4' ADP M . 10.97 -35.74 5.03
C3' ADP M . 10.48 -34.81 7.16
O3' ADP M . 9.16 -34.78 7.74
C2' ADP M . 11.14 -36.16 7.36
O2' ADP M . 10.41 -36.98 8.28
C1' ADP M . 11.17 -36.80 5.97
N9 ADP M . 12.48 -37.45 5.73
C8 ADP M . 13.26 -37.26 4.64
N7 ADP M . 14.38 -38.00 4.70
C5 ADP M . 14.34 -38.71 5.85
C6 ADP M . 15.21 -39.69 6.53
N6 ADP M . 16.38 -40.08 5.97
N1 ADP M . 14.78 -40.19 7.71
C2 ADP M . 13.62 -39.82 8.27
N3 ADP M . 12.79 -38.93 7.70
C4 ADP M . 13.09 -38.35 6.51
H5'1 ADP M . 10.70 -32.47 5.75
H5'2 ADP M . 12.19 -33.40 5.62
H4' ADP M . 9.35 -34.48 5.38
H3' ADP M . 11.10 -34.03 7.62
HO3' ADP M . 9.23 -34.76 8.71
H2' ADP M . 12.16 -35.99 7.71
HO2' ADP M . 10.53 -36.64 9.18
H1' ADP M . 10.37 -37.54 5.91
H8 ADP M . 13.01 -36.57 3.83
HN61 ADP M . 16.68 -39.69 5.09
HN62 ADP M . 16.97 -40.75 6.45
H2 ADP M . 13.34 -40.25 9.22
#